data_5YDI
#
_entry.id   5YDI
#
_cell.length_a   127.440
_cell.length_b   235.910
_cell.length_c   167.270
_cell.angle_alpha   90.00
_cell.angle_beta   90.00
_cell.angle_gamma   90.00
#
_symmetry.space_group_name_H-M   'C 2 2 21'
#
loop_
_entity.id
_entity.type
_entity.pdbx_description
1 polymer Acetylcholinesterase
2 branched beta-D-mannopyranose-(1-4)-2-acetamido-2-deoxy-beta-D-glucopyranose-(1-4)-2-acetamido-2-deoxy-beta-D-glucopyranose
3 branched alpha-D-mannopyranose-(1-6)-alpha-D-mannopyranose-(1-3)-[alpha-D-mannopyranose-(1-6)]beta-D-mannopyranose-(1-4)-2-acetamido-2-deoxy-beta-D-glucopyranose-(1-4)-2-acetamido-2-deoxy-beta-D-glucopyranose
4 non-polymer 2-acetamido-2-deoxy-beta-D-glucopyranose
5 non-polymer GLYCEROL
6 non-polymer 'SODIUM ION'
7 water water
#
_entity_poly.entity_id   1
_entity_poly.type   'polypeptide(L)'
_entity_poly.pdbx_seq_one_letter_code
;DNDPLVVNTDKGRIRGITVDAPSGKKVDVWLGIPYAQPPVGPLRFRHPRPAEKWTGVLNTTTPPNSCVQIVDTVFGDFPG
ATMWNPNTPLSEDCLYINVVAPRPRPKNAAVMLWIFGGGFYSGTATLDVYDHRALASEENVIVVSLQYRVASLGFLFLGT
PEAPGNAGLFDQNLALRWVRDNIHRFGGDPSRVTLFGESAGAVSVSLHLLSALSRDLFQRAILQSGSPTAPWALVSREEA
TLRALRLAEAVGCPHEPSKLSDAVECLRGKDPHVLVNNEWGTLGICEFPFVPVVDGAFLDETPQRSLASGRFKKTEILTG
SNTEEGYYFIIYYLTELLRKEEGVTVTREEFLQAVRELNPYVNGAARQAIVFEYTDWTEPDNPNSNRDALDKMVGDYHFT
CNVNEFAQRYAEEGNNVYMYLYTHRSKGNPWPRWTGVMHGDEINYVFGEPLNPTLGYTEDEKDFSRKIMRYWSNFAKTGN
PNPNTASSEFPEWPKHTAHGRHYLELGLNTSFVGRGPRLRQCAFWKKYLPQLVAATSNLPGPAPPSEPCESSA
;
_entity_poly.pdbx_strand_id   A,B,C
#
loop_
_chem_comp.id
_chem_comp.type
_chem_comp.name
_chem_comp.formula
BMA D-saccharide, beta linking beta-D-mannopyranose 'C6 H12 O6'
GOL non-polymer GLYCEROL 'C3 H8 O3'
MAN D-saccharide, alpha linking alpha-D-mannopyranose 'C6 H12 O6'
NA non-polymer 'SODIUM ION' 'Na 1'
NAG D-saccharide, beta linking 2-acetamido-2-deoxy-beta-D-glucopyranose 'C8 H15 N O6'
#
# COMPACT_ATOMS: atom_id res chain seq x y z
N ASP A 1 16.93 1.66 39.85
CA ASP A 1 17.81 0.47 40.01
C ASP A 1 19.27 0.87 40.28
N ASN A 2 19.71 0.66 41.51
CA ASN A 2 21.11 0.87 41.88
C ASN A 2 21.93 -0.42 41.80
N ASP A 3 21.25 -1.51 41.43
CA ASP A 3 21.86 -2.84 41.32
C ASP A 3 22.94 -2.88 40.23
N PRO A 4 24.18 -3.29 40.59
CA PRO A 4 25.29 -3.41 39.64
C PRO A 4 25.13 -4.55 38.64
N LEU A 5 24.33 -5.55 39.00
CA LEU A 5 24.15 -6.74 38.16
C LEU A 5 22.98 -6.63 37.19
N VAL A 6 22.20 -5.56 37.29
CA VAL A 6 21.21 -5.25 36.26
C VAL A 6 21.72 -4.12 35.37
N VAL A 7 21.56 -4.30 34.06
CA VAL A 7 22.01 -3.32 33.08
C VAL A 7 20.89 -3.05 32.10
N ASN A 8 20.68 -1.77 31.77
CA ASN A 8 19.63 -1.37 30.85
C ASN A 8 20.18 -1.17 29.43
N THR A 9 19.98 -2.16 28.57
CA THR A 9 20.36 -2.06 27.16
C THR A 9 19.29 -1.30 26.38
N ASP A 10 19.64 -0.90 25.15
CA ASP A 10 18.73 -0.18 24.25
C ASP A 10 17.37 -0.86 24.03
N LYS A 11 17.38 -2.20 24.03
CA LYS A 11 16.16 -2.98 23.80
C LYS A 11 15.50 -3.48 25.09
N GLY A 12 15.97 -3.00 26.24
CA GLY A 12 15.42 -3.41 27.53
C GLY A 12 16.49 -3.72 28.54
N ARG A 13 16.08 -4.13 29.73
CA ARG A 13 17.04 -4.39 30.81
C ARG A 13 17.28 -5.88 31.04
N ILE A 14 18.51 -6.18 31.48
CA ILE A 14 18.95 -7.56 31.71
C ILE A 14 19.55 -7.70 33.10
N ARG A 15 19.52 -8.92 33.63
CA ARG A 15 20.10 -9.21 34.95
C ARG A 15 21.19 -10.27 34.86
N GLY A 16 22.37 -9.92 35.36
CA GLY A 16 23.52 -10.80 35.34
C GLY A 16 23.74 -11.53 36.64
N ILE A 17 24.89 -12.18 36.75
CA ILE A 17 25.24 -13.01 37.90
C ILE A 17 26.76 -12.97 38.14
N THR A 18 27.16 -12.96 39.41
CA THR A 18 28.56 -13.04 39.79
C THR A 18 29.01 -14.50 39.86
N VAL A 19 30.13 -14.81 39.21
CA VAL A 19 30.67 -16.18 39.18
C VAL A 19 32.15 -16.16 39.58
N ASP A 20 32.61 -17.25 40.17
CA ASP A 20 34.02 -17.45 40.44
C ASP A 20 34.73 -17.96 39.20
N ALA A 21 35.86 -17.34 38.85
CA ALA A 21 36.76 -17.87 37.82
C ALA A 21 37.47 -19.08 38.41
N PRO A 22 37.88 -20.05 37.55
CA PRO A 22 38.57 -21.24 38.07
C PRO A 22 39.72 -20.89 39.02
N SER A 23 40.36 -19.75 38.75
CA SER A 23 41.46 -19.23 39.57
C SER A 23 41.01 -18.85 40.99
N GLY A 24 39.73 -18.51 41.14
CA GLY A 24 39.19 -18.10 42.43
C GLY A 24 38.76 -16.64 42.42
N LYS A 25 39.19 -15.91 41.39
CA LYS A 25 38.85 -14.50 41.23
C LYS A 25 37.41 -14.33 40.75
N LYS A 26 36.76 -13.25 41.19
CA LYS A 26 35.34 -13.03 40.91
C LYS A 26 35.11 -12.11 39.71
N VAL A 27 34.19 -12.52 38.83
CA VAL A 27 33.78 -11.71 37.67
C VAL A 27 32.25 -11.64 37.54
N ASP A 28 31.78 -10.62 36.83
CA ASP A 28 30.36 -10.46 36.53
C ASP A 28 30.08 -10.91 35.11
N VAL A 29 29.07 -11.76 34.93
CA VAL A 29 28.76 -12.31 33.61
C VAL A 29 27.30 -12.04 33.19
N TRP A 30 27.12 -11.80 31.89
CA TRP A 30 25.81 -11.69 31.28
C TRP A 30 25.78 -12.65 30.10
N LEU A 31 25.00 -13.72 30.23
CA LEU A 31 25.05 -14.83 29.29
C LEU A 31 23.74 -15.03 28.53
N GLY A 32 23.82 -14.99 27.20
CA GLY A 32 22.65 -15.20 26.34
C GLY A 32 21.82 -13.95 26.12
N ILE A 33 22.48 -12.81 25.93
CA ILE A 33 21.80 -11.58 25.58
C ILE A 33 21.41 -11.65 24.10
N PRO A 34 20.11 -11.60 23.79
CA PRO A 34 19.72 -11.58 22.38
C PRO A 34 20.11 -10.27 21.70
N TYR A 35 20.90 -10.37 20.64
CA TYR A 35 21.27 -9.20 19.83
C TYR A 35 20.44 -9.10 18.55
N ALA A 36 19.61 -10.13 18.29
CA ALA A 36 18.76 -10.17 17.11
C ALA A 36 17.51 -11.04 17.30
N GLN A 37 16.50 -10.80 16.47
CA GLN A 37 15.33 -11.68 16.35
C GLN A 37 15.78 -13.06 15.92
N PRO A 38 15.17 -14.13 16.47
CA PRO A 38 15.50 -15.50 16.03
C PRO A 38 15.22 -15.69 14.54
N PRO A 39 16.26 -16.05 13.75
CA PRO A 39 16.16 -16.18 12.30
C PRO A 39 15.46 -17.47 11.87
N VAL A 40 14.21 -17.63 12.30
CA VAL A 40 13.42 -18.83 12.02
C VAL A 40 12.32 -18.53 11.00
N GLY A 41 11.83 -19.59 10.35
CA GLY A 41 10.73 -19.48 9.41
C GLY A 41 11.12 -18.70 8.17
N PRO A 42 10.40 -17.59 7.89
CA PRO A 42 10.65 -16.76 6.71
C PRO A 42 12.01 -16.06 6.76
N LEU A 43 12.60 -16.03 7.95
CA LEU A 43 13.84 -15.30 8.20
C LEU A 43 15.11 -16.13 8.02
N ARG A 44 14.95 -17.44 7.81
CA ARG A 44 16.08 -18.33 7.55
C ARG A 44 16.82 -17.95 6.27
N PHE A 45 18.14 -18.11 6.29
CA PHE A 45 19.03 -17.75 5.17
C PHE A 45 19.17 -16.24 4.97
N ARG A 46 18.31 -15.47 5.63
CA ARG A 46 18.27 -14.03 5.44
C ARG A 46 19.13 -13.29 6.46
N HIS A 47 19.37 -12.01 6.18
CA HIS A 47 20.10 -11.13 7.07
C HIS A 47 19.31 -10.93 8.36
N PRO A 48 19.99 -10.77 9.50
CA PRO A 48 19.31 -10.68 10.78
C PRO A 48 18.58 -9.35 10.98
N ARG A 49 17.56 -9.36 11.83
CA ARG A 49 16.87 -8.14 12.25
C ARG A 49 17.22 -7.90 13.72
N PRO A 50 17.32 -6.62 14.14
CA PRO A 50 17.59 -6.34 15.56
C PRO A 50 16.48 -6.90 16.44
N ALA A 51 16.81 -7.18 17.71
CA ALA A 51 15.86 -7.78 18.64
C ALA A 51 14.68 -6.85 18.94
N GLU A 52 13.50 -7.44 19.10
CA GLU A 52 12.30 -6.70 19.50
C GLU A 52 12.43 -6.28 20.95
N LYS A 53 12.26 -4.98 21.21
CA LYS A 53 12.37 -4.44 22.56
C LYS A 53 11.48 -5.22 23.54
N TRP A 54 12.04 -5.58 24.69
CA TRP A 54 11.31 -6.35 25.70
C TRP A 54 11.00 -5.53 26.95
N THR A 55 9.91 -5.90 27.64
CA THR A 55 9.47 -5.25 28.87
C THR A 55 9.88 -6.05 30.09
N GLY A 56 10.17 -5.35 31.18
CA GLY A 56 10.59 -5.98 32.43
C GLY A 56 12.06 -6.36 32.41
N VAL A 57 12.48 -7.15 33.40
CA VAL A 57 13.87 -7.57 33.54
C VAL A 57 14.07 -8.98 32.99
N LEU A 58 15.02 -9.12 32.06
CA LEU A 58 15.33 -10.41 31.47
C LEU A 58 16.55 -11.03 32.15
N ASN A 59 16.49 -12.34 32.40
CA ASN A 59 17.63 -13.09 32.95
C ASN A 59 18.62 -13.49 31.87
N THR A 60 19.79 -12.87 31.90
CA THR A 60 20.91 -13.35 31.12
C THR A 60 21.90 -13.95 32.11
N THR A 61 21.64 -15.19 32.50
CA THR A 61 22.41 -15.84 33.56
C THR A 61 23.05 -17.17 33.13
N THR A 62 22.58 -17.72 32.01
CA THR A 62 23.07 -19.03 31.55
C THR A 62 23.50 -19.05 30.08
N PRO A 63 24.52 -19.87 29.73
CA PRO A 63 25.06 -19.96 28.37
C PRO A 63 23.99 -20.28 27.31
N PRO A 64 23.89 -19.43 26.26
CA PRO A 64 22.86 -19.52 25.22
C PRO A 64 22.97 -20.76 24.35
N ASN A 65 22.01 -20.93 23.45
CA ASN A 65 22.02 -22.04 22.50
C ASN A 65 23.17 -21.91 21.52
N SER A 66 23.70 -23.05 21.09
CA SER A 66 24.65 -23.10 19.99
C SER A 66 23.88 -23.29 18.68
N CYS A 67 24.39 -22.73 17.60
CA CYS A 67 23.71 -22.79 16.31
C CYS A 67 23.70 -24.21 15.73
N VAL A 68 22.70 -24.49 14.89
CA VAL A 68 22.56 -25.81 14.28
C VAL A 68 23.78 -26.13 13.43
N GLN A 69 24.38 -27.29 13.70
CA GLN A 69 25.61 -27.74 13.06
C GLN A 69 25.74 -29.26 13.20
N ILE A 70 26.73 -29.84 12.54
CA ILE A 70 27.06 -31.26 12.70
C ILE A 70 27.97 -31.42 13.92
N VAL A 71 27.98 -32.61 14.51
CA VAL A 71 28.95 -32.89 15.58
C VAL A 71 29.96 -33.97 15.22
N ASP A 72 31.07 -33.99 15.94
CA ASP A 72 32.14 -34.89 15.63
C ASP A 72 32.03 -36.10 16.48
N THR A 73 31.92 -37.24 15.82
CA THR A 73 31.81 -38.50 16.50
C THR A 73 32.94 -39.41 16.10
N VAL A 74 33.56 -39.09 14.97
CA VAL A 74 34.50 -39.99 14.36
C VAL A 74 35.55 -40.54 15.33
N PHE A 75 35.68 -39.92 16.50
CA PHE A 75 36.59 -40.46 17.51
C PHE A 75 35.89 -40.80 18.80
N GLY A 76 34.58 -40.87 18.76
CA GLY A 76 33.82 -41.19 19.95
C GLY A 76 34.15 -40.18 21.01
N ASP A 77 34.00 -40.59 22.26
CA ASP A 77 34.14 -39.67 23.36
C ASP A 77 35.59 -39.48 23.72
N PHE A 78 36.40 -39.19 22.71
CA PHE A 78 37.76 -38.73 22.89
C PHE A 78 37.75 -37.27 23.37
N PRO A 79 38.47 -36.99 24.47
CA PRO A 79 38.61 -35.62 25.00
C PRO A 79 39.16 -34.59 24.00
N GLY A 80 40.00 -35.04 23.06
CA GLY A 80 40.57 -34.16 22.04
C GLY A 80 39.57 -33.74 20.99
N ALA A 81 38.62 -34.63 20.68
CA ALA A 81 37.59 -34.35 19.68
C ALA A 81 36.37 -33.68 20.30
N THR A 82 36.06 -34.05 21.53
CA THR A 82 34.85 -33.59 22.22
C THR A 82 34.94 -32.16 22.77
N MET A 83 36.16 -31.60 22.80
CA MET A 83 36.34 -30.23 23.28
C MET A 83 35.78 -29.20 22.31
N TRP A 84 35.65 -29.58 21.04
CA TRP A 84 35.10 -28.72 19.99
C TRP A 84 33.60 -28.99 19.75
N ASN A 85 33.09 -30.06 20.35
CA ASN A 85 31.65 -30.36 20.34
C ASN A 85 30.85 -29.33 21.13
N PRO A 86 29.72 -28.87 20.56
CA PRO A 86 28.85 -27.91 21.22
C PRO A 86 28.33 -28.44 22.56
N ASN A 87 28.46 -27.62 23.60
CA ASN A 87 28.10 -28.00 24.97
C ASN A 87 26.75 -27.43 25.44
N THR A 88 26.01 -26.84 24.51
CA THR A 88 24.64 -26.39 24.77
C THR A 88 23.71 -27.01 23.72
N PRO A 89 22.38 -26.99 23.98
CA PRO A 89 21.42 -27.49 22.98
C PRO A 89 21.47 -26.74 21.65
N LEU A 90 21.43 -27.50 20.56
CA LEU A 90 21.49 -26.95 19.21
C LEU A 90 20.12 -26.39 18.79
N SER A 91 20.09 -25.12 18.44
CA SER A 91 18.85 -24.47 18.04
C SER A 91 19.05 -23.51 16.87
N GLU A 92 17.98 -23.28 16.11
CA GLU A 92 17.99 -22.26 15.05
C GLU A 92 18.03 -20.88 15.68
N ASP A 93 17.39 -20.76 16.84
CA ASP A 93 17.46 -19.55 17.66
C ASP A 93 18.75 -19.63 18.47
N CYS A 94 19.81 -19.01 17.94
CA CYS A 94 21.12 -19.07 18.57
C CYS A 94 21.81 -17.70 18.65
N LEU A 95 21.14 -16.67 18.14
CA LEU A 95 21.74 -15.34 18.02
C LEU A 95 21.78 -14.58 19.35
N TYR A 96 22.88 -14.75 20.08
CA TYR A 96 23.07 -14.16 21.41
C TYR A 96 24.50 -13.66 21.61
N ILE A 97 24.67 -12.76 22.59
CA ILE A 97 25.99 -12.23 22.97
C ILE A 97 26.27 -12.49 24.45
N ASN A 98 27.52 -12.79 24.77
CA ASN A 98 27.96 -12.99 26.15
C ASN A 98 28.98 -11.93 26.56
N VAL A 99 28.70 -11.26 27.67
CA VAL A 99 29.57 -10.20 28.20
C VAL A 99 30.11 -10.59 29.58
N VAL A 100 31.42 -10.48 29.76
CA VAL A 100 32.06 -10.77 31.05
C VAL A 100 32.97 -9.64 31.50
N ALA A 101 32.54 -8.96 32.56
CA ALA A 101 33.30 -7.86 33.17
C ALA A 101 34.04 -8.36 34.42
N PRO A 102 35.27 -7.88 34.62
CA PRO A 102 36.01 -8.22 35.84
C PRO A 102 35.51 -7.43 37.04
N ARG A 103 35.78 -7.94 38.24
CA ARG A 103 35.47 -7.22 39.47
C ARG A 103 36.75 -6.79 40.18
N PRO A 104 36.85 -5.49 40.55
CA PRO A 104 35.83 -4.44 40.39
C PRO A 104 35.64 -4.00 38.94
N ARG A 105 34.39 -3.67 38.60
CA ARG A 105 34.03 -3.25 37.24
C ARG A 105 34.57 -1.85 36.94
N PRO A 106 35.46 -1.72 35.93
CA PRO A 106 36.05 -0.44 35.57
C PRO A 106 35.02 0.50 34.94
N LYS A 107 35.30 1.80 35.00
CA LYS A 107 34.40 2.81 34.45
C LYS A 107 34.46 2.79 32.92
N ASN A 108 35.68 2.73 32.40
CA ASN A 108 35.93 2.67 30.97
C ASN A 108 37.19 1.86 30.73
N ALA A 109 37.06 0.75 30.00
CA ALA A 109 38.17 -0.18 29.80
C ALA A 109 38.22 -0.74 28.37
N ALA A 110 39.22 -1.59 28.14
CA ALA A 110 39.43 -2.24 26.85
C ALA A 110 38.41 -3.36 26.61
N VAL A 111 38.06 -3.58 25.34
CA VAL A 111 37.10 -4.63 24.98
C VAL A 111 37.74 -5.64 24.04
N MET A 112 37.73 -6.90 24.45
CA MET A 112 38.21 -8.00 23.61
C MET A 112 37.06 -8.88 23.18
N LEU A 113 36.76 -8.87 21.88
CA LEU A 113 35.64 -9.62 21.33
C LEU A 113 36.11 -10.86 20.59
N TRP A 114 35.71 -12.03 21.08
CA TRP A 114 36.10 -13.31 20.50
C TRP A 114 35.10 -13.83 19.48
N ILE A 115 35.57 -13.98 18.25
CA ILE A 115 34.79 -14.64 17.21
C ILE A 115 35.35 -16.05 17.04
N PHE A 116 34.56 -17.05 17.43
CA PHE A 116 34.94 -18.45 17.27
C PHE A 116 34.95 -18.84 15.78
N GLY A 117 35.46 -20.03 15.49
CA GLY A 117 35.45 -20.52 14.11
C GLY A 117 35.46 -22.02 14.03
N GLY A 118 34.59 -22.58 13.19
CA GLY A 118 34.55 -24.03 12.99
C GLY A 118 34.61 -24.38 11.52
N GLY A 119 35.44 -23.66 10.77
CA GLY A 119 35.50 -23.80 9.32
C GLY A 119 34.22 -23.34 8.67
N PHE A 120 33.52 -22.42 9.35
CA PHE A 120 32.23 -21.91 8.91
C PHE A 120 31.12 -22.98 8.86
N TYR A 121 31.38 -24.16 9.42
CA TYR A 121 30.34 -25.21 9.49
C TYR A 121 29.92 -25.55 10.92
N SER A 122 30.71 -25.10 11.90
CA SER A 122 30.46 -25.44 13.30
C SER A 122 30.99 -24.38 14.28
N GLY A 123 30.93 -24.72 15.58
CA GLY A 123 31.43 -23.86 16.64
C GLY A 123 30.37 -23.13 17.43
N THR A 124 30.75 -22.71 18.64
CA THR A 124 29.89 -21.95 19.53
C THR A 124 30.72 -21.11 20.49
N ALA A 125 30.15 -20.02 20.97
CA ALA A 125 30.82 -19.16 21.93
C ALA A 125 30.85 -19.77 23.34
N THR A 126 30.09 -20.86 23.51
CA THR A 126 29.87 -21.47 24.83
C THR A 126 30.87 -22.57 25.20
N LEU A 127 31.80 -22.87 24.29
CA LEU A 127 32.81 -23.90 24.54
C LEU A 127 33.61 -23.64 25.82
N ASP A 128 33.96 -24.72 26.51
CA ASP A 128 34.75 -24.62 27.73
C ASP A 128 36.11 -23.99 27.46
N VAL A 129 36.68 -24.30 26.30
CA VAL A 129 38.00 -23.80 25.92
C VAL A 129 38.04 -22.28 25.73
N TYR A 130 36.90 -21.69 25.34
CA TYR A 130 36.76 -20.23 25.34
C TYR A 130 36.09 -19.78 26.63
N ASP A 131 36.87 -19.61 27.68
CA ASP A 131 36.27 -19.15 28.92
C ASP A 131 36.77 -17.77 29.32
N HIS A 132 35.83 -16.85 29.37
CA HIS A 132 36.10 -15.43 29.55
C HIS A 132 36.59 -15.12 30.95
N ARG A 133 36.21 -15.98 31.91
CA ARG A 133 36.47 -15.75 33.32
C ARG A 133 37.95 -15.57 33.65
N ALA A 134 38.80 -16.42 33.09
CA ALA A 134 40.23 -16.36 33.36
C ALA A 134 40.89 -15.16 32.68
N LEU A 135 40.49 -14.89 31.44
CA LEU A 135 41.05 -13.77 30.67
C LEU A 135 40.66 -12.41 31.24
N ALA A 136 39.38 -12.25 31.55
CA ALA A 136 38.85 -10.99 32.07
C ALA A 136 39.41 -10.64 33.44
N SER A 137 39.50 -11.65 34.31
CA SER A 137 39.94 -11.47 35.69
C SER A 137 41.42 -11.14 35.81
N GLU A 138 42.24 -11.78 34.98
CA GLU A 138 43.69 -11.69 35.11
C GLU A 138 44.27 -10.48 34.40
N GLU A 139 43.63 -10.09 33.30
CA GLU A 139 44.15 -9.03 32.44
C GLU A 139 43.33 -7.74 32.54
N ASN A 140 42.24 -7.80 33.31
CA ASN A 140 41.35 -6.66 33.55
C ASN A 140 40.81 -6.06 32.24
N VAL A 141 40.07 -6.87 31.50
CA VAL A 141 39.50 -6.49 30.20
C VAL A 141 38.06 -7.00 30.12
N ILE A 142 37.19 -6.25 29.47
CA ILE A 142 35.82 -6.71 29.19
C ILE A 142 35.88 -7.73 28.04
N VAL A 143 35.62 -8.99 28.35
CA VAL A 143 35.65 -10.05 27.34
C VAL A 143 34.25 -10.33 26.82
N VAL A 144 34.10 -10.30 25.50
CA VAL A 144 32.81 -10.52 24.85
C VAL A 144 32.93 -11.60 23.76
N SER A 145 31.90 -12.44 23.66
CA SER A 145 31.80 -13.41 22.58
C SER A 145 30.41 -13.39 21.97
N LEU A 146 30.30 -13.84 20.73
CA LEU A 146 29.04 -13.83 20.01
C LEU A 146 28.79 -15.16 19.30
N GLN A 147 27.52 -15.43 19.03
CA GLN A 147 27.12 -16.58 18.24
C GLN A 147 26.73 -16.08 16.85
N TYR A 148 27.35 -16.64 15.81
CA TYR A 148 26.96 -16.32 14.45
C TYR A 148 26.49 -17.58 13.75
N ARG A 149 25.48 -17.42 12.89
CA ARG A 149 24.93 -18.55 12.15
C ARG A 149 26.00 -19.22 11.29
N VAL A 150 25.92 -20.54 11.23
CA VAL A 150 26.99 -21.35 10.67
C VAL A 150 26.42 -22.36 9.66
N ALA A 151 27.30 -22.96 8.86
CA ALA A 151 26.91 -23.90 7.80
C ALA A 151 26.02 -23.24 6.74
N SER A 152 25.15 -24.03 6.10
CA SER A 152 24.25 -23.53 5.06
C SER A 152 23.20 -22.55 5.60
N LEU A 153 22.87 -22.69 6.89
CA LEU A 153 21.98 -21.75 7.57
C LEU A 153 22.56 -20.34 7.61
N GLY A 154 23.89 -20.27 7.70
CA GLY A 154 24.58 -19.00 7.77
C GLY A 154 25.15 -18.50 6.45
N PHE A 155 25.52 -19.42 5.57
CA PHE A 155 26.29 -19.03 4.39
C PHE A 155 25.76 -19.50 3.04
N LEU A 156 24.49 -19.87 2.97
CA LEU A 156 23.85 -20.24 1.71
C LEU A 156 23.73 -19.03 0.79
N PHE A 157 24.13 -19.20 -0.46
CA PHE A 157 24.06 -18.12 -1.44
C PHE A 157 23.39 -18.58 -2.73
N LEU A 158 22.41 -17.81 -3.19
CA LEU A 158 21.76 -18.05 -4.47
C LEU A 158 21.64 -16.80 -5.32
N GLY A 159 22.11 -15.67 -4.79
CA GLY A 159 22.00 -14.37 -5.47
C GLY A 159 20.65 -13.71 -5.28
N THR A 160 19.64 -14.53 -4.99
CA THR A 160 18.28 -14.08 -4.73
C THR A 160 18.24 -13.30 -3.39
N PRO A 161 17.22 -12.44 -3.18
CA PRO A 161 17.18 -11.71 -1.90
C PRO A 161 16.71 -12.58 -0.74
N GLU A 162 16.15 -13.75 -1.06
CA GLU A 162 15.69 -14.71 -0.07
C GLU A 162 16.86 -15.55 0.46
N ALA A 163 17.97 -15.53 -0.29
CA ALA A 163 19.24 -16.15 0.12
C ALA A 163 20.41 -15.35 -0.48
N PRO A 164 20.74 -14.18 0.13
CA PRO A 164 21.76 -13.29 -0.41
C PRO A 164 23.20 -13.67 -0.05
N GLY A 165 23.35 -14.57 0.93
CA GLY A 165 24.65 -15.02 1.39
C GLY A 165 25.21 -14.17 2.52
N ASN A 166 26.29 -14.65 3.14
CA ASN A 166 26.98 -13.97 4.24
C ASN A 166 26.11 -13.62 5.45
N ALA A 167 25.08 -14.43 5.69
CA ALA A 167 24.18 -14.22 6.82
C ALA A 167 24.93 -14.29 8.14
N GLY A 168 25.84 -15.25 8.27
CA GLY A 168 26.72 -15.37 9.44
C GLY A 168 27.59 -14.14 9.67
N LEU A 169 28.08 -13.54 8.59
CA LEU A 169 28.89 -12.32 8.68
C LEU A 169 28.06 -11.11 9.07
N PHE A 170 26.84 -11.02 8.54
CA PHE A 170 25.89 -9.97 8.92
C PHE A 170 25.40 -10.15 10.36
N ASP A 171 25.38 -11.40 10.82
CA ASP A 171 25.14 -11.68 12.24
C ASP A 171 26.22 -11.01 13.08
N GLN A 172 27.48 -11.30 12.75
CA GLN A 172 28.62 -10.73 13.46
C GLN A 172 28.58 -9.21 13.42
N ASN A 173 28.34 -8.67 12.23
CA ASN A 173 28.23 -7.23 12.00
C ASN A 173 27.22 -6.57 12.93
N LEU A 174 26.05 -7.17 13.04
CA LEU A 174 24.99 -6.68 13.90
C LEU A 174 25.39 -6.76 15.37
N ALA A 175 26.12 -7.81 15.72
CA ALA A 175 26.62 -8.00 17.08
C ALA A 175 27.67 -6.97 17.44
N LEU A 176 28.41 -6.50 16.44
CA LEU A 176 29.42 -5.44 16.63
C LEU A 176 28.78 -4.08 16.91
N ARG A 177 27.64 -3.82 16.28
CA ARG A 177 26.88 -2.61 16.54
C ARG A 177 26.26 -2.63 17.94
N TRP A 178 25.81 -3.81 18.35
CA TRP A 178 25.28 -3.99 19.70
C TRP A 178 26.35 -3.63 20.73
N VAL A 179 27.57 -4.07 20.49
CA VAL A 179 28.70 -3.74 21.36
C VAL A 179 28.96 -2.23 21.37
N ARG A 180 29.05 -1.64 20.18
CA ARG A 180 29.22 -0.21 20.03
C ARG A 180 28.17 0.56 20.84
N ASP A 181 26.93 0.09 20.79
CA ASP A 181 25.80 0.78 21.43
C ASP A 181 25.63 0.48 22.92
N ASN A 182 26.08 -0.69 23.36
CA ASN A 182 25.72 -1.15 24.70
C ASN A 182 26.86 -1.45 25.68
N ILE A 183 28.11 -1.43 25.20
CA ILE A 183 29.24 -1.89 26.01
C ILE A 183 29.65 -0.95 27.15
N HIS A 184 29.42 0.36 26.99
CA HIS A 184 29.78 1.35 28.02
C HIS A 184 29.02 1.16 29.31
N ARG A 185 27.84 0.53 29.21
CA ARG A 185 27.01 0.24 30.37
C ARG A 185 27.59 -0.92 31.19
N PHE A 186 28.40 -1.75 30.54
CA PHE A 186 29.11 -2.85 31.20
C PHE A 186 30.50 -2.42 31.64
N GLY A 187 30.86 -1.18 31.31
CA GLY A 187 32.15 -0.60 31.72
C GLY A 187 33.23 -0.69 30.66
N GLY A 188 32.81 -0.81 29.40
CA GLY A 188 33.75 -0.89 28.29
C GLY A 188 33.83 0.39 27.49
N ASP A 189 34.75 0.40 26.52
CA ASP A 189 34.88 1.51 25.60
C ASP A 189 34.48 1.04 24.20
N PRO A 190 33.46 1.68 23.61
CA PRO A 190 32.96 1.33 22.27
C PRO A 190 34.00 1.52 21.17
N SER A 191 34.97 2.41 21.42
CA SER A 191 36.03 2.71 20.46
C SER A 191 37.28 1.84 20.67
N ARG A 192 37.39 1.20 21.83
CA ARG A 192 38.53 0.32 22.12
C ARG A 192 38.21 -1.18 22.01
N VAL A 193 37.33 -1.52 21.08
CA VAL A 193 36.99 -2.92 20.81
C VAL A 193 38.05 -3.55 19.91
N THR A 194 38.64 -4.64 20.39
CA THR A 194 39.63 -5.41 19.63
C THR A 194 39.07 -6.79 19.31
N LEU A 195 38.92 -7.08 18.03
CA LEU A 195 38.40 -8.37 17.58
C LEU A 195 39.51 -9.41 17.53
N PHE A 196 39.22 -10.63 17.97
CA PHE A 196 40.17 -11.73 17.88
C PHE A 196 39.51 -13.10 17.68
N GLY A 197 40.10 -13.92 16.82
CA GLY A 197 39.57 -15.24 16.49
C GLY A 197 40.57 -16.23 15.93
N GLU A 198 40.10 -17.46 15.71
CA GLU A 198 40.92 -18.57 15.21
C GLU A 198 40.19 -19.32 14.10
N SER A 199 40.94 -19.90 13.16
CA SER A 199 40.38 -20.54 11.96
C SER A 199 39.49 -19.53 11.23
N ALA A 200 38.20 -19.85 11.08
CA ALA A 200 37.23 -18.91 10.54
C ALA A 200 37.12 -17.64 11.38
N GLY A 201 37.45 -17.75 12.67
CA GLY A 201 37.49 -16.59 13.55
C GLY A 201 38.40 -15.52 12.99
N ALA A 202 39.61 -15.91 12.62
CA ALA A 202 40.56 -15.01 11.97
C ALA A 202 40.06 -14.55 10.61
N VAL A 203 39.50 -15.48 9.84
CA VAL A 203 38.95 -15.18 8.52
C VAL A 203 37.76 -14.21 8.62
N SER A 204 37.01 -14.33 9.71
CA SER A 204 35.89 -13.43 9.99
C SER A 204 36.42 -12.07 10.41
N VAL A 205 37.25 -12.04 11.46
CA VAL A 205 37.89 -10.83 11.95
C VAL A 205 38.56 -10.02 10.82
N SER A 206 39.23 -10.73 9.91
CA SER A 206 39.85 -10.11 8.75
C SER A 206 38.81 -9.48 7.82
N LEU A 207 37.69 -10.18 7.61
CA LEU A 207 36.65 -9.69 6.73
C LEU A 207 35.94 -8.45 7.28
N HIS A 208 36.08 -8.20 8.57
CA HIS A 208 35.58 -6.96 9.18
C HIS A 208 36.56 -5.81 8.93
N LEU A 209 37.85 -6.14 8.86
CA LEU A 209 38.89 -5.16 8.52
C LEU A 209 38.72 -4.71 7.08
N LEU A 210 38.16 -5.57 6.25
CA LEU A 210 37.94 -5.27 4.85
C LEU A 210 36.59 -4.59 4.62
N SER A 211 35.52 -5.18 5.17
CA SER A 211 34.15 -4.75 4.89
C SER A 211 33.88 -3.27 5.14
N ALA A 212 33.13 -2.67 4.22
CA ALA A 212 32.69 -1.28 4.33
C ALA A 212 31.78 -1.08 5.54
N LEU A 213 30.89 -2.04 5.78
CA LEU A 213 29.84 -1.92 6.80
C LEU A 213 30.32 -2.01 8.24
N SER A 214 31.25 -2.94 8.50
CA SER A 214 31.77 -3.12 9.86
C SER A 214 33.10 -2.42 10.08
N ARG A 215 33.42 -1.48 9.19
CA ARG A 215 34.66 -0.71 9.24
C ARG A 215 34.86 0.02 10.57
N ASP A 216 33.91 0.87 10.95
CA ASP A 216 34.05 1.72 12.12
C ASP A 216 33.42 1.16 13.39
N LEU A 217 33.23 -0.15 13.43
CA LEU A 217 32.60 -0.80 14.59
C LEU A 217 33.61 -1.37 15.59
N PHE A 218 34.90 -1.27 15.26
CA PHE A 218 35.97 -1.72 16.16
C PHE A 218 37.28 -0.97 15.96
N GLN A 219 38.27 -1.29 16.79
CA GLN A 219 39.56 -0.61 16.76
C GLN A 219 40.67 -1.44 16.13
N ARG A 220 41.05 -2.54 16.79
CA ARG A 220 42.18 -3.37 16.36
C ARG A 220 41.78 -4.82 16.06
N ALA A 221 42.73 -5.61 15.58
CA ALA A 221 42.47 -7.01 15.27
C ALA A 221 43.60 -7.95 15.67
N ILE A 222 43.23 -9.09 16.24
CA ILE A 222 44.16 -10.21 16.49
C ILE A 222 43.66 -11.41 15.69
N LEU A 223 44.55 -12.01 14.90
CA LEU A 223 44.17 -13.09 14.00
C LEU A 223 45.02 -14.34 14.23
N GLN A 224 44.35 -15.43 14.57
CA GLN A 224 45.03 -16.69 14.87
C GLN A 224 44.80 -17.72 13.77
N SER A 225 45.87 -18.10 13.09
CA SER A 225 45.88 -19.16 12.08
C SER A 225 44.72 -19.02 11.07
N GLY A 226 44.68 -17.87 10.40
CA GLY A 226 43.68 -17.61 9.37
C GLY A 226 43.80 -16.22 8.76
N SER A 227 43.51 -16.12 7.47
CA SER A 227 43.50 -14.84 6.76
C SER A 227 42.45 -14.90 5.65
N PRO A 228 42.04 -13.73 5.13
CA PRO A 228 40.98 -13.71 4.12
C PRO A 228 41.46 -14.18 2.76
N THR A 229 42.77 -14.30 2.61
CA THR A 229 43.39 -14.68 1.35
C THR A 229 43.63 -16.21 1.26
N ALA A 230 43.20 -16.94 2.28
CA ALA A 230 43.26 -18.41 2.31
C ALA A 230 42.32 -19.03 1.28
N PRO A 231 42.67 -20.23 0.76
CA PRO A 231 41.88 -20.89 -0.30
C PRO A 231 40.45 -21.23 0.12
N TRP A 232 40.29 -21.67 1.36
CA TRP A 232 39.00 -22.14 1.90
C TRP A 232 38.14 -21.02 2.46
N ALA A 233 38.67 -19.80 2.48
CA ALA A 233 37.97 -18.64 3.05
C ALA A 233 36.71 -18.25 2.29
N LEU A 234 36.79 -18.22 0.96
CA LEU A 234 35.66 -17.82 0.11
C LEU A 234 35.37 -18.79 -1.02
N VAL A 235 34.16 -18.69 -1.58
CA VAL A 235 33.77 -19.44 -2.78
C VAL A 235 33.30 -18.48 -3.87
N SER A 236 33.44 -18.91 -5.13
CA SER A 236 32.91 -18.14 -6.25
C SER A 236 31.38 -18.16 -6.18
N ARG A 237 30.77 -17.06 -6.61
CA ARG A 237 29.31 -16.93 -6.59
C ARG A 237 28.65 -17.94 -7.52
N GLU A 238 29.37 -18.30 -8.59
CA GLU A 238 28.93 -19.33 -9.52
C GLU A 238 28.87 -20.71 -8.86
N GLU A 239 29.85 -21.02 -8.01
CA GLU A 239 29.89 -22.30 -7.29
C GLU A 239 28.91 -22.30 -6.11
N ALA A 240 28.91 -21.23 -5.33
CA ALA A 240 28.02 -21.10 -4.17
C ALA A 240 26.55 -21.41 -4.52
N THR A 241 26.13 -20.98 -5.71
CA THR A 241 24.79 -21.29 -6.23
C THR A 241 24.64 -22.79 -6.51
N LEU A 242 25.67 -23.38 -7.12
CA LEU A 242 25.69 -24.82 -7.42
C LEU A 242 25.71 -25.67 -6.16
N ARG A 243 26.45 -25.22 -5.14
CA ARG A 243 26.51 -25.88 -3.83
C ARG A 243 25.14 -25.83 -3.16
N ALA A 244 24.43 -24.74 -3.37
CA ALA A 244 23.09 -24.55 -2.84
C ALA A 244 22.07 -25.42 -3.56
N LEU A 245 22.15 -25.46 -4.89
CA LEU A 245 21.24 -26.26 -5.70
C LEU A 245 21.51 -27.76 -5.57
N ARG A 246 22.76 -28.11 -5.27
CA ARG A 246 23.12 -29.50 -4.96
C ARG A 246 22.53 -29.91 -3.61
N LEU A 247 22.59 -29.00 -2.64
CA LEU A 247 21.99 -29.21 -1.32
C LEU A 247 20.46 -29.32 -1.44
N ALA A 248 19.89 -28.55 -2.36
CA ALA A 248 18.47 -28.63 -2.68
C ALA A 248 18.14 -30.01 -3.25
N GLU A 249 18.97 -30.48 -4.19
CA GLU A 249 18.80 -31.81 -4.77
C GLU A 249 18.92 -32.91 -3.72
N ALA A 250 19.99 -32.86 -2.93
CA ALA A 250 20.30 -33.88 -1.93
C ALA A 250 19.22 -34.00 -0.84
N VAL A 251 18.50 -32.91 -0.58
CA VAL A 251 17.47 -32.91 0.46
C VAL A 251 16.07 -33.21 -0.11
N GLY A 252 15.98 -33.25 -1.43
CA GLY A 252 14.72 -33.53 -2.10
C GLY A 252 13.87 -32.30 -2.32
N CYS A 253 14.48 -31.25 -2.85
CA CYS A 253 13.80 -30.01 -3.20
C CYS A 253 14.06 -29.67 -4.67
N PRO A 254 13.29 -28.71 -5.22
CA PRO A 254 13.55 -28.26 -6.60
C PRO A 254 14.94 -27.65 -6.73
N HIS A 255 15.74 -28.23 -7.62
CA HIS A 255 17.16 -27.86 -7.79
C HIS A 255 17.45 -27.14 -9.10
N GLU A 256 16.39 -26.78 -9.83
CA GLU A 256 16.51 -26.12 -11.13
C GLU A 256 17.01 -24.68 -11.00
N PRO A 257 18.07 -24.33 -11.76
CA PRO A 257 18.60 -22.96 -11.79
C PRO A 257 17.63 -21.96 -12.44
N SER A 258 16.59 -22.48 -13.08
CA SER A 258 15.56 -21.66 -13.71
C SER A 258 14.71 -20.94 -12.67
N LYS A 259 14.15 -21.71 -11.73
CA LYS A 259 13.28 -21.18 -10.68
C LYS A 259 13.96 -21.24 -9.30
N LEU A 260 14.52 -20.12 -8.87
CA LEU A 260 15.28 -20.09 -7.62
C LEU A 260 14.42 -19.89 -6.38
N SER A 261 13.30 -19.19 -6.53
CA SER A 261 12.37 -18.93 -5.43
C SER A 261 11.68 -20.20 -4.93
N ASP A 262 11.57 -21.20 -5.82
CA ASP A 262 11.04 -22.51 -5.46
C ASP A 262 12.00 -23.24 -4.51
N ALA A 263 13.29 -23.16 -4.84
CA ALA A 263 14.34 -23.85 -4.09
C ALA A 263 14.46 -23.38 -2.65
N VAL A 264 14.55 -22.06 -2.46
CA VAL A 264 14.71 -21.48 -1.12
C VAL A 264 13.51 -21.72 -0.20
N GLU A 265 12.31 -21.71 -0.77
CA GLU A 265 11.08 -21.89 0.00
C GLU A 265 10.92 -23.34 0.47
N CYS A 266 11.31 -24.28 -0.39
CA CYS A 266 11.33 -25.70 -0.04
C CYS A 266 12.37 -25.95 1.06
N LEU A 267 13.52 -25.27 0.95
CA LEU A 267 14.60 -25.37 1.93
C LEU A 267 14.17 -24.84 3.30
N ARG A 268 13.46 -23.70 3.31
CA ARG A 268 12.94 -23.12 4.55
C ARG A 268 12.06 -24.10 5.32
N GLY A 269 11.44 -25.01 4.60
CA GLY A 269 10.55 -26.01 5.19
C GLY A 269 11.28 -27.12 5.91
N LYS A 270 12.30 -27.67 5.24
CA LYS A 270 13.07 -28.81 5.76
C LYS A 270 13.66 -28.55 7.15
N ASP A 271 13.78 -29.61 7.94
CA ASP A 271 14.38 -29.57 9.27
C ASP A 271 15.83 -29.06 9.20
N PRO A 272 16.26 -28.22 10.16
CA PRO A 272 17.61 -27.65 10.12
C PRO A 272 18.74 -28.68 10.18
N HIS A 273 18.52 -29.76 10.92
CA HIS A 273 19.54 -30.80 11.08
C HIS A 273 19.77 -31.63 9.83
N VAL A 274 18.69 -32.01 9.12
CA VAL A 274 18.82 -32.70 7.84
C VAL A 274 19.46 -31.80 6.78
N LEU A 275 19.30 -30.49 6.96
CA LEU A 275 19.85 -29.52 6.04
C LEU A 275 21.38 -29.43 6.16
N VAL A 276 21.88 -29.43 7.40
CA VAL A 276 23.32 -29.31 7.64
C VAL A 276 24.09 -30.60 7.39
N ASN A 277 23.38 -31.73 7.38
CA ASN A 277 24.01 -33.03 7.15
C ASN A 277 24.24 -33.38 5.67
N ASN A 278 23.60 -32.63 4.78
CA ASN A 278 23.67 -32.90 3.34
C ASN A 278 24.53 -31.91 2.55
N GLU A 279 25.42 -31.22 3.26
CA GLU A 279 26.28 -30.21 2.65
C GLU A 279 27.55 -30.82 2.05
N TRP A 280 27.92 -32.00 2.50
CA TRP A 280 29.24 -32.56 2.19
C TRP A 280 29.25 -33.47 0.98
N GLY A 281 29.62 -32.90 -0.17
CA GLY A 281 29.78 -33.64 -1.41
C GLY A 281 31.22 -34.08 -1.59
N THR A 282 31.71 -34.02 -2.83
CA THR A 282 33.11 -34.28 -3.08
C THR A 282 33.89 -32.99 -2.82
N LEU A 283 34.66 -33.01 -1.74
CA LEU A 283 35.48 -31.88 -1.33
C LEU A 283 36.84 -32.41 -0.91
N GLY A 284 37.89 -31.75 -1.38
CA GLY A 284 39.27 -32.10 -1.00
C GLY A 284 39.56 -31.72 0.44
N ILE A 285 40.83 -31.83 0.83
CA ILE A 285 41.24 -31.47 2.19
C ILE A 285 41.19 -29.95 2.38
N CYS A 286 40.80 -29.52 3.58
CA CYS A 286 40.77 -28.10 3.94
C CYS A 286 39.91 -27.25 3.00
N GLU A 287 38.77 -27.78 2.59
CA GLU A 287 37.77 -27.00 1.89
C GLU A 287 36.38 -27.35 2.39
N PHE A 288 35.56 -26.32 2.56
CA PHE A 288 34.30 -26.44 3.28
C PHE A 288 33.13 -26.00 2.41
N PRO A 289 31.96 -26.66 2.57
CA PRO A 289 30.82 -26.53 1.66
C PRO A 289 30.20 -25.13 1.65
N PHE A 290 30.01 -24.54 2.84
CA PHE A 290 29.38 -23.23 2.92
C PHE A 290 30.20 -22.24 3.74
N VAL A 291 30.69 -21.22 3.03
CA VAL A 291 31.62 -20.23 3.57
C VAL A 291 31.23 -18.85 3.03
N PRO A 292 31.89 -17.78 3.51
CA PRO A 292 31.68 -16.45 2.94
C PRO A 292 31.82 -16.40 1.43
N VAL A 293 31.08 -15.46 0.84
CA VAL A 293 31.12 -15.20 -0.59
C VAL A 293 31.04 -13.68 -0.75
N VAL A 294 31.54 -13.16 -1.85
CA VAL A 294 31.43 -11.72 -2.11
C VAL A 294 29.98 -11.39 -2.54
N ASP A 295 29.20 -10.90 -1.58
CA ASP A 295 27.76 -10.68 -1.77
C ASP A 295 27.42 -9.40 -2.52
N GLY A 296 28.16 -8.33 -2.26
CA GLY A 296 27.89 -7.02 -2.85
C GLY A 296 27.61 -5.96 -1.80
N ALA A 297 27.21 -6.42 -0.61
CA ALA A 297 26.90 -5.53 0.52
C ALA A 297 28.00 -5.53 1.56
N PHE A 298 28.27 -6.70 2.15
CA PHE A 298 29.35 -6.86 3.13
C PHE A 298 30.71 -6.73 2.44
N LEU A 299 30.86 -7.41 1.31
CA LEU A 299 32.03 -7.28 0.45
C LEU A 299 31.54 -7.10 -0.97
N ASP A 300 32.11 -6.11 -1.68
CA ASP A 300 31.76 -5.89 -3.08
C ASP A 300 32.89 -6.33 -4.03
N GLU A 301 33.97 -6.86 -3.46
CA GLU A 301 35.08 -7.43 -4.22
C GLU A 301 35.80 -8.55 -3.44
N THR A 302 36.57 -9.36 -4.16
CA THR A 302 37.36 -10.43 -3.54
C THR A 302 38.46 -9.83 -2.66
N PRO A 303 38.74 -10.48 -1.51
CA PRO A 303 39.78 -10.02 -0.59
C PRO A 303 41.16 -9.85 -1.25
N GLN A 304 41.42 -10.62 -2.31
CA GLN A 304 42.66 -10.52 -3.06
C GLN A 304 42.80 -9.15 -3.71
N ARG A 305 41.70 -8.66 -4.29
CA ARG A 305 41.68 -7.33 -4.91
C ARG A 305 41.73 -6.21 -3.88
N SER A 306 41.07 -6.41 -2.74
CA SER A 306 41.08 -5.45 -1.64
C SER A 306 42.50 -5.27 -1.12
N LEU A 307 43.17 -6.37 -0.84
CA LEU A 307 44.56 -6.36 -0.38
C LEU A 307 45.50 -5.71 -1.39
N ALA A 308 45.35 -6.08 -2.67
CA ALA A 308 46.16 -5.53 -3.75
C ALA A 308 46.02 -4.01 -3.86
N SER A 309 44.77 -3.53 -3.88
CA SER A 309 44.49 -2.11 -3.99
C SER A 309 44.74 -1.36 -2.68
N GLY A 310 44.84 -2.10 -1.58
CA GLY A 310 45.10 -1.52 -0.26
C GLY A 310 43.87 -0.97 0.43
N ARG A 311 42.70 -1.54 0.14
CA ARG A 311 41.44 -1.12 0.73
C ARG A 311 41.10 -1.90 2.00
N PHE A 312 41.74 -1.52 3.11
CA PHE A 312 41.45 -2.11 4.42
C PHE A 312 41.79 -1.13 5.55
N LYS A 313 41.12 -1.30 6.68
CA LYS A 313 41.29 -0.41 7.84
C LYS A 313 42.76 -0.26 8.21
N LYS A 314 43.21 0.99 8.35
CA LYS A 314 44.57 1.27 8.81
C LYS A 314 44.63 0.98 10.32
N THR A 315 45.20 -0.16 10.68
CA THR A 315 45.21 -0.64 12.07
C THR A 315 46.43 -1.48 12.41
N GLU A 316 46.70 -1.63 13.71
CA GLU A 316 47.66 -2.62 14.21
C GLU A 316 47.09 -4.02 14.06
N ILE A 317 47.95 -4.98 13.74
CA ILE A 317 47.55 -6.38 13.54
C ILE A 317 48.48 -7.30 14.34
N LEU A 318 47.89 -8.19 15.14
CA LEU A 318 48.66 -9.26 15.76
C LEU A 318 48.17 -10.58 15.19
N THR A 319 49.06 -11.26 14.46
CA THR A 319 48.69 -12.49 13.79
C THR A 319 49.79 -13.55 13.87
N GLY A 320 49.44 -14.81 13.62
CA GLY A 320 50.43 -15.87 13.65
C GLY A 320 49.93 -17.26 13.30
N SER A 321 50.88 -18.19 13.19
CA SER A 321 50.60 -19.57 12.81
C SER A 321 51.18 -20.51 13.84
N ASN A 322 50.72 -21.75 13.85
CA ASN A 322 51.30 -22.79 14.68
C ASN A 322 52.25 -23.63 13.84
N THR A 323 53.10 -24.43 14.50
CA THR A 323 54.15 -25.19 13.82
C THR A 323 53.61 -26.31 12.93
N GLU A 324 52.62 -27.04 13.43
CA GLU A 324 51.99 -28.12 12.66
C GLU A 324 50.50 -27.86 12.43
N GLU A 325 50.20 -27.15 11.34
CA GLU A 325 48.80 -26.79 11.04
C GLU A 325 48.06 -27.96 10.42
N GLY A 326 48.64 -28.51 9.36
CA GLY A 326 48.00 -29.56 8.56
C GLY A 326 47.53 -30.80 9.28
N TYR A 327 48.35 -31.30 10.22
CA TYR A 327 48.09 -32.57 10.88
C TYR A 327 46.62 -32.83 11.25
N TYR A 328 46.00 -31.87 11.93
CA TYR A 328 44.61 -31.97 12.36
C TYR A 328 43.68 -32.36 11.20
N PHE A 329 43.90 -31.75 10.04
CA PHE A 329 43.06 -31.95 8.87
C PHE A 329 43.41 -33.21 8.10
N ILE A 330 44.69 -33.59 8.13
CA ILE A 330 45.13 -34.82 7.48
C ILE A 330 44.77 -36.05 8.31
N ILE A 331 44.27 -35.84 9.52
CA ILE A 331 43.80 -36.94 10.35
C ILE A 331 42.38 -37.32 9.95
N TYR A 332 41.50 -36.33 9.84
CA TYR A 332 40.10 -36.56 9.49
C TYR A 332 39.96 -36.95 8.02
N TYR A 333 40.55 -36.12 7.16
CA TYR A 333 40.76 -36.50 5.76
C TYR A 333 41.88 -37.54 5.76
N LEU A 334 41.99 -38.32 4.68
CA LEU A 334 43.10 -39.29 4.51
C LEU A 334 43.27 -40.21 5.72
N THR A 335 42.14 -40.71 6.23
CA THR A 335 42.06 -41.38 7.53
C THR A 335 42.66 -42.79 7.57
N GLU A 336 42.81 -43.40 6.40
CA GLU A 336 43.41 -44.73 6.26
C GLU A 336 44.81 -44.74 6.86
N LEU A 337 45.72 -44.07 6.19
CA LEU A 337 47.08 -43.77 6.68
C LEU A 337 47.01 -42.66 7.72
N LEU A 338 48.01 -42.60 8.61
CA LEU A 338 48.16 -41.48 9.55
C LEU A 338 47.04 -41.41 10.59
N ARG A 339 46.68 -42.58 11.14
CA ARG A 339 45.59 -42.72 12.10
C ARG A 339 45.95 -42.24 13.52
N LYS A 340 44.95 -42.20 14.39
CA LYS A 340 45.11 -41.72 15.75
C LYS A 340 45.71 -42.77 16.69
N GLU A 341 47.04 -42.84 16.71
CA GLU A 341 47.82 -43.77 17.52
C GLU A 341 49.21 -43.18 17.73
N GLU A 342 49.92 -43.68 18.73
CA GLU A 342 51.30 -43.23 18.98
C GLU A 342 52.25 -43.86 17.98
N GLY A 343 53.29 -43.09 17.62
CA GLY A 343 54.38 -43.59 16.78
C GLY A 343 54.03 -43.95 15.35
N VAL A 344 53.06 -43.28 14.77
CA VAL A 344 52.73 -43.51 13.36
C VAL A 344 53.85 -42.92 12.48
N THR A 345 54.05 -43.52 11.30
CA THR A 345 55.05 -43.07 10.34
C THR A 345 54.54 -43.21 8.91
N VAL A 346 55.33 -42.73 7.95
CA VAL A 346 54.93 -42.74 6.53
C VAL A 346 56.08 -43.21 5.66
N THR A 347 55.85 -44.29 4.90
CA THR A 347 56.83 -44.81 3.95
C THR A 347 56.94 -43.88 2.76
N ARG A 348 58.09 -43.92 2.08
CA ARG A 348 58.34 -43.06 0.92
C ARG A 348 57.26 -43.23 -0.15
N GLU A 349 56.79 -44.47 -0.33
CA GLU A 349 55.72 -44.77 -1.27
C GLU A 349 54.41 -44.10 -0.86
N GLU A 350 54.05 -44.25 0.42
CA GLU A 350 52.84 -43.63 0.97
C GLU A 350 52.88 -42.11 0.88
N PHE A 351 54.06 -41.54 1.05
CA PHE A 351 54.26 -40.10 0.89
C PHE A 351 53.90 -39.65 -0.51
N LEU A 352 54.47 -40.32 -1.51
CA LEU A 352 54.22 -40.04 -2.91
C LEU A 352 52.74 -40.18 -3.29
N GLN A 353 52.07 -41.12 -2.63
CA GLN A 353 50.64 -41.32 -2.78
C GLN A 353 49.88 -40.10 -2.29
N ALA A 354 50.27 -39.63 -1.11
CA ALA A 354 49.55 -38.56 -0.42
C ALA A 354 49.55 -37.22 -1.16
N VAL A 355 50.70 -36.81 -1.70
CA VAL A 355 50.79 -35.52 -2.38
C VAL A 355 49.84 -35.41 -3.57
N ARG A 356 49.50 -36.56 -4.17
CA ARG A 356 48.49 -36.59 -5.24
C ARG A 356 47.10 -36.38 -4.66
N GLU A 357 46.80 -37.10 -3.58
CA GLU A 357 45.50 -36.99 -2.92
C GLU A 357 45.28 -35.66 -2.20
N LEU A 358 46.37 -35.05 -1.71
CA LEU A 358 46.29 -33.79 -0.98
C LEU A 358 46.39 -32.58 -1.91
N ASN A 359 46.86 -32.80 -3.13
CA ASN A 359 46.86 -31.77 -4.17
C ASN A 359 46.30 -32.37 -5.46
N PRO A 360 44.98 -32.56 -5.52
CA PRO A 360 44.38 -33.25 -6.66
C PRO A 360 44.26 -32.39 -7.93
N TYR A 361 44.53 -31.10 -7.84
CA TYR A 361 44.29 -30.17 -8.94
C TYR A 361 45.55 -29.77 -9.71
N VAL A 362 46.71 -30.29 -9.30
CA VAL A 362 47.98 -29.94 -9.95
C VAL A 362 48.42 -30.99 -10.98
N ASN A 363 48.99 -30.51 -12.08
CA ASN A 363 49.19 -31.31 -13.30
C ASN A 363 50.22 -32.44 -13.27
N GLY A 364 50.92 -32.62 -12.15
CA GLY A 364 51.91 -33.68 -12.05
C GLY A 364 53.31 -33.25 -12.48
N ALA A 365 53.38 -32.15 -13.23
CA ALA A 365 54.65 -31.46 -13.45
C ALA A 365 54.86 -30.51 -12.28
N ALA A 366 53.81 -30.41 -11.45
CA ALA A 366 53.83 -29.64 -10.22
C ALA A 366 53.97 -30.57 -9.02
N ARG A 367 53.50 -31.80 -9.14
CA ARG A 367 53.54 -32.78 -8.05
C ARG A 367 54.95 -33.07 -7.55
N GLN A 368 55.87 -33.29 -8.47
CA GLN A 368 57.26 -33.56 -8.13
C GLN A 368 58.06 -32.29 -7.82
N ALA A 369 57.52 -31.15 -8.25
CA ALA A 369 58.03 -29.85 -7.82
C ALA A 369 57.74 -29.71 -6.33
N ILE A 370 56.58 -30.23 -5.90
CA ILE A 370 56.21 -30.28 -4.50
C ILE A 370 57.05 -31.33 -3.77
N VAL A 371 57.12 -32.55 -4.30
CA VAL A 371 57.87 -33.61 -3.60
C VAL A 371 59.33 -33.25 -3.41
N PHE A 372 59.92 -32.53 -4.36
CA PHE A 372 61.32 -32.12 -4.23
C PHE A 372 61.48 -31.06 -3.17
N GLU A 373 60.50 -30.16 -3.09
CA GLU A 373 60.52 -29.10 -2.09
C GLU A 373 60.21 -29.66 -0.71
N TYR A 374 59.25 -30.59 -0.66
CA TYR A 374 58.76 -31.11 0.62
C TYR A 374 59.34 -32.46 1.03
N THR A 375 60.46 -32.84 0.46
CA THR A 375 61.21 -34.00 0.94
C THR A 375 62.52 -33.57 1.57
N ASP A 376 62.95 -34.30 2.59
CA ASP A 376 64.20 -34.03 3.27
C ASP A 376 65.31 -34.80 2.56
N TRP A 377 66.19 -34.08 1.89
CA TRP A 377 67.19 -34.72 1.02
C TRP A 377 68.43 -35.24 1.75
N THR A 378 68.55 -34.97 3.04
CA THR A 378 69.64 -35.54 3.84
C THR A 378 69.36 -37.03 4.09
N GLU A 379 68.08 -37.35 4.23
CA GLU A 379 67.62 -38.73 4.40
C GLU A 379 66.18 -38.83 3.86
N PRO A 380 66.05 -38.93 2.52
CA PRO A 380 64.77 -38.79 1.81
C PRO A 380 63.70 -39.82 2.19
N ASP A 381 64.12 -41.05 2.46
CA ASP A 381 63.17 -42.13 2.74
C ASP A 381 62.80 -42.25 4.23
N ASN A 382 63.27 -41.30 5.03
CA ASN A 382 62.98 -41.29 6.46
C ASN A 382 61.47 -41.25 6.72
N PRO A 383 60.95 -42.25 7.46
CA PRO A 383 59.53 -42.37 7.76
C PRO A 383 58.96 -41.21 8.61
N ASN A 384 59.79 -40.62 9.47
CA ASN A 384 59.38 -39.45 10.25
C ASN A 384 59.30 -38.20 9.38
N SER A 385 60.30 -38.01 8.52
CA SER A 385 60.35 -36.88 7.61
C SER A 385 59.14 -36.88 6.68
N ASN A 386 58.90 -38.02 6.04
CA ASN A 386 57.77 -38.15 5.12
C ASN A 386 56.40 -37.86 5.74
N ARG A 387 56.26 -38.16 7.03
CA ARG A 387 55.03 -37.84 7.75
C ARG A 387 54.91 -36.34 8.01
N ASP A 388 55.96 -35.77 8.58
CA ASP A 388 55.99 -34.34 8.91
C ASP A 388 55.91 -33.49 7.65
N ALA A 389 56.37 -34.06 6.53
CA ALA A 389 56.36 -33.37 5.25
C ALA A 389 54.93 -33.16 4.73
N LEU A 390 54.01 -34.03 5.14
CA LEU A 390 52.62 -33.91 4.78
C LEU A 390 51.95 -32.76 5.53
N ASP A 391 52.30 -32.62 6.81
CA ASP A 391 51.76 -31.55 7.64
C ASP A 391 52.17 -30.19 7.11
N LYS A 392 53.41 -30.09 6.66
CA LYS A 392 53.97 -28.83 6.17
C LYS A 392 53.30 -28.35 4.89
N MET A 393 53.21 -29.22 3.88
CA MET A 393 52.61 -28.87 2.61
C MET A 393 51.13 -28.52 2.72
N VAL A 394 50.44 -29.14 3.67
CA VAL A 394 49.05 -28.79 3.96
C VAL A 394 49.03 -27.50 4.79
N GLY A 395 49.82 -27.49 5.86
CA GLY A 395 49.91 -26.34 6.76
C GLY A 395 50.31 -25.06 6.05
N ASP A 396 51.27 -25.15 5.13
CA ASP A 396 51.79 -23.96 4.46
C ASP A 396 50.83 -23.41 3.43
N TYR A 397 50.29 -24.27 2.57
CA TYR A 397 49.40 -23.83 1.51
C TYR A 397 48.07 -23.30 2.06
N HIS A 398 47.47 -24.08 2.96
CA HIS A 398 46.14 -23.75 3.47
C HIS A 398 46.11 -22.74 4.61
N PHE A 399 47.21 -22.60 5.35
CA PHE A 399 47.22 -21.75 6.55
C PHE A 399 48.40 -20.78 6.66
N THR A 400 49.57 -21.31 7.00
CA THR A 400 50.75 -20.51 7.35
C THR A 400 51.08 -19.40 6.35
N CYS A 401 51.14 -19.74 5.07
CA CYS A 401 51.53 -18.78 4.03
C CYS A 401 50.54 -17.67 3.81
N ASN A 402 49.25 -18.01 3.90
CA ASN A 402 48.18 -17.03 3.77
C ASN A 402 48.20 -16.00 4.88
N VAL A 403 48.55 -16.43 6.08
CA VAL A 403 48.72 -15.54 7.23
C VAL A 403 49.88 -14.56 6.95
N ASN A 404 50.97 -15.09 6.41
CA ASN A 404 52.13 -14.27 6.05
C ASN A 404 51.81 -13.18 5.04
N GLU A 405 50.99 -13.53 4.05
CA GLU A 405 50.62 -12.59 2.98
C GLU A 405 49.84 -11.40 3.52
N PHE A 406 48.79 -11.68 4.28
CA PHE A 406 47.94 -10.66 4.90
C PHE A 406 48.78 -9.77 5.81
N ALA A 407 49.71 -10.39 6.54
CA ALA A 407 50.56 -9.68 7.50
C ALA A 407 51.55 -8.77 6.80
N GLN A 408 51.99 -9.17 5.62
CA GLN A 408 52.93 -8.38 4.83
C GLN A 408 52.24 -7.15 4.22
N ARG A 409 51.08 -7.36 3.60
CA ARG A 409 50.33 -6.28 2.97
C ARG A 409 49.92 -5.20 3.97
N TYR A 410 49.65 -5.61 5.20
CA TYR A 410 49.39 -4.67 6.29
C TYR A 410 50.66 -3.92 6.71
N ALA A 411 51.77 -4.64 6.73
CA ALA A 411 53.05 -4.06 7.10
C ALA A 411 53.51 -3.03 6.07
N GLU A 412 53.37 -3.35 4.79
CA GLU A 412 53.87 -2.46 3.74
C GLU A 412 52.92 -1.34 3.36
N GLU A 413 51.75 -1.31 4.00
CA GLU A 413 50.84 -0.17 3.90
C GLU A 413 51.06 0.79 5.06
N GLY A 414 52.15 0.55 5.81
CA GLY A 414 52.56 1.43 6.90
C GLY A 414 51.88 1.16 8.23
N ASN A 415 51.36 -0.05 8.39
CA ASN A 415 50.72 -0.45 9.64
C ASN A 415 51.65 -1.27 10.51
N ASN A 416 51.47 -1.16 11.83
CA ASN A 416 52.25 -1.96 12.76
C ASN A 416 51.69 -3.38 12.85
N VAL A 417 52.57 -4.36 12.62
CA VAL A 417 52.18 -5.76 12.61
C VAL A 417 53.05 -6.54 13.59
N TYR A 418 52.42 -7.51 14.28
CA TYR A 418 53.13 -8.38 15.21
C TYR A 418 52.85 -9.83 14.86
N MET A 419 53.87 -10.51 14.33
CA MET A 419 53.76 -11.89 13.87
C MET A 419 54.34 -12.86 14.88
N TYR A 420 53.63 -13.95 15.14
CA TYR A 420 54.10 -14.99 16.03
C TYR A 420 54.16 -16.37 15.36
N LEU A 421 55.05 -17.23 15.86
CA LEU A 421 55.02 -18.65 15.55
C LEU A 421 54.89 -19.40 16.86
N TYR A 422 53.72 -19.98 17.10
CA TYR A 422 53.42 -20.67 18.35
C TYR A 422 53.97 -22.10 18.29
N THR A 423 54.95 -22.39 19.13
CA THR A 423 55.70 -23.64 19.05
C THR A 423 55.47 -24.58 20.24
N HIS A 424 54.61 -24.18 21.18
CA HIS A 424 54.47 -24.93 22.43
C HIS A 424 53.41 -26.03 22.41
N ARG A 425 53.85 -27.26 22.67
CA ARG A 425 52.93 -28.39 22.86
C ARG A 425 52.77 -28.68 24.35
N SER A 426 51.51 -28.72 24.81
CA SER A 426 51.20 -29.02 26.20
C SER A 426 51.74 -30.39 26.61
N LYS A 427 52.15 -30.52 27.87
CA LYS A 427 52.58 -31.79 28.41
C LYS A 427 51.39 -32.73 28.50
N GLY A 428 50.21 -32.17 28.78
CA GLY A 428 48.98 -32.95 28.89
C GLY A 428 48.15 -33.03 27.63
N ASN A 429 48.78 -32.78 26.48
CA ASN A 429 48.11 -32.88 25.18
C ASN A 429 47.62 -34.31 24.95
N PRO A 430 46.29 -34.47 24.73
CA PRO A 430 45.65 -35.78 24.60
C PRO A 430 45.99 -36.48 23.28
N TRP A 431 46.31 -35.72 22.24
CA TRP A 431 46.61 -36.28 20.93
C TRP A 431 48.00 -36.92 20.90
N PRO A 432 48.24 -37.85 19.95
CA PRO A 432 49.55 -38.48 19.80
C PRO A 432 50.71 -37.48 19.70
N ARG A 433 51.90 -37.91 20.11
CA ARG A 433 53.09 -37.04 20.16
C ARG A 433 53.48 -36.45 18.80
N TRP A 434 53.47 -37.29 17.76
CA TRP A 434 53.92 -36.88 16.43
C TRP A 434 53.15 -35.68 15.88
N THR A 435 51.91 -35.50 16.36
CA THR A 435 51.06 -34.36 15.96
C THR A 435 51.69 -33.02 16.35
N GLY A 436 52.40 -33.01 17.48
CA GLY A 436 53.10 -31.83 17.95
C GLY A 436 52.12 -30.73 18.32
N VAL A 437 52.40 -29.51 17.84
CA VAL A 437 51.53 -28.36 18.05
C VAL A 437 50.59 -28.18 16.86
N MET A 438 49.32 -28.55 17.07
CA MET A 438 48.35 -28.54 15.98
C MET A 438 47.56 -27.24 15.88
N HIS A 439 46.74 -27.17 14.83
CA HIS A 439 45.84 -26.06 14.59
C HIS A 439 44.89 -25.86 15.77
N GLY A 440 45.01 -24.71 16.43
CA GLY A 440 44.13 -24.34 17.53
C GLY A 440 44.61 -24.73 18.92
N ASP A 441 45.92 -24.94 19.05
CA ASP A 441 46.50 -25.32 20.34
C ASP A 441 46.72 -24.12 21.26
N GLU A 442 46.89 -22.94 20.68
CA GLU A 442 47.17 -21.72 21.43
C GLU A 442 45.96 -21.20 22.21
N ILE A 443 44.77 -21.66 21.83
CA ILE A 443 43.50 -21.18 22.39
C ILE A 443 43.43 -21.40 23.90
N ASN A 444 43.78 -22.60 24.34
CA ASN A 444 43.82 -22.93 25.76
C ASN A 444 44.66 -21.95 26.55
N TYR A 445 45.75 -21.50 25.94
CA TYR A 445 46.69 -20.60 26.62
C TYR A 445 46.29 -19.13 26.61
N VAL A 446 45.66 -18.67 25.52
CA VAL A 446 45.19 -17.28 25.45
C VAL A 446 43.99 -17.02 26.35
N PHE A 447 43.26 -18.07 26.71
CA PHE A 447 42.07 -17.92 27.55
C PHE A 447 42.31 -18.21 29.03
N GLY A 448 43.53 -18.64 29.35
CA GLY A 448 43.94 -18.87 30.73
C GLY A 448 43.47 -20.17 31.33
N GLU A 449 43.37 -21.19 30.49
CA GLU A 449 42.95 -22.50 30.94
C GLU A 449 43.96 -23.14 31.89
N PRO A 450 45.28 -22.95 31.65
CA PRO A 450 46.27 -23.49 32.60
C PRO A 450 46.15 -22.95 34.03
N LEU A 451 45.57 -21.76 34.19
CA LEU A 451 45.35 -21.17 35.50
C LEU A 451 44.27 -21.90 36.31
N ASN A 452 43.58 -22.82 35.66
CA ASN A 452 42.62 -23.71 36.33
C ASN A 452 43.35 -24.77 37.17
N PRO A 453 43.08 -24.79 38.49
CA PRO A 453 43.71 -25.75 39.40
C PRO A 453 43.23 -27.19 39.21
N THR A 454 41.99 -27.35 38.72
CA THR A 454 41.41 -28.68 38.50
C THR A 454 42.03 -29.41 37.29
N LEU A 455 42.85 -28.69 36.52
CA LEU A 455 43.59 -29.24 35.38
C LEU A 455 45.09 -29.22 35.66
N GLY A 456 45.78 -30.28 35.22
CA GLY A 456 47.16 -30.52 35.65
C GLY A 456 48.29 -29.89 34.87
N TYR A 457 48.07 -28.67 34.38
CA TYR A 457 49.11 -27.92 33.66
C TYR A 457 50.30 -27.63 34.58
N THR A 458 51.52 -27.84 34.05
CA THR A 458 52.74 -27.61 34.82
C THR A 458 52.87 -26.14 35.23
N GLU A 459 53.67 -25.88 36.26
CA GLU A 459 53.82 -24.52 36.79
C GLU A 459 54.43 -23.54 35.77
N ASP A 460 55.24 -24.06 34.85
CA ASP A 460 55.82 -23.27 33.78
C ASP A 460 54.79 -22.92 32.71
N GLU A 461 53.90 -23.88 32.42
CA GLU A 461 52.82 -23.69 31.46
C GLU A 461 51.85 -22.61 31.94
N LYS A 462 51.69 -22.50 33.26
CA LYS A 462 50.84 -21.49 33.88
C LYS A 462 51.45 -20.10 33.73
N ASP A 463 52.79 -20.03 33.78
CA ASP A 463 53.51 -18.79 33.51
C ASP A 463 53.38 -18.39 32.05
N PHE A 464 53.58 -19.36 31.16
CA PHE A 464 53.48 -19.17 29.71
C PHE A 464 52.11 -18.65 29.30
N SER A 465 51.07 -19.21 29.90
CA SER A 465 49.70 -18.79 29.62
C SER A 465 49.49 -17.33 30.00
N ARG A 466 49.94 -16.96 31.20
CA ARG A 466 49.87 -15.58 31.67
C ARG A 466 50.64 -14.62 30.78
N LYS A 467 51.74 -15.11 30.21
CA LYS A 467 52.60 -14.31 29.33
C LYS A 467 51.90 -13.95 28.03
N ILE A 468 51.32 -14.94 27.36
CA ILE A 468 50.66 -14.71 26.08
C ILE A 468 49.28 -14.06 26.26
N MET A 469 48.68 -14.26 27.44
CA MET A 469 47.50 -13.51 27.80
C MET A 469 47.84 -12.03 27.95
N ARG A 470 49.03 -11.74 28.48
CA ARG A 470 49.50 -10.37 28.60
C ARG A 470 49.74 -9.76 27.23
N TYR A 471 50.53 -10.45 26.39
CA TYR A 471 50.80 -9.99 25.02
C TYR A 471 49.50 -9.62 24.32
N TRP A 472 48.57 -10.56 24.30
CA TRP A 472 47.24 -10.37 23.71
C TRP A 472 46.50 -9.18 24.31
N SER A 473 46.48 -9.09 25.64
CA SER A 473 45.67 -8.09 26.34
C SER A 473 46.15 -6.66 26.09
N ASN A 474 47.42 -6.38 26.39
CA ASN A 474 47.92 -5.01 26.25
C ASN A 474 48.13 -4.59 24.80
N PHE A 475 48.01 -5.53 23.87
CA PHE A 475 47.91 -5.17 22.46
C PHE A 475 46.53 -4.57 22.20
N ALA A 476 45.50 -5.20 22.77
CA ALA A 476 44.13 -4.70 22.66
C ALA A 476 44.01 -3.33 23.33
N LYS A 477 44.83 -3.11 24.35
CA LYS A 477 44.89 -1.84 25.05
C LYS A 477 45.71 -0.81 24.26
N THR A 478 47.00 -1.10 24.10
CA THR A 478 47.98 -0.10 23.66
C THR A 478 48.30 -0.14 22.16
N GLY A 479 47.95 -1.23 21.50
CA GLY A 479 48.36 -1.46 20.11
C GLY A 479 49.72 -2.12 20.02
N ASN A 480 50.24 -2.51 21.18
CA ASN A 480 51.56 -3.10 21.29
C ASN A 480 51.56 -4.18 22.37
N PRO A 481 52.09 -5.38 22.06
CA PRO A 481 52.15 -6.49 23.01
C PRO A 481 53.26 -6.39 24.04
N ASN A 482 54.31 -5.64 23.74
CA ASN A 482 55.47 -5.53 24.64
C ASN A 482 55.13 -4.98 26.01
N PRO A 483 55.63 -5.64 27.08
CA PRO A 483 55.42 -5.17 28.45
C PRO A 483 56.20 -3.88 28.70
N ASN A 484 55.74 -3.07 29.66
CA ASN A 484 56.37 -1.78 30.00
C ASN A 484 57.90 -1.85 30.20
N THR A 485 58.35 -2.94 30.81
CA THR A 485 59.78 -3.28 30.87
C THR A 485 60.20 -3.79 29.49
N ALA A 486 61.10 -3.05 28.84
CA ALA A 486 61.54 -3.33 27.46
C ALA A 486 60.57 -2.85 26.37
N SER A 487 59.50 -2.17 26.78
CA SER A 487 58.58 -1.49 25.85
C SER A 487 59.20 -0.20 25.35
N SER A 488 60.07 0.38 26.19
CA SER A 488 60.74 1.65 25.88
C SER A 488 61.74 1.52 24.72
N GLU A 489 62.39 0.36 24.63
CA GLU A 489 63.43 0.12 23.63
C GLU A 489 63.70 -1.37 23.39
N PHE A 490 64.21 -1.69 22.20
CA PHE A 490 64.57 -3.06 21.80
C PHE A 490 63.59 -4.12 22.32
N PRO A 491 62.39 -4.18 21.73
CA PRO A 491 61.28 -4.97 22.27
C PRO A 491 61.58 -6.47 22.31
N GLU A 492 60.89 -7.19 23.20
CA GLU A 492 60.89 -8.66 23.19
C GLU A 492 60.37 -9.12 21.84
N TRP A 493 59.28 -8.50 21.43
CA TRP A 493 58.56 -8.83 20.22
C TRP A 493 58.71 -7.68 19.24
N PRO A 494 59.58 -7.84 18.23
CA PRO A 494 59.78 -6.79 17.24
C PRO A 494 58.61 -6.69 16.26
N LYS A 495 58.48 -5.53 15.64
CA LYS A 495 57.43 -5.30 14.65
C LYS A 495 57.71 -6.12 13.39
N HIS A 496 56.66 -6.72 12.84
CA HIS A 496 56.73 -7.44 11.57
C HIS A 496 56.75 -6.40 10.45
N THR A 497 57.95 -6.05 10.01
CA THR A 497 58.15 -5.01 9.02
C THR A 497 58.16 -5.57 7.60
N ALA A 498 57.74 -4.74 6.64
CA ALA A 498 57.62 -5.15 5.24
C ALA A 498 58.82 -5.90 4.69
N HIS A 499 60.02 -5.40 4.96
CA HIS A 499 61.25 -6.04 4.49
C HIS A 499 61.83 -7.01 5.51
N GLY A 500 61.79 -6.65 6.79
CA GLY A 500 62.34 -7.47 7.85
C GLY A 500 61.58 -8.77 8.09
N ARG A 501 60.25 -8.66 8.13
CA ARG A 501 59.33 -9.81 8.27
C ARG A 501 59.60 -10.67 9.51
N HIS A 502 59.91 -10.02 10.62
CA HIS A 502 60.26 -10.71 11.86
C HIS A 502 59.07 -11.31 12.59
N TYR A 503 59.32 -12.40 13.31
CA TYR A 503 58.30 -13.02 14.15
C TYR A 503 58.90 -13.41 15.49
N LEU A 504 58.04 -13.56 16.50
CA LEU A 504 58.48 -14.03 17.80
C LEU A 504 58.07 -15.49 18.00
N GLU A 505 58.99 -16.29 18.50
CA GLU A 505 58.68 -17.68 18.83
C GLU A 505 58.04 -17.72 20.21
N LEU A 506 56.77 -18.13 20.26
CA LEU A 506 56.07 -18.30 21.52
C LEU A 506 56.22 -19.73 22.01
N GLY A 507 57.12 -19.92 22.97
CA GLY A 507 57.43 -21.23 23.54
C GLY A 507 57.81 -21.09 24.99
N LEU A 508 58.26 -22.19 25.60
CA LEU A 508 58.45 -22.22 27.05
C LEU A 508 59.69 -21.46 27.53
N ASN A 509 60.85 -21.71 26.94
CA ASN A 509 62.04 -20.96 27.33
C ASN A 509 62.72 -20.23 26.17
N THR A 510 61.99 -20.09 25.07
CA THR A 510 62.50 -19.39 23.90
C THR A 510 61.91 -17.99 23.73
N SER A 511 62.79 -16.99 23.66
CA SER A 511 62.41 -15.64 23.26
C SER A 511 62.91 -15.36 21.85
N PHE A 512 63.34 -16.44 21.19
CA PHE A 512 63.95 -16.38 19.85
C PHE A 512 63.11 -15.62 18.84
N VAL A 513 63.77 -14.81 18.03
CA VAL A 513 63.14 -14.06 16.96
C VAL A 513 63.72 -14.51 15.62
N GLY A 514 62.84 -14.88 14.69
CA GLY A 514 63.25 -15.22 13.33
C GLY A 514 62.63 -14.29 12.32
N ARG A 515 62.75 -14.65 11.04
CA ARG A 515 62.14 -13.89 9.96
C ARG A 515 61.28 -14.81 9.11
N GLY A 516 59.97 -14.60 9.15
CA GLY A 516 59.05 -15.44 8.40
C GLY A 516 57.69 -15.58 9.07
N PRO A 517 57.30 -16.80 9.46
CA PRO A 517 58.07 -18.03 9.32
C PRO A 517 57.91 -18.69 7.95
N ARG A 518 58.90 -19.50 7.57
CA ARG A 518 58.84 -20.37 6.40
C ARG A 518 58.69 -19.61 5.09
N LEU A 519 59.60 -18.67 4.86
CA LEU A 519 59.56 -17.80 3.69
C LEU A 519 59.78 -18.54 2.37
N ARG A 520 60.62 -19.58 2.41
CA ARG A 520 60.93 -20.38 1.22
C ARG A 520 59.71 -21.10 0.68
N GLN A 521 59.00 -21.80 1.56
CA GLN A 521 57.81 -22.55 1.18
C GLN A 521 56.70 -21.62 0.74
N CYS A 522 56.62 -20.45 1.37
CA CYS A 522 55.63 -19.46 0.97
C CYS A 522 55.90 -18.90 -0.41
N ALA A 523 57.17 -18.63 -0.69
CA ALA A 523 57.61 -18.24 -2.03
C ALA A 523 57.32 -19.36 -3.02
N PHE A 524 57.36 -20.60 -2.55
CA PHE A 524 57.06 -21.76 -3.38
C PHE A 524 55.61 -21.69 -3.87
N TRP A 525 54.66 -21.69 -2.92
CA TRP A 525 53.24 -21.72 -3.26
C TRP A 525 52.72 -20.44 -3.90
N LYS A 526 53.37 -19.31 -3.60
CA LYS A 526 52.89 -18.01 -4.07
C LYS A 526 53.51 -17.55 -5.39
N LYS A 527 54.80 -17.80 -5.56
CA LYS A 527 55.52 -17.32 -6.75
C LYS A 527 55.90 -18.44 -7.71
N TYR A 528 56.73 -19.38 -7.26
CA TYR A 528 57.32 -20.39 -8.13
C TYR A 528 56.30 -21.33 -8.75
N LEU A 529 55.57 -22.04 -7.90
CA LEU A 529 54.63 -23.08 -8.35
C LEU A 529 53.53 -22.59 -9.31
N PRO A 530 52.92 -21.41 -9.04
CA PRO A 530 51.90 -20.90 -9.97
C PRO A 530 52.42 -20.63 -11.38
N GLN A 531 53.63 -20.09 -11.50
CA GLN A 531 54.21 -19.81 -12.82
C GLN A 531 54.73 -21.07 -13.50
N LEU A 532 55.05 -22.09 -12.70
CA LEU A 532 55.44 -23.39 -13.24
C LEU A 532 54.24 -24.07 -13.87
N VAL A 533 53.10 -24.02 -13.18
CA VAL A 533 51.84 -24.58 -13.67
C VAL A 533 51.41 -23.87 -14.96
N ALA A 534 51.71 -22.57 -15.04
CA ALA A 534 51.48 -21.79 -16.25
C ALA A 534 52.36 -22.27 -17.40
N ALA A 535 53.65 -22.45 -17.13
CA ALA A 535 54.63 -22.87 -18.14
C ALA A 535 54.42 -24.30 -18.63
N THR A 536 53.73 -25.12 -17.83
CA THR A 536 53.45 -26.50 -18.20
C THR A 536 52.01 -26.70 -18.68
N SER A 537 51.26 -25.60 -18.80
CA SER A 537 49.89 -25.65 -19.29
C SER A 537 49.61 -24.50 -20.25
N ASP B 1 -84.56 20.88 -18.61
CA ASP B 1 -84.47 20.83 -17.12
C ASP B 1 -83.73 22.03 -16.55
N ASN B 2 -84.30 22.61 -15.49
CA ASN B 2 -83.65 23.70 -14.75
C ASN B 2 -83.03 23.23 -13.42
N ASP B 3 -82.89 21.92 -13.27
CA ASP B 3 -82.15 21.32 -12.17
C ASP B 3 -80.67 21.23 -12.57
N PRO B 4 -79.77 21.87 -11.80
CA PRO B 4 -78.33 21.88 -12.09
C PRO B 4 -77.68 20.49 -12.02
N LEU B 5 -78.21 19.64 -11.12
CA LEU B 5 -77.62 18.36 -10.79
C LEU B 5 -77.88 17.27 -11.85
N VAL B 6 -78.72 17.58 -12.83
CA VAL B 6 -78.95 16.68 -13.97
C VAL B 6 -78.25 17.23 -15.22
N VAL B 7 -77.67 16.34 -16.01
CA VAL B 7 -76.88 16.71 -17.19
C VAL B 7 -77.19 15.79 -18.37
N ASN B 8 -77.37 16.39 -19.55
CA ASN B 8 -77.60 15.64 -20.79
C ASN B 8 -76.31 15.22 -21.49
N THR B 9 -75.79 14.05 -21.10
CA THR B 9 -74.66 13.42 -21.77
C THR B 9 -75.07 12.98 -23.16
N ASP B 10 -74.13 12.94 -24.10
CA ASP B 10 -74.40 12.53 -25.48
C ASP B 10 -75.16 11.18 -25.58
N LYS B 11 -74.99 10.34 -24.56
CA LYS B 11 -75.64 9.03 -24.52
C LYS B 11 -76.83 8.98 -23.54
N GLY B 12 -77.18 10.12 -22.95
CA GLY B 12 -78.34 10.21 -22.06
C GLY B 12 -78.16 11.07 -20.83
N ARG B 13 -79.22 11.20 -20.04
CA ARG B 13 -79.21 12.02 -18.83
C ARG B 13 -78.55 11.31 -17.66
N ILE B 14 -77.93 12.10 -16.78
CA ILE B 14 -77.37 11.59 -15.53
C ILE B 14 -77.67 12.54 -14.36
N ARG B 15 -77.90 11.96 -13.18
CA ARG B 15 -78.11 12.75 -11.97
C ARG B 15 -76.94 12.56 -11.00
N GLY B 16 -76.42 13.68 -10.50
CA GLY B 16 -75.35 13.64 -9.52
C GLY B 16 -75.86 13.79 -8.10
N ILE B 17 -75.03 14.40 -7.26
CA ILE B 17 -75.39 14.71 -5.87
C ILE B 17 -74.42 15.76 -5.31
N THR B 18 -74.94 16.62 -4.44
CA THR B 18 -74.10 17.60 -3.73
C THR B 18 -73.62 16.99 -2.42
N VAL B 19 -72.30 16.85 -2.28
CA VAL B 19 -71.68 16.27 -1.09
C VAL B 19 -70.69 17.26 -0.48
N ASP B 20 -70.57 17.22 0.85
CA ASP B 20 -69.53 17.96 1.57
C ASP B 20 -68.16 17.35 1.30
N ALA B 21 -67.14 18.19 1.14
CA ALA B 21 -65.76 17.74 1.18
C ALA B 21 -65.38 17.59 2.65
N PRO B 22 -64.40 16.71 2.96
CA PRO B 22 -63.96 16.57 4.34
C PRO B 22 -63.58 17.90 4.99
N SER B 23 -63.11 18.83 4.17
CA SER B 23 -62.78 20.20 4.61
C SER B 23 -64.01 21.01 5.04
N GLY B 24 -65.20 20.53 4.68
CA GLY B 24 -66.44 21.23 5.01
C GLY B 24 -67.02 21.98 3.83
N LYS B 25 -66.24 22.10 2.76
CA LYS B 25 -66.65 22.80 1.55
C LYS B 25 -67.57 21.92 0.70
N LYS B 26 -68.56 22.54 0.05
CA LYS B 26 -69.55 21.80 -0.73
C LYS B 26 -69.16 21.65 -2.20
N VAL B 27 -69.48 20.49 -2.78
CA VAL B 27 -69.01 20.10 -4.12
C VAL B 27 -69.96 19.10 -4.82
N ASP B 28 -70.22 19.33 -6.11
CA ASP B 28 -71.06 18.44 -6.94
C ASP B 28 -70.27 17.26 -7.51
N VAL B 29 -70.85 16.07 -7.44
CA VAL B 29 -70.20 14.85 -7.95
C VAL B 29 -71.11 14.02 -8.85
N TRP B 30 -70.50 13.30 -9.80
CA TRP B 30 -71.20 12.34 -10.64
C TRP B 30 -70.37 11.06 -10.62
N LEU B 31 -70.90 10.01 -9.98
CA LEU B 31 -70.13 8.80 -9.74
C LEU B 31 -70.61 7.59 -10.53
N GLY B 32 -69.75 7.09 -11.41
CA GLY B 32 -70.03 5.86 -12.15
C GLY B 32 -70.78 6.10 -13.44
N ILE B 33 -70.31 7.08 -14.21
CA ILE B 33 -70.86 7.36 -15.54
C ILE B 33 -70.30 6.34 -16.53
N PRO B 34 -71.17 5.53 -17.14
CA PRO B 34 -70.69 4.52 -18.09
C PRO B 34 -70.17 5.15 -19.37
N TYR B 35 -68.91 4.85 -19.72
CA TYR B 35 -68.30 5.40 -20.93
C TYR B 35 -68.10 4.37 -22.04
N ALA B 36 -68.46 3.12 -21.75
CA ALA B 36 -68.34 2.02 -22.71
C ALA B 36 -69.29 0.88 -22.40
N GLN B 37 -69.58 0.06 -23.41
CA GLN B 37 -70.30 -1.20 -23.21
C GLN B 37 -69.42 -2.08 -22.33
N PRO B 38 -69.98 -2.58 -21.20
CA PRO B 38 -69.24 -3.47 -20.31
C PRO B 38 -68.59 -4.61 -21.08
N PRO B 39 -67.26 -4.79 -20.92
CA PRO B 39 -66.48 -5.73 -21.71
C PRO B 39 -66.68 -7.19 -21.26
N VAL B 40 -67.91 -7.68 -21.39
CA VAL B 40 -68.29 -9.00 -20.88
C VAL B 40 -68.59 -9.97 -22.03
N GLY B 41 -68.27 -11.24 -21.83
CA GLY B 41 -68.57 -12.29 -22.80
C GLY B 41 -67.70 -12.21 -24.04
N PRO B 42 -68.34 -11.97 -25.21
CA PRO B 42 -67.61 -11.84 -26.48
C PRO B 42 -66.65 -10.66 -26.49
N LEU B 43 -66.94 -9.64 -25.68
CA LEU B 43 -66.17 -8.40 -25.67
C LEU B 43 -64.96 -8.39 -24.72
N ARG B 44 -64.68 -9.54 -24.10
CA ARG B 44 -63.50 -9.67 -23.25
C ARG B 44 -62.21 -9.63 -24.07
N PHE B 45 -61.18 -9.01 -23.49
CA PHE B 45 -59.86 -8.83 -24.13
C PHE B 45 -59.87 -7.87 -25.32
N ARG B 46 -61.07 -7.46 -25.75
CA ARG B 46 -61.22 -6.63 -26.95
C ARG B 46 -61.39 -5.15 -26.63
N HIS B 47 -60.98 -4.29 -27.57
CA HIS B 47 -61.13 -2.84 -27.45
C HIS B 47 -62.59 -2.47 -27.16
N PRO B 48 -62.80 -1.46 -26.30
CA PRO B 48 -64.15 -1.12 -25.84
C PRO B 48 -65.00 -0.43 -26.90
N ARG B 49 -66.26 -0.83 -27.00
CA ARG B 49 -67.23 -0.11 -27.83
C ARG B 49 -67.94 0.96 -26.98
N PRO B 50 -68.30 2.09 -27.61
CA PRO B 50 -68.99 3.17 -26.87
C PRO B 50 -70.28 2.67 -26.22
N ALA B 51 -70.62 3.24 -25.08
CA ALA B 51 -71.84 2.86 -24.35
C ALA B 51 -73.09 3.19 -25.16
N GLU B 52 -74.12 2.37 -25.00
CA GLU B 52 -75.39 2.57 -25.72
C GLU B 52 -76.23 3.63 -25.04
N LYS B 53 -76.91 4.44 -25.85
CA LYS B 53 -77.80 5.49 -25.34
C LYS B 53 -78.93 4.90 -24.50
N TRP B 54 -79.32 5.62 -23.46
CA TRP B 54 -80.40 5.16 -22.58
C TRP B 54 -81.51 6.19 -22.45
N THR B 55 -82.57 5.81 -21.75
CA THR B 55 -83.74 6.65 -21.55
C THR B 55 -83.88 7.09 -20.09
N GLY B 56 -84.56 8.21 -19.90
CA GLY B 56 -84.79 8.77 -18.57
C GLY B 56 -83.51 9.35 -17.98
N VAL B 57 -83.47 9.39 -16.65
CA VAL B 57 -82.31 9.92 -15.93
C VAL B 57 -81.62 8.81 -15.15
N LEU B 58 -80.40 8.46 -15.57
CA LEU B 58 -79.57 7.50 -14.86
C LEU B 58 -78.83 8.19 -13.72
N ASN B 59 -78.96 7.65 -12.51
CA ASN B 59 -78.23 8.19 -11.37
C ASN B 59 -76.78 7.74 -11.38
N THR B 60 -75.89 8.71 -11.55
CA THR B 60 -74.49 8.47 -11.29
C THR B 60 -74.21 9.11 -9.94
N THR B 61 -74.49 8.33 -8.89
CA THR B 61 -74.47 8.84 -7.52
C THR B 61 -73.60 7.96 -6.62
N THR B 62 -73.36 6.73 -7.06
CA THR B 62 -72.69 5.72 -6.25
C THR B 62 -71.36 5.31 -6.89
N PRO B 63 -70.29 5.18 -6.06
CA PRO B 63 -68.97 4.75 -6.54
C PRO B 63 -69.07 3.45 -7.36
N PRO B 64 -68.50 3.46 -8.58
CA PRO B 64 -68.60 2.32 -9.49
C PRO B 64 -67.77 1.11 -9.05
N ASN B 65 -68.03 -0.03 -9.69
CA ASN B 65 -67.27 -1.25 -9.43
C ASN B 65 -65.81 -1.09 -9.84
N SER B 66 -64.92 -1.74 -9.10
CA SER B 66 -63.52 -1.81 -9.48
C SER B 66 -63.27 -3.05 -10.34
N CYS B 67 -62.42 -2.92 -11.36
CA CYS B 67 -62.15 -4.02 -12.28
C CYS B 67 -61.60 -5.25 -11.56
N VAL B 68 -61.85 -6.42 -12.15
CA VAL B 68 -61.40 -7.69 -11.57
C VAL B 68 -59.87 -7.73 -11.49
N GLN B 69 -59.37 -7.96 -10.28
CA GLN B 69 -57.95 -7.92 -9.99
C GLN B 69 -57.58 -8.80 -8.80
N ILE B 70 -56.29 -8.80 -8.44
CA ILE B 70 -55.78 -9.57 -7.31
C ILE B 70 -55.72 -8.67 -6.08
N VAL B 71 -56.22 -9.17 -4.94
CA VAL B 71 -56.21 -8.41 -3.69
C VAL B 71 -54.94 -8.68 -2.88
N ASP B 72 -54.42 -7.64 -2.22
CA ASP B 72 -53.25 -7.79 -1.37
C ASP B 72 -53.68 -8.18 0.04
N THR B 73 -53.43 -9.43 0.39
CA THR B 73 -53.83 -10.00 1.67
C THR B 73 -52.64 -10.24 2.59
N VAL B 74 -51.44 -10.10 2.03
CA VAL B 74 -50.18 -10.51 2.70
C VAL B 74 -49.93 -9.86 4.06
N PHE B 75 -50.34 -8.60 4.24
CA PHE B 75 -50.20 -7.94 5.53
C PHE B 75 -51.50 -7.80 6.31
N GLY B 76 -52.57 -8.41 5.78
CA GLY B 76 -53.86 -8.48 6.46
C GLY B 76 -54.52 -7.13 6.69
N ASP B 77 -54.76 -6.81 7.96
CA ASP B 77 -55.47 -5.58 8.35
C ASP B 77 -54.59 -4.33 8.45
N PHE B 78 -53.33 -4.46 8.07
CA PHE B 78 -52.38 -3.34 8.10
C PHE B 78 -52.87 -2.19 7.20
N PRO B 79 -53.08 -0.99 7.78
CA PRO B 79 -53.62 0.19 7.08
C PRO B 79 -52.78 0.68 5.89
N GLY B 80 -51.51 0.31 5.85
CA GLY B 80 -50.61 0.69 4.75
C GLY B 80 -50.71 -0.21 3.54
N ALA B 81 -51.19 -1.44 3.74
CA ALA B 81 -51.41 -2.38 2.65
C ALA B 81 -52.83 -2.28 2.10
N THR B 82 -53.79 -2.06 3.00
CA THR B 82 -55.22 -2.05 2.65
C THR B 82 -55.69 -0.76 1.97
N MET B 83 -54.87 0.29 2.00
CA MET B 83 -55.23 1.55 1.36
C MET B 83 -55.28 1.43 -0.17
N TRP B 84 -54.51 0.47 -0.71
CA TRP B 84 -54.49 0.21 -2.13
C TRP B 84 -55.51 -0.87 -2.52
N ASN B 85 -55.99 -1.60 -1.52
CA ASN B 85 -57.05 -2.61 -1.72
C ASN B 85 -58.32 -1.98 -2.24
N PRO B 86 -58.89 -2.54 -3.33
CA PRO B 86 -60.12 -2.03 -3.93
C PRO B 86 -61.26 -1.95 -2.93
N ASN B 87 -61.88 -0.77 -2.83
CA ASN B 87 -62.93 -0.51 -1.84
C ASN B 87 -64.36 -0.66 -2.37
N THR B 88 -64.49 -1.09 -3.62
CA THR B 88 -65.79 -1.37 -4.22
C THR B 88 -65.84 -2.82 -4.69
N PRO B 89 -67.05 -3.37 -4.94
CA PRO B 89 -67.16 -4.74 -5.43
C PRO B 89 -66.41 -4.96 -6.73
N LEU B 90 -65.73 -6.10 -6.84
CA LEU B 90 -64.96 -6.44 -8.03
C LEU B 90 -65.87 -7.00 -9.12
N SER B 91 -65.85 -6.38 -10.29
CA SER B 91 -66.72 -6.77 -11.39
C SER B 91 -66.05 -6.53 -12.74
N GLU B 92 -66.41 -7.36 -13.72
CA GLU B 92 -65.92 -7.18 -15.08
C GLU B 92 -66.53 -5.94 -15.72
N ASP B 93 -67.75 -5.62 -15.31
CA ASP B 93 -68.42 -4.37 -15.70
C ASP B 93 -67.86 -3.25 -14.82
N CYS B 94 -66.77 -2.64 -15.28
CA CYS B 94 -66.04 -1.68 -14.47
C CYS B 94 -65.72 -0.36 -15.18
N LEU B 95 -66.04 -0.28 -16.47
CA LEU B 95 -65.70 0.89 -17.27
C LEU B 95 -66.58 2.08 -16.97
N TYR B 96 -66.15 2.91 -16.02
CA TYR B 96 -66.92 4.07 -15.56
C TYR B 96 -66.06 5.31 -15.31
N ILE B 97 -66.68 6.48 -15.45
CA ILE B 97 -66.01 7.76 -15.21
C ILE B 97 -66.63 8.48 -14.02
N ASN B 98 -65.78 9.13 -13.24
CA ASN B 98 -66.23 10.01 -12.17
C ASN B 98 -65.93 11.47 -12.50
N VAL B 99 -66.93 12.33 -12.36
CA VAL B 99 -66.75 13.76 -12.57
C VAL B 99 -67.10 14.50 -11.28
N VAL B 100 -66.18 15.34 -10.83
CA VAL B 100 -66.37 16.13 -9.61
C VAL B 100 -66.15 17.60 -9.94
N ALA B 101 -67.20 18.40 -9.75
CA ALA B 101 -67.15 19.84 -9.99
C ALA B 101 -67.27 20.61 -8.68
N PRO B 102 -66.60 21.78 -8.57
CA PRO B 102 -66.73 22.59 -7.37
C PRO B 102 -67.98 23.47 -7.40
N ARG B 103 -68.26 24.15 -6.28
CA ARG B 103 -69.43 25.03 -6.18
C ARG B 103 -69.02 26.42 -5.67
N PRO B 104 -69.49 27.48 -6.35
CA PRO B 104 -70.37 27.48 -7.52
C PRO B 104 -69.67 26.95 -8.76
N ARG B 105 -70.39 26.13 -9.52
CA ARG B 105 -69.86 25.48 -10.72
C ARG B 105 -69.30 26.51 -11.71
N PRO B 106 -68.03 26.35 -12.10
CA PRO B 106 -67.45 27.20 -13.15
C PRO B 106 -68.07 26.89 -14.50
N LYS B 107 -68.05 27.86 -15.41
CA LYS B 107 -68.66 27.68 -16.72
C LYS B 107 -67.69 26.95 -17.67
N ASN B 108 -66.46 27.44 -17.72
CA ASN B 108 -65.39 26.83 -18.50
C ASN B 108 -64.10 26.84 -17.68
N ALA B 109 -63.68 25.65 -17.25
CA ALA B 109 -62.53 25.54 -16.34
C ALA B 109 -61.57 24.44 -16.78
N ALA B 110 -60.42 24.38 -16.11
CA ALA B 110 -59.42 23.35 -16.36
C ALA B 110 -59.87 22.01 -15.79
N VAL B 111 -59.51 20.94 -16.49
CA VAL B 111 -59.87 19.59 -16.07
C VAL B 111 -58.60 18.82 -15.71
N MET B 112 -58.62 18.20 -14.54
CA MET B 112 -57.52 17.33 -14.11
C MET B 112 -57.96 15.87 -14.09
N LEU B 113 -57.49 15.11 -15.07
CA LEU B 113 -57.89 13.72 -15.25
C LEU B 113 -56.88 12.74 -14.64
N TRP B 114 -57.31 12.03 -13.61
CA TRP B 114 -56.46 11.10 -12.87
C TRP B 114 -56.52 9.68 -13.42
N ILE B 115 -55.39 9.20 -13.92
CA ILE B 115 -55.25 7.80 -14.30
C ILE B 115 -54.46 7.09 -13.20
N PHE B 116 -55.14 6.21 -12.46
CA PHE B 116 -54.49 5.43 -11.41
C PHE B 116 -53.55 4.41 -12.02
N GLY B 117 -52.71 3.81 -11.18
CA GLY B 117 -51.82 2.74 -11.63
C GLY B 117 -51.63 1.69 -10.56
N GLY B 118 -51.66 0.42 -10.97
CA GLY B 118 -51.37 -0.68 -10.05
C GLY B 118 -50.37 -1.66 -10.63
N GLY B 119 -49.41 -1.13 -11.39
CA GLY B 119 -48.47 -1.98 -12.12
C GLY B 119 -49.16 -2.72 -13.25
N PHE B 120 -50.24 -2.12 -13.74
CA PHE B 120 -51.10 -2.70 -14.77
C PHE B 120 -51.72 -4.05 -14.36
N TYR B 121 -51.70 -4.36 -13.07
CA TYR B 121 -52.31 -5.59 -12.56
C TYR B 121 -53.43 -5.32 -11.54
N SER B 122 -53.49 -4.10 -11.02
CA SER B 122 -54.47 -3.72 -9.99
C SER B 122 -54.85 -2.24 -9.99
N GLY B 123 -55.61 -1.84 -8.96
CA GLY B 123 -55.99 -0.44 -8.75
C GLY B 123 -57.42 -0.11 -9.14
N THR B 124 -57.90 1.01 -8.58
CA THR B 124 -59.25 1.52 -8.88
C THR B 124 -59.31 3.02 -8.67
N ALA B 125 -60.16 3.69 -9.44
CA ALA B 125 -60.35 5.14 -9.33
C ALA B 125 -61.11 5.53 -8.06
N THR B 126 -61.58 4.51 -7.33
CA THR B 126 -62.46 4.70 -6.17
C THR B 126 -61.75 4.67 -4.83
N LEU B 127 -60.42 4.49 -4.84
CA LEU B 127 -59.62 4.44 -3.61
C LEU B 127 -59.79 5.70 -2.75
N ASP B 128 -59.75 5.50 -1.44
CA ASP B 128 -59.91 6.60 -0.48
C ASP B 128 -58.79 7.63 -0.60
N VAL B 129 -57.56 7.17 -0.81
CA VAL B 129 -56.41 8.05 -0.97
C VAL B 129 -56.60 9.03 -2.14
N TYR B 130 -57.45 8.64 -3.09
CA TYR B 130 -57.86 9.54 -4.16
C TYR B 130 -59.09 10.32 -3.73
N ASP B 131 -58.85 11.55 -3.27
CA ASP B 131 -59.90 12.43 -2.80
C ASP B 131 -60.16 13.53 -3.82
N HIS B 132 -61.22 13.34 -4.61
CA HIS B 132 -61.61 14.29 -5.64
C HIS B 132 -62.16 15.56 -5.03
N ARG B 133 -62.84 15.40 -3.88
CA ARG B 133 -63.53 16.50 -3.23
C ARG B 133 -62.59 17.59 -2.73
N ALA B 134 -61.53 17.20 -2.02
CA ALA B 134 -60.55 18.15 -1.51
C ALA B 134 -59.81 18.90 -2.62
N LEU B 135 -59.34 18.18 -3.64
CA LEU B 135 -58.64 18.80 -4.76
C LEU B 135 -59.52 19.78 -5.54
N ALA B 136 -60.76 19.38 -5.83
CA ALA B 136 -61.70 20.22 -6.58
C ALA B 136 -62.10 21.46 -5.79
N SER B 137 -62.40 21.28 -4.51
CA SER B 137 -62.90 22.36 -3.66
C SER B 137 -61.88 23.45 -3.39
N GLU B 138 -60.61 23.07 -3.25
CA GLU B 138 -59.55 24.01 -2.91
C GLU B 138 -58.95 24.70 -4.12
N GLU B 139 -58.92 23.99 -5.25
CA GLU B 139 -58.23 24.49 -6.44
C GLU B 139 -59.16 24.98 -7.53
N ASN B 140 -60.47 24.80 -7.32
CA ASN B 140 -61.51 25.18 -8.28
C ASN B 140 -61.25 24.58 -9.66
N VAL B 141 -61.15 23.26 -9.68
CA VAL B 141 -60.86 22.48 -10.89
C VAL B 141 -61.87 21.33 -10.99
N ILE B 142 -62.28 21.01 -12.21
CA ILE B 142 -63.10 19.80 -12.43
C ILE B 142 -62.15 18.60 -12.35
N VAL B 143 -62.35 17.76 -11.34
CA VAL B 143 -61.50 16.59 -11.15
C VAL B 143 -62.20 15.36 -11.70
N VAL B 144 -61.52 14.65 -12.59
CA VAL B 144 -62.06 13.48 -13.27
C VAL B 144 -61.14 12.27 -13.09
N SER B 145 -61.72 11.12 -12.76
CA SER B 145 -60.98 9.85 -12.74
C SER B 145 -61.69 8.83 -13.61
N LEU B 146 -60.92 7.87 -14.13
CA LEU B 146 -61.49 6.82 -14.97
C LEU B 146 -61.06 5.44 -14.49
N GLN B 147 -61.91 4.45 -14.75
CA GLN B 147 -61.58 3.05 -14.54
C GLN B 147 -61.13 2.47 -15.87
N TYR B 148 -60.04 1.71 -15.85
CA TYR B 148 -59.60 1.01 -17.05
C TYR B 148 -59.33 -0.45 -16.71
N ARG B 149 -59.62 -1.32 -17.68
CA ARG B 149 -59.37 -2.75 -17.51
C ARG B 149 -57.90 -3.00 -17.17
N VAL B 150 -57.70 -3.89 -16.20
CA VAL B 150 -56.38 -4.11 -15.66
C VAL B 150 -56.00 -5.59 -15.76
N ALA B 151 -54.72 -5.91 -15.57
CA ALA B 151 -54.20 -7.29 -15.65
C ALA B 151 -54.41 -7.92 -17.03
N SER B 152 -54.54 -9.25 -17.07
CA SER B 152 -54.73 -9.99 -18.33
C SER B 152 -56.01 -9.59 -19.06
N LEU B 153 -57.06 -9.31 -18.28
CA LEU B 153 -58.38 -8.92 -18.81
C LEU B 153 -58.32 -7.60 -19.57
N GLY B 154 -57.37 -6.75 -19.21
CA GLY B 154 -57.13 -5.51 -19.91
C GLY B 154 -55.99 -5.59 -20.93
N PHE B 155 -55.00 -6.43 -20.66
CA PHE B 155 -53.74 -6.35 -21.41
C PHE B 155 -53.22 -7.60 -22.12
N LEU B 156 -54.09 -8.59 -22.33
CA LEU B 156 -53.70 -9.80 -23.06
C LEU B 156 -53.37 -9.47 -24.51
N PHE B 157 -52.25 -10.02 -25.00
CA PHE B 157 -51.86 -9.87 -26.40
C PHE B 157 -51.48 -11.21 -26.99
N LEU B 158 -52.15 -11.56 -28.09
CA LEU B 158 -51.80 -12.74 -28.87
C LEU B 158 -51.54 -12.37 -30.34
N GLY B 159 -51.69 -11.09 -30.66
CA GLY B 159 -51.50 -10.61 -32.01
C GLY B 159 -52.77 -10.63 -32.83
N THR B 160 -53.69 -11.50 -32.42
CA THR B 160 -55.00 -11.62 -33.06
C THR B 160 -55.87 -10.43 -32.67
N PRO B 161 -56.86 -10.07 -33.51
CA PRO B 161 -57.85 -9.05 -33.12
C PRO B 161 -58.76 -9.51 -31.98
N GLU B 162 -58.80 -10.81 -31.71
CA GLU B 162 -59.54 -11.35 -30.56
C GLU B 162 -58.86 -10.97 -29.26
N ALA B 163 -57.53 -10.83 -29.32
CA ALA B 163 -56.71 -10.34 -28.21
C ALA B 163 -55.64 -9.37 -28.75
N PRO B 164 -56.04 -8.12 -29.05
CA PRO B 164 -55.18 -7.17 -29.77
C PRO B 164 -54.14 -6.49 -28.89
N GLY B 165 -54.27 -6.62 -27.58
CA GLY B 165 -53.36 -5.98 -26.63
C GLY B 165 -53.76 -4.54 -26.35
N ASN B 166 -53.25 -4.01 -25.25
CA ASN B 166 -53.48 -2.61 -24.85
C ASN B 166 -54.94 -2.24 -24.64
N ALA B 167 -55.80 -3.24 -24.41
CA ALA B 167 -57.23 -2.98 -24.25
C ALA B 167 -57.51 -2.01 -23.11
N GLY B 168 -56.71 -2.10 -22.04
CA GLY B 168 -56.77 -1.16 -20.92
C GLY B 168 -56.44 0.27 -21.32
N LEU B 169 -55.55 0.42 -22.30
CA LEU B 169 -55.19 1.73 -22.84
C LEU B 169 -56.29 2.32 -23.72
N PHE B 170 -56.92 1.46 -24.52
CA PHE B 170 -58.05 1.87 -25.35
C PHE B 170 -59.28 2.21 -24.52
N ASP B 171 -59.36 1.63 -23.32
CA ASP B 171 -60.36 2.03 -22.34
C ASP B 171 -60.10 3.47 -21.94
N GLN B 172 -58.85 3.75 -21.57
CA GLN B 172 -58.43 5.11 -21.20
C GLN B 172 -58.72 6.08 -22.34
N ASN B 173 -58.29 5.72 -23.55
CA ASN B 173 -58.47 6.55 -24.72
C ASN B 173 -59.94 6.89 -24.98
N LEU B 174 -60.82 5.91 -24.79
CA LEU B 174 -62.25 6.11 -25.00
C LEU B 174 -62.83 7.05 -23.94
N ALA B 175 -62.26 7.01 -22.74
CA ALA B 175 -62.65 7.92 -21.67
C ALA B 175 -62.19 9.34 -21.98
N LEU B 176 -61.06 9.47 -22.68
CA LEU B 176 -60.56 10.77 -23.13
C LEU B 176 -61.49 11.38 -24.17
N ARG B 177 -61.98 10.53 -25.08
CA ARG B 177 -63.02 10.90 -26.04
C ARG B 177 -64.24 11.43 -25.29
N TRP B 178 -64.72 10.64 -24.33
CA TRP B 178 -65.90 11.01 -23.53
C TRP B 178 -65.74 12.36 -22.85
N VAL B 179 -64.56 12.63 -22.29
CA VAL B 179 -64.28 13.92 -21.65
C VAL B 179 -64.25 15.04 -22.69
N ARG B 180 -63.53 14.82 -23.79
CA ARG B 180 -63.53 15.71 -24.95
C ARG B 180 -64.96 16.07 -25.38
N ASP B 181 -65.85 15.07 -25.37
CA ASP B 181 -67.23 15.26 -25.82
C ASP B 181 -68.16 15.88 -24.77
N ASN B 182 -68.02 15.47 -23.51
CA ASN B 182 -69.03 15.75 -22.48
C ASN B 182 -68.65 16.71 -21.35
N ILE B 183 -67.37 17.10 -21.26
CA ILE B 183 -66.90 17.81 -20.07
C ILE B 183 -67.40 19.25 -19.95
N HIS B 184 -67.72 19.88 -21.08
CA HIS B 184 -68.23 21.25 -21.09
C HIS B 184 -69.58 21.35 -20.38
N ARG B 185 -70.28 20.22 -20.28
CA ARG B 185 -71.59 20.14 -19.64
C ARG B 185 -71.51 20.14 -18.12
N PHE B 186 -70.32 19.87 -17.59
CA PHE B 186 -70.09 19.88 -16.14
C PHE B 186 -69.34 21.15 -15.74
N GLY B 187 -69.02 21.97 -16.73
CA GLY B 187 -68.32 23.23 -16.49
C GLY B 187 -66.83 23.18 -16.76
N GLY B 188 -66.41 22.18 -17.54
CA GLY B 188 -65.00 22.03 -17.89
C GLY B 188 -64.69 22.52 -19.29
N ASP B 189 -63.40 22.54 -19.63
CA ASP B 189 -62.95 22.93 -20.95
C ASP B 189 -62.31 21.73 -21.64
N PRO B 190 -62.90 21.28 -22.76
CA PRO B 190 -62.39 20.14 -23.53
C PRO B 190 -60.95 20.32 -24.01
N SER B 191 -60.52 21.58 -24.16
CA SER B 191 -59.19 21.91 -24.63
C SER B 191 -58.16 22.01 -23.50
N ARG B 192 -58.64 22.10 -22.26
CA ARG B 192 -57.76 22.27 -21.10
C ARG B 192 -57.59 21.01 -20.22
N VAL B 193 -57.73 19.83 -20.81
CA VAL B 193 -57.64 18.58 -20.04
C VAL B 193 -56.17 18.23 -19.76
N THR B 194 -55.85 18.03 -18.48
CA THR B 194 -54.50 17.67 -18.05
C THR B 194 -54.50 16.29 -17.42
N LEU B 195 -53.76 15.38 -18.03
CA LEU B 195 -53.64 14.01 -17.53
C LEU B 195 -52.61 13.96 -16.41
N PHE B 196 -52.96 13.29 -15.31
CA PHE B 196 -52.00 13.04 -14.23
C PHE B 196 -52.17 11.68 -13.58
N GLY B 197 -51.05 11.00 -13.35
CA GLY B 197 -51.04 9.66 -12.77
C GLY B 197 -49.77 9.30 -12.05
N GLU B 198 -49.77 8.12 -11.43
CA GLU B 198 -48.65 7.64 -10.64
C GLU B 198 -48.37 6.21 -11.04
N SER B 199 -47.09 5.80 -11.00
CA SER B 199 -46.69 4.44 -11.36
C SER B 199 -47.12 4.16 -12.80
N ALA B 200 -48.04 3.21 -12.98
CA ALA B 200 -48.61 2.91 -14.28
C ALA B 200 -49.49 4.06 -14.78
N GLY B 201 -49.98 4.86 -13.84
CA GLY B 201 -50.71 6.07 -14.17
C GLY B 201 -49.84 6.98 -15.01
N ALA B 202 -48.63 7.25 -14.52
CA ALA B 202 -47.66 8.08 -15.24
C ALA B 202 -47.27 7.47 -16.58
N VAL B 203 -47.13 6.14 -16.62
CA VAL B 203 -46.80 5.43 -17.86
C VAL B 203 -47.95 5.53 -18.85
N SER B 204 -49.17 5.37 -18.35
CA SER B 204 -50.37 5.55 -19.16
C SER B 204 -50.38 6.95 -19.74
N VAL B 205 -50.28 7.94 -18.86
CA VAL B 205 -50.20 9.35 -19.24
C VAL B 205 -49.11 9.57 -20.30
N SER B 206 -47.96 8.96 -20.09
CA SER B 206 -46.83 9.09 -21.02
C SER B 206 -47.12 8.48 -22.38
N LEU B 207 -47.84 7.36 -22.38
CA LEU B 207 -48.20 6.69 -23.63
C LEU B 207 -49.28 7.45 -24.39
N HIS B 208 -50.07 8.27 -23.69
CA HIS B 208 -51.07 9.11 -24.34
C HIS B 208 -50.41 10.30 -25.04
N LEU B 209 -49.27 10.74 -24.53
CA LEU B 209 -48.48 11.77 -25.19
C LEU B 209 -47.86 11.21 -26.47
N LEU B 210 -47.40 9.96 -26.40
CA LEU B 210 -46.74 9.31 -27.53
C LEU B 210 -47.73 8.75 -28.55
N SER B 211 -48.90 8.31 -28.06
CA SER B 211 -49.89 7.65 -28.92
C SER B 211 -50.54 8.62 -29.89
N ALA B 212 -50.69 8.17 -31.12
CA ALA B 212 -51.30 8.96 -32.18
C ALA B 212 -52.80 9.17 -31.94
N LEU B 213 -53.44 8.21 -31.28
CA LEU B 213 -54.89 8.23 -31.12
C LEU B 213 -55.37 9.17 -30.02
N SER B 214 -54.63 9.20 -28.91
CA SER B 214 -54.99 10.07 -27.79
C SER B 214 -54.23 11.40 -27.84
N ARG B 215 -53.48 11.60 -28.93
CA ARG B 215 -52.68 12.81 -29.15
C ARG B 215 -53.44 14.12 -28.97
N ASP B 216 -54.60 14.24 -29.63
CA ASP B 216 -55.35 15.49 -29.66
C ASP B 216 -56.45 15.60 -28.61
N LEU B 217 -56.52 14.63 -27.70
CA LEU B 217 -57.62 14.55 -26.76
C LEU B 217 -57.37 15.28 -25.44
N PHE B 218 -56.16 15.84 -25.29
CA PHE B 218 -55.78 16.56 -24.07
C PHE B 218 -54.73 17.64 -24.32
N GLN B 219 -54.48 18.47 -23.32
CA GLN B 219 -53.53 19.58 -23.43
C GLN B 219 -52.18 19.27 -22.79
N ARG B 220 -52.18 19.02 -21.48
CA ARG B 220 -50.94 18.85 -20.70
C ARG B 220 -50.88 17.51 -19.96
N ALA B 221 -49.68 17.20 -19.44
CA ALA B 221 -49.46 15.95 -18.70
C ALA B 221 -48.67 16.16 -17.41
N ILE B 222 -49.08 15.46 -16.35
CA ILE B 222 -48.31 15.36 -15.11
C ILE B 222 -48.02 13.88 -14.84
N LEU B 223 -46.74 13.55 -14.65
CA LEU B 223 -46.31 12.16 -14.54
C LEU B 223 -45.56 11.89 -13.23
N GLN B 224 -46.24 11.22 -12.29
CA GLN B 224 -45.66 10.97 -10.96
C GLN B 224 -45.04 9.57 -10.85
N SER B 225 -43.73 9.53 -10.62
CA SER B 225 -42.97 8.30 -10.43
C SER B 225 -43.16 7.26 -11.53
N GLY B 226 -43.04 7.69 -12.79
CA GLY B 226 -43.12 6.78 -13.92
C GLY B 226 -42.83 7.41 -15.27
N SER B 227 -42.28 6.62 -16.18
CA SER B 227 -42.01 7.05 -17.55
C SER B 227 -42.15 5.90 -18.53
N PRO B 228 -42.38 6.18 -19.81
CA PRO B 228 -42.62 5.09 -20.77
C PRO B 228 -41.35 4.29 -21.05
N THR B 229 -40.20 4.87 -20.70
CA THR B 229 -38.90 4.25 -20.93
C THR B 229 -38.48 3.30 -19.80
N ALA B 230 -39.30 3.22 -18.75
CA ALA B 230 -39.09 2.29 -17.65
C ALA B 230 -39.09 0.84 -18.12
N PRO B 231 -38.23 -0.01 -17.53
CA PRO B 231 -38.06 -1.40 -17.98
C PRO B 231 -39.34 -2.23 -17.85
N TRP B 232 -40.16 -1.90 -16.86
CA TRP B 232 -41.37 -2.67 -16.57
C TRP B 232 -42.60 -2.20 -17.35
N ALA B 233 -42.45 -1.12 -18.10
CA ALA B 233 -43.55 -0.53 -18.87
C ALA B 233 -44.02 -1.38 -20.05
N LEU B 234 -43.08 -1.99 -20.76
CA LEU B 234 -43.41 -2.74 -21.98
C LEU B 234 -42.85 -4.15 -22.03
N VAL B 235 -43.44 -4.94 -22.92
CA VAL B 235 -42.99 -6.29 -23.25
C VAL B 235 -42.91 -6.43 -24.76
N SER B 236 -41.98 -7.25 -25.25
CA SER B 236 -41.93 -7.56 -26.67
C SER B 236 -43.14 -8.41 -27.02
N ARG B 237 -43.72 -8.17 -28.19
CA ARG B 237 -44.90 -8.93 -28.64
C ARG B 237 -44.60 -10.42 -28.82
N GLU B 238 -43.33 -10.73 -29.07
CA GLU B 238 -42.85 -12.12 -29.12
C GLU B 238 -42.98 -12.78 -27.74
N GLU B 239 -42.73 -12.00 -26.69
CA GLU B 239 -42.89 -12.46 -25.32
C GLU B 239 -44.35 -12.44 -24.89
N ALA B 240 -45.04 -11.34 -25.18
CA ALA B 240 -46.44 -11.16 -24.79
C ALA B 240 -47.35 -12.28 -25.28
N THR B 241 -47.09 -12.78 -26.49
CA THR B 241 -47.81 -13.93 -27.05
C THR B 241 -47.53 -15.20 -26.23
N LEU B 242 -46.28 -15.37 -25.82
CA LEU B 242 -45.88 -16.52 -25.01
C LEU B 242 -46.47 -16.43 -23.61
N ARG B 243 -46.48 -15.22 -23.04
CA ARG B 243 -47.05 -14.96 -21.72
C ARG B 243 -48.52 -15.37 -21.66
N ALA B 244 -49.23 -15.11 -22.76
CA ALA B 244 -50.65 -15.43 -22.89
C ALA B 244 -50.88 -16.94 -22.97
N LEU B 245 -50.08 -17.61 -23.81
CA LEU B 245 -50.17 -19.05 -23.99
C LEU B 245 -49.85 -19.81 -22.69
N ARG B 246 -48.92 -19.26 -21.92
CA ARG B 246 -48.59 -19.78 -20.60
C ARG B 246 -49.76 -19.67 -19.63
N LEU B 247 -50.48 -18.54 -19.70
CA LEU B 247 -51.69 -18.35 -18.88
C LEU B 247 -52.78 -19.34 -19.28
N ALA B 248 -52.91 -19.59 -20.58
CA ALA B 248 -53.85 -20.58 -21.09
C ALA B 248 -53.52 -21.98 -20.58
N GLU B 249 -52.24 -22.36 -20.68
CA GLU B 249 -51.75 -23.64 -20.18
C GLU B 249 -51.99 -23.81 -18.68
N ALA B 250 -51.71 -22.76 -17.91
CA ALA B 250 -51.84 -22.80 -16.44
C ALA B 250 -53.29 -22.85 -15.95
N VAL B 251 -54.21 -22.31 -16.76
CA VAL B 251 -55.63 -22.33 -16.42
C VAL B 251 -56.33 -23.55 -17.06
N GLY B 252 -55.60 -24.27 -17.91
CA GLY B 252 -56.12 -25.49 -18.53
C GLY B 252 -56.83 -25.26 -19.84
N CYS B 253 -56.30 -24.34 -20.64
CA CYS B 253 -56.84 -24.03 -21.97
C CYS B 253 -55.85 -24.43 -23.06
N PRO B 254 -56.33 -24.55 -24.32
CA PRO B 254 -55.43 -24.85 -25.44
C PRO B 254 -54.30 -23.83 -25.57
N HIS B 255 -53.06 -24.30 -25.43
CA HIS B 255 -51.89 -23.44 -25.52
C HIS B 255 -51.14 -23.64 -26.85
N GLU B 256 -51.87 -24.08 -27.87
CA GLU B 256 -51.30 -24.35 -29.19
C GLU B 256 -51.09 -23.05 -29.98
N PRO B 257 -49.82 -22.74 -30.31
CA PRO B 257 -49.47 -21.50 -31.03
C PRO B 257 -50.04 -21.42 -32.46
N SER B 258 -50.41 -22.56 -33.04
CA SER B 258 -50.95 -22.62 -34.40
C SER B 258 -52.39 -22.12 -34.49
N LYS B 259 -53.23 -22.59 -33.57
CA LYS B 259 -54.64 -22.17 -33.51
C LYS B 259 -54.89 -21.33 -32.25
N LEU B 260 -54.73 -20.02 -32.39
CA LEU B 260 -54.81 -19.09 -31.28
C LEU B 260 -56.25 -18.77 -30.91
N SER B 261 -57.14 -18.91 -31.88
CA SER B 261 -58.57 -18.66 -31.69
C SER B 261 -59.18 -19.62 -30.67
N ASP B 262 -58.66 -20.84 -30.64
CA ASP B 262 -59.09 -21.85 -29.68
C ASP B 262 -58.65 -21.49 -28.26
N ALA B 263 -57.53 -20.77 -28.17
CA ALA B 263 -57.01 -20.31 -26.88
C ALA B 263 -57.88 -19.21 -26.27
N VAL B 264 -58.13 -18.14 -27.04
CA VAL B 264 -58.92 -17.01 -26.56
C VAL B 264 -60.35 -17.40 -26.23
N GLU B 265 -60.92 -18.31 -27.02
CA GLU B 265 -62.29 -18.77 -26.82
C GLU B 265 -62.45 -19.52 -25.50
N CYS B 266 -61.46 -20.36 -25.17
CA CYS B 266 -61.43 -21.05 -23.89
C CYS B 266 -61.28 -20.06 -22.74
N LEU B 267 -60.43 -19.05 -22.94
CA LEU B 267 -60.18 -18.03 -21.94
C LEU B 267 -61.39 -17.12 -21.71
N ARG B 268 -62.19 -16.92 -22.75
CA ARG B 268 -63.46 -16.20 -22.65
C ARG B 268 -64.49 -16.95 -21.78
N GLY B 269 -64.29 -18.26 -21.66
CA GLY B 269 -65.17 -19.11 -20.87
C GLY B 269 -64.81 -19.20 -19.39
N LYS B 270 -63.53 -19.03 -19.07
CA LYS B 270 -63.04 -19.15 -17.69
C LYS B 270 -63.43 -17.96 -16.83
N ASP B 271 -63.68 -18.21 -15.55
CA ASP B 271 -64.00 -17.18 -14.56
C ASP B 271 -62.88 -16.13 -14.49
N PRO B 272 -63.24 -14.83 -14.38
CA PRO B 272 -62.24 -13.75 -14.35
C PRO B 272 -61.28 -13.77 -13.16
N HIS B 273 -61.74 -14.23 -12.00
CA HIS B 273 -60.91 -14.28 -10.80
C HIS B 273 -59.80 -15.31 -10.87
N VAL B 274 -60.11 -16.51 -11.35
CA VAL B 274 -59.11 -17.55 -11.52
C VAL B 274 -58.13 -17.18 -12.63
N LEU B 275 -58.61 -16.35 -13.57
CA LEU B 275 -57.82 -15.89 -14.70
C LEU B 275 -56.70 -14.94 -14.24
N VAL B 276 -57.04 -14.01 -13.34
CA VAL B 276 -56.08 -13.02 -12.85
C VAL B 276 -55.12 -13.57 -11.80
N ASN B 277 -55.52 -14.66 -11.16
CA ASN B 277 -54.72 -15.30 -10.12
C ASN B 277 -53.61 -16.19 -10.68
N ASN B 278 -53.72 -16.55 -11.95
CA ASN B 278 -52.77 -17.45 -12.60
C ASN B 278 -51.76 -16.75 -13.52
N GLU B 279 -51.67 -15.43 -13.40
CA GLU B 279 -50.81 -14.63 -14.27
C GLU B 279 -49.34 -14.69 -13.84
N TRP B 280 -49.13 -15.01 -12.57
CA TRP B 280 -47.83 -14.81 -11.94
C TRP B 280 -46.92 -16.02 -11.93
N GLY B 281 -45.95 -16.04 -12.84
CA GLY B 281 -44.90 -17.05 -12.85
C GLY B 281 -43.71 -16.53 -12.10
N THR B 282 -42.52 -16.99 -12.48
CA THR B 282 -41.27 -16.45 -11.96
C THR B 282 -40.96 -15.11 -12.63
N LEU B 283 -41.08 -14.04 -11.86
CA LEU B 283 -40.82 -12.69 -12.33
C LEU B 283 -39.94 -11.94 -11.34
N GLY B 284 -38.89 -11.31 -11.85
CA GLY B 284 -37.94 -10.54 -11.04
C GLY B 284 -38.61 -9.35 -10.38
N ILE B 285 -37.86 -8.64 -9.55
CA ILE B 285 -38.40 -7.47 -8.87
C ILE B 285 -38.78 -6.38 -9.87
N CYS B 286 -39.90 -5.71 -9.62
CA CYS B 286 -40.40 -4.62 -10.46
C CYS B 286 -40.59 -5.02 -11.93
N GLU B 287 -41.16 -6.19 -12.16
CA GLU B 287 -41.64 -6.59 -13.49
C GLU B 287 -42.98 -7.32 -13.41
N PHE B 288 -43.90 -6.93 -14.30
CA PHE B 288 -45.30 -7.31 -14.18
C PHE B 288 -45.77 -8.12 -15.39
N PRO B 289 -46.69 -9.09 -15.16
CA PRO B 289 -47.06 -10.12 -16.15
C PRO B 289 -47.80 -9.59 -17.38
N PHE B 290 -48.72 -8.66 -17.18
CA PHE B 290 -49.48 -8.09 -18.28
C PHE B 290 -49.45 -6.56 -18.29
N VAL B 291 -48.77 -6.04 -19.31
CA VAL B 291 -48.45 -4.62 -19.45
C VAL B 291 -48.62 -4.20 -20.91
N PRO B 292 -48.55 -2.88 -21.20
CA PRO B 292 -48.60 -2.41 -22.58
C PRO B 292 -47.60 -3.11 -23.51
N VAL B 293 -47.93 -3.10 -24.79
CA VAL B 293 -47.09 -3.69 -25.83
C VAL B 293 -47.25 -2.86 -27.10
N VAL B 294 -46.23 -2.87 -27.97
CA VAL B 294 -46.34 -2.24 -29.28
C VAL B 294 -47.29 -3.05 -30.17
N ASP B 295 -48.49 -2.49 -30.40
CA ASP B 295 -49.56 -3.20 -31.12
C ASP B 295 -49.73 -2.78 -32.57
N GLY B 296 -49.18 -1.62 -32.93
CA GLY B 296 -49.34 -1.06 -34.27
C GLY B 296 -50.49 -0.09 -34.37
N ALA B 297 -51.43 -0.18 -33.43
CA ALA B 297 -52.63 0.67 -33.43
C ALA B 297 -52.50 1.84 -32.45
N PHE B 298 -52.28 1.55 -31.17
CA PHE B 298 -52.09 2.57 -30.15
C PHE B 298 -50.64 3.06 -30.21
N LEU B 299 -49.72 2.14 -30.44
CA LEU B 299 -48.30 2.45 -30.54
C LEU B 299 -47.71 1.77 -31.77
N ASP B 300 -47.16 2.55 -32.69
CA ASP B 300 -46.61 2.00 -33.93
C ASP B 300 -45.10 1.68 -33.86
N GLU B 301 -44.52 1.83 -32.66
CA GLU B 301 -43.10 1.54 -32.40
C GLU B 301 -42.81 1.65 -30.91
N THR B 302 -41.65 1.14 -30.48
CA THR B 302 -41.22 1.23 -29.08
C THR B 302 -41.10 2.69 -28.64
N PRO B 303 -41.49 2.99 -27.39
CA PRO B 303 -41.40 4.34 -26.83
C PRO B 303 -39.95 4.87 -26.85
N GLN B 304 -39.00 3.94 -26.79
CA GLN B 304 -37.58 4.26 -26.87
C GLN B 304 -37.26 4.97 -28.19
N ARG B 305 -37.75 4.41 -29.30
CA ARG B 305 -37.54 4.99 -30.62
C ARG B 305 -38.34 6.26 -30.81
N SER B 306 -39.57 6.29 -30.29
CA SER B 306 -40.42 7.48 -30.33
C SER B 306 -39.72 8.65 -29.66
N LEU B 307 -39.09 8.39 -28.52
CA LEU B 307 -38.32 9.39 -27.78
C LEU B 307 -37.09 9.86 -28.56
N ALA B 308 -36.30 8.92 -29.04
CA ALA B 308 -35.08 9.21 -29.80
C ALA B 308 -35.34 9.98 -31.09
N SER B 309 -36.36 9.56 -31.83
CA SER B 309 -36.77 10.22 -33.07
C SER B 309 -37.50 11.53 -32.78
N GLY B 310 -38.00 11.68 -31.56
CA GLY B 310 -38.58 12.92 -31.10
C GLY B 310 -40.05 13.12 -31.37
N ARG B 311 -40.75 12.04 -31.72
CA ARG B 311 -42.20 12.13 -31.98
C ARG B 311 -43.05 11.87 -30.74
N PHE B 312 -43.48 12.97 -30.13
CA PHE B 312 -44.40 12.99 -28.99
C PHE B 312 -45.01 14.39 -28.88
N LYS B 313 -46.09 14.52 -28.12
CA LYS B 313 -46.81 15.78 -28.04
C LYS B 313 -45.97 16.94 -27.50
N LYS B 314 -45.80 17.98 -28.31
CA LYS B 314 -45.09 19.19 -27.92
C LYS B 314 -45.93 19.94 -26.87
N THR B 315 -45.51 19.85 -25.60
CA THR B 315 -46.30 20.35 -24.47
C THR B 315 -45.47 20.50 -23.19
N GLU B 316 -45.99 21.26 -22.23
CA GLU B 316 -45.45 21.33 -20.88
C GLU B 316 -45.62 19.99 -20.14
N ILE B 317 -44.68 19.67 -19.27
CA ILE B 317 -44.67 18.39 -18.56
C ILE B 317 -44.15 18.57 -17.13
N LEU B 318 -44.95 18.17 -16.15
CA LEU B 318 -44.52 18.15 -14.76
C LEU B 318 -44.33 16.70 -14.33
N THR B 319 -43.11 16.37 -13.95
CA THR B 319 -42.76 14.99 -13.61
C THR B 319 -41.78 14.96 -12.44
N GLY B 320 -41.61 13.80 -11.81
CA GLY B 320 -40.68 13.67 -10.69
C GLY B 320 -40.71 12.34 -9.99
N SER B 321 -39.78 12.16 -9.05
CA SER B 321 -39.61 10.90 -8.31
C SER B 321 -39.56 11.15 -6.81
N ASN B 322 -39.69 10.08 -6.03
CA ASN B 322 -39.54 10.12 -4.57
C ASN B 322 -38.15 9.63 -4.16
N THR B 323 -37.80 9.83 -2.90
CA THR B 323 -36.45 9.53 -2.42
C THR B 323 -36.16 8.03 -2.34
N GLU B 324 -37.10 7.26 -1.77
CA GLU B 324 -36.94 5.81 -1.61
C GLU B 324 -37.99 5.04 -2.40
N GLU B 325 -37.75 4.90 -3.71
CA GLU B 325 -38.72 4.27 -4.60
C GLU B 325 -38.71 2.75 -4.45
N GLY B 326 -37.50 2.20 -4.30
CA GLY B 326 -37.29 0.75 -4.28
C GLY B 326 -37.88 0.00 -3.11
N TYR B 327 -37.78 0.58 -1.91
CA TYR B 327 -38.18 -0.10 -0.66
C TYR B 327 -39.49 -0.88 -0.75
N TYR B 328 -40.56 -0.20 -1.16
CA TYR B 328 -41.89 -0.82 -1.25
C TYR B 328 -41.88 -2.17 -1.98
N PHE B 329 -41.12 -2.23 -3.08
CA PHE B 329 -41.04 -3.44 -3.89
C PHE B 329 -40.09 -4.47 -3.28
N ILE B 330 -39.06 -3.99 -2.60
CA ILE B 330 -38.09 -4.88 -1.94
C ILE B 330 -38.65 -5.42 -0.62
N ILE B 331 -39.79 -4.89 -0.18
CA ILE B 331 -40.48 -5.45 0.98
C ILE B 331 -41.30 -6.69 0.58
N TYR B 332 -42.07 -6.57 -0.49
CA TYR B 332 -42.95 -7.66 -0.96
C TYR B 332 -42.15 -8.78 -1.65
N TYR B 333 -41.33 -8.41 -2.62
CA TYR B 333 -40.31 -9.30 -3.16
C TYR B 333 -39.20 -9.32 -2.13
N LEU B 334 -38.40 -10.39 -2.12
CA LEU B 334 -37.24 -10.49 -1.23
C LEU B 334 -37.66 -10.35 0.24
N THR B 335 -38.60 -11.19 0.67
CA THR B 335 -39.34 -10.97 1.92
C THR B 335 -38.58 -11.32 3.21
N GLU B 336 -37.75 -12.36 3.15
CA GLU B 336 -36.99 -12.83 4.32
C GLU B 336 -36.08 -11.75 4.87
N LEU B 337 -35.31 -11.12 3.98
CA LEU B 337 -34.57 -9.91 4.31
C LEU B 337 -35.52 -8.73 4.23
N LEU B 338 -35.24 -7.68 5.01
CA LEU B 338 -36.00 -6.44 4.94
C LEU B 338 -37.47 -6.65 5.33
N ARG B 339 -37.69 -7.29 6.47
CA ARG B 339 -39.03 -7.59 6.98
C ARG B 339 -39.70 -6.32 7.53
N LYS B 340 -41.03 -6.36 7.61
CA LYS B 340 -41.83 -5.23 8.09
C LYS B 340 -41.75 -5.08 9.62
N GLU B 341 -40.80 -4.27 10.06
CA GLU B 341 -40.57 -4.01 11.49
C GLU B 341 -39.52 -2.91 11.64
N GLU B 342 -39.47 -2.31 12.82
CA GLU B 342 -38.55 -1.20 13.09
C GLU B 342 -37.09 -1.64 13.20
N GLY B 343 -36.20 -0.70 12.91
CA GLY B 343 -34.75 -0.86 13.11
C GLY B 343 -34.08 -2.05 12.44
N VAL B 344 -34.59 -2.47 11.28
CA VAL B 344 -33.94 -3.53 10.52
C VAL B 344 -32.78 -2.97 9.72
N THR B 345 -31.71 -3.76 9.60
CA THR B 345 -30.53 -3.39 8.81
C THR B 345 -30.07 -4.56 7.96
N VAL B 346 -29.01 -4.35 7.19
CA VAL B 346 -28.49 -5.37 6.29
C VAL B 346 -26.96 -5.43 6.42
N THR B 347 -26.43 -6.63 6.64
CA THR B 347 -24.99 -6.86 6.69
C THR B 347 -24.42 -6.81 5.28
N ARG B 348 -23.10 -6.73 5.16
CA ARG B 348 -22.47 -6.68 3.84
C ARG B 348 -22.63 -7.98 3.07
N GLU B 349 -22.58 -9.11 3.79
CA GLU B 349 -22.78 -10.43 3.18
C GLU B 349 -24.22 -10.58 2.66
N GLU B 350 -25.19 -10.10 3.44
CA GLU B 350 -26.60 -10.07 3.02
C GLU B 350 -26.79 -9.15 1.82
N PHE B 351 -26.11 -8.00 1.85
CA PHE B 351 -26.14 -7.02 0.76
C PHE B 351 -25.66 -7.62 -0.56
N LEU B 352 -24.50 -8.27 -0.53
CA LEU B 352 -23.92 -8.91 -1.72
C LEU B 352 -24.82 -10.00 -2.30
N GLN B 353 -25.53 -10.72 -1.45
CA GLN B 353 -26.49 -11.71 -1.92
C GLN B 353 -27.73 -11.06 -2.52
N ALA B 354 -28.10 -9.89 -1.98
CA ALA B 354 -29.26 -9.16 -2.46
C ALA B 354 -29.06 -8.66 -3.90
N VAL B 355 -27.90 -8.05 -4.17
CA VAL B 355 -27.60 -7.52 -5.51
C VAL B 355 -27.63 -8.61 -6.58
N ARG B 356 -27.30 -9.84 -6.16
CA ARG B 356 -27.35 -11.00 -7.03
C ARG B 356 -28.81 -11.32 -7.40
N GLU B 357 -29.69 -11.22 -6.41
CA GLU B 357 -31.10 -11.51 -6.59
C GLU B 357 -31.84 -10.34 -7.20
N LEU B 358 -31.47 -9.13 -6.81
CA LEU B 358 -32.14 -7.91 -7.30
C LEU B 358 -31.74 -7.54 -8.73
N ASN B 359 -30.63 -8.08 -9.21
CA ASN B 359 -30.17 -7.88 -10.58
C ASN B 359 -29.70 -9.18 -11.24
N PRO B 360 -30.61 -10.16 -11.45
CA PRO B 360 -30.13 -11.45 -11.92
C PRO B 360 -29.99 -11.58 -13.43
N TYR B 361 -29.79 -10.46 -14.12
CA TYR B 361 -29.60 -10.49 -15.57
C TYR B 361 -28.20 -10.04 -15.99
N VAL B 362 -27.42 -9.58 -15.01
CA VAL B 362 -26.07 -9.07 -15.27
C VAL B 362 -25.02 -10.16 -15.14
N ASN B 363 -23.92 -10.00 -15.87
CA ASN B 363 -22.89 -11.03 -16.00
C ASN B 363 -22.15 -11.41 -14.72
N GLY B 364 -21.78 -10.42 -13.91
CA GLY B 364 -21.02 -10.70 -12.69
C GLY B 364 -19.89 -9.71 -12.48
N ALA B 365 -19.24 -9.33 -13.57
CA ALA B 365 -18.32 -8.19 -13.54
C ALA B 365 -19.16 -6.92 -13.38
N ALA B 366 -20.38 -6.97 -13.92
CA ALA B 366 -21.36 -5.90 -13.78
C ALA B 366 -21.91 -5.84 -12.35
N ARG B 367 -22.03 -6.98 -11.70
CA ARG B 367 -22.41 -7.03 -10.28
C ARG B 367 -21.40 -6.29 -9.41
N GLN B 368 -20.12 -6.47 -9.73
CA GLN B 368 -19.02 -5.77 -9.05
C GLN B 368 -19.13 -4.27 -9.29
N ALA B 369 -19.46 -3.90 -10.53
CA ALA B 369 -19.70 -2.51 -10.89
C ALA B 369 -20.89 -1.93 -10.13
N ILE B 370 -21.91 -2.75 -9.90
CA ILE B 370 -23.12 -2.34 -9.18
C ILE B 370 -22.85 -2.20 -7.67
N VAL B 371 -22.14 -3.17 -7.10
CA VAL B 371 -21.83 -3.10 -5.66
C VAL B 371 -20.87 -1.96 -5.36
N PHE B 372 -19.92 -1.72 -6.26
CA PHE B 372 -18.95 -0.64 -6.07
C PHE B 372 -19.61 0.72 -6.14
N GLU B 373 -20.50 0.90 -7.11
CA GLU B 373 -21.25 2.14 -7.28
C GLU B 373 -22.20 2.39 -6.11
N TYR B 374 -22.82 1.32 -5.63
CA TYR B 374 -23.86 1.45 -4.60
C TYR B 374 -23.42 1.15 -3.17
N THR B 375 -22.10 1.15 -2.93
CA THR B 375 -21.59 1.05 -1.56
C THR B 375 -20.91 2.35 -1.13
N ASP B 376 -21.24 2.83 0.06
CA ASP B 376 -20.63 4.03 0.62
C ASP B 376 -19.22 3.69 1.09
N TRP B 377 -18.22 4.26 0.42
CA TRP B 377 -16.84 3.85 0.65
C TRP B 377 -16.14 4.49 1.85
N THR B 378 -16.78 5.48 2.46
CA THR B 378 -16.28 6.04 3.72
C THR B 378 -16.56 5.09 4.89
N GLU B 379 -17.65 4.32 4.75
CA GLU B 379 -17.98 3.24 5.69
C GLU B 379 -18.72 2.12 4.94
N PRO B 380 -17.97 1.19 4.31
CA PRO B 380 -18.53 0.14 3.45
C PRO B 380 -19.40 -0.88 4.16
N ASP B 381 -19.11 -1.13 5.44
CA ASP B 381 -19.78 -2.17 6.20
C ASP B 381 -20.92 -1.66 7.07
N ASN B 382 -21.19 -0.35 7.00
CA ASN B 382 -22.31 0.24 7.73
C ASN B 382 -23.62 -0.48 7.39
N PRO B 383 -24.33 -0.96 8.43
CA PRO B 383 -25.53 -1.79 8.27
C PRO B 383 -26.70 -1.06 7.61
N ASN B 384 -26.90 0.20 7.96
CA ASN B 384 -27.92 1.05 7.34
C ASN B 384 -27.56 1.37 5.91
N SER B 385 -26.29 1.74 5.70
CA SER B 385 -25.77 2.10 4.39
C SER B 385 -26.02 0.99 3.37
N ASN B 386 -25.78 -0.25 3.77
CA ASN B 386 -26.02 -1.41 2.91
C ASN B 386 -27.50 -1.71 2.70
N ARG B 387 -28.35 -1.22 3.61
CA ARG B 387 -29.79 -1.36 3.44
C ARG B 387 -30.32 -0.31 2.45
N ASP B 388 -29.96 0.95 2.72
CA ASP B 388 -30.35 2.09 1.88
C ASP B 388 -29.83 1.94 0.46
N ALA B 389 -28.71 1.23 0.33
CA ALA B 389 -28.09 0.93 -0.96
C ALA B 389 -28.98 0.08 -1.85
N LEU B 390 -29.73 -0.83 -1.23
CA LEU B 390 -30.65 -1.71 -1.96
C LEU B 390 -31.84 -0.94 -2.53
N ASP B 391 -32.40 -0.05 -1.73
CA ASP B 391 -33.49 0.81 -2.14
C ASP B 391 -33.09 1.67 -3.34
N LYS B 392 -31.86 2.18 -3.32
CA LYS B 392 -31.37 3.06 -4.36
C LYS B 392 -31.17 2.36 -5.70
N MET B 393 -30.51 1.20 -5.70
CA MET B 393 -30.22 0.48 -6.95
C MET B 393 -31.46 -0.06 -7.64
N VAL B 394 -32.52 -0.30 -6.88
CA VAL B 394 -33.80 -0.69 -7.44
C VAL B 394 -34.58 0.56 -7.82
N GLY B 395 -34.58 1.54 -6.91
CA GLY B 395 -35.29 2.81 -7.11
C GLY B 395 -34.77 3.63 -8.27
N ASP B 396 -33.47 3.57 -8.52
CA ASP B 396 -32.85 4.30 -9.63
C ASP B 396 -33.11 3.60 -10.95
N TYR B 397 -32.88 2.29 -11.01
CA TYR B 397 -32.99 1.53 -12.25
C TYR B 397 -34.42 1.51 -12.80
N HIS B 398 -35.38 1.21 -11.93
CA HIS B 398 -36.76 1.00 -12.35
C HIS B 398 -37.59 2.28 -12.41
N PHE B 399 -37.15 3.32 -11.69
CA PHE B 399 -37.95 4.53 -11.58
C PHE B 399 -37.19 5.81 -11.86
N THR B 400 -36.40 6.27 -10.90
CA THR B 400 -35.77 7.60 -10.93
C THR B 400 -35.01 7.91 -12.23
N CYS B 401 -34.29 6.92 -12.74
CA CYS B 401 -33.47 7.12 -13.94
C CYS B 401 -34.25 7.12 -15.24
N ASN B 402 -35.45 6.57 -15.19
CA ASN B 402 -36.34 6.58 -16.34
C ASN B 402 -37.17 7.84 -16.38
N VAL B 403 -37.55 8.33 -15.20
CA VAL B 403 -38.22 9.62 -15.05
C VAL B 403 -37.28 10.73 -15.52
N ASN B 404 -36.02 10.63 -15.13
CA ASN B 404 -34.99 11.60 -15.53
C ASN B 404 -34.75 11.66 -17.04
N GLU B 405 -34.79 10.50 -17.68
CA GLU B 405 -34.57 10.40 -19.12
C GLU B 405 -35.72 11.03 -19.91
N PHE B 406 -36.94 10.75 -19.47
CA PHE B 406 -38.13 11.27 -20.14
C PHE B 406 -38.18 12.79 -20.07
N ALA B 407 -37.89 13.33 -18.88
CA ALA B 407 -37.85 14.78 -18.69
C ALA B 407 -36.70 15.41 -19.46
N GLN B 408 -35.62 14.64 -19.61
CA GLN B 408 -34.44 15.10 -20.31
C GLN B 408 -34.73 15.29 -21.79
N ARG B 409 -35.33 14.27 -22.41
CA ARG B 409 -35.69 14.30 -23.84
C ARG B 409 -36.72 15.39 -24.14
N TYR B 410 -37.71 15.54 -23.28
CA TYR B 410 -38.73 16.57 -23.43
C TYR B 410 -38.13 17.97 -23.39
N ALA B 411 -37.10 18.13 -22.57
CA ALA B 411 -36.42 19.41 -22.40
C ALA B 411 -35.69 19.83 -23.66
N GLU B 412 -34.96 18.90 -24.27
CA GLU B 412 -34.17 19.23 -25.45
C GLU B 412 -35.00 19.39 -26.73
N GLU B 413 -36.18 18.78 -26.74
CA GLU B 413 -37.13 18.96 -27.84
C GLU B 413 -37.81 20.34 -27.81
N GLY B 414 -37.52 21.11 -26.77
CA GLY B 414 -37.94 22.51 -26.69
C GLY B 414 -39.08 22.79 -25.72
N ASN B 415 -39.50 21.78 -24.98
CA ASN B 415 -40.67 21.87 -24.13
C ASN B 415 -40.38 22.29 -22.69
N ASN B 416 -41.33 23.00 -22.07
CA ASN B 416 -41.22 23.35 -20.66
C ASN B 416 -41.37 22.13 -19.74
N VAL B 417 -40.31 21.82 -19.01
CA VAL B 417 -40.30 20.68 -18.10
C VAL B 417 -40.10 21.14 -16.66
N TYR B 418 -40.87 20.57 -15.74
CA TYR B 418 -40.74 20.89 -14.33
C TYR B 418 -40.52 19.62 -13.52
N MET B 419 -39.30 19.47 -13.03
CA MET B 419 -38.88 18.26 -12.32
C MET B 419 -38.93 18.47 -10.81
N TYR B 420 -39.45 17.47 -10.10
CA TYR B 420 -39.51 17.51 -8.64
C TYR B 420 -38.87 16.28 -8.01
N LEU B 421 -38.42 16.43 -6.77
CA LEU B 421 -38.02 15.30 -5.94
C LEU B 421 -38.79 15.39 -4.63
N TYR B 422 -39.61 14.39 -4.36
CA TYR B 422 -40.47 14.38 -3.18
C TYR B 422 -39.74 13.75 -1.99
N THR B 423 -39.56 14.52 -0.93
CA THR B 423 -38.72 14.13 0.20
C THR B 423 -39.44 14.04 1.55
N HIS B 424 -40.75 14.21 1.55
CA HIS B 424 -41.50 14.36 2.81
C HIS B 424 -42.16 13.07 3.33
N ARG B 425 -41.89 12.78 4.60
CA ARG B 425 -42.53 11.67 5.32
C ARG B 425 -43.66 12.19 6.20
N SER B 426 -44.83 11.55 6.09
CA SER B 426 -45.95 11.86 6.98
C SER B 426 -45.57 11.53 8.42
N LYS B 427 -45.90 12.43 9.34
CA LYS B 427 -45.56 12.26 10.75
C LYS B 427 -46.25 11.05 11.35
N GLY B 428 -47.43 10.73 10.82
CA GLY B 428 -48.18 9.55 11.24
C GLY B 428 -48.11 8.42 10.22
N ASN B 429 -46.93 8.22 9.64
CA ASN B 429 -46.73 7.13 8.68
C ASN B 429 -46.78 5.77 9.38
N PRO B 430 -47.68 4.88 8.91
CA PRO B 430 -47.87 3.55 9.51
C PRO B 430 -46.70 2.58 9.25
N TRP B 431 -45.95 2.82 8.18
CA TRP B 431 -44.82 1.98 7.81
C TRP B 431 -43.62 2.19 8.73
N PRO B 432 -42.66 1.23 8.74
CA PRO B 432 -41.44 1.40 9.53
C PRO B 432 -40.67 2.67 9.17
N ARG B 433 -39.88 3.17 10.11
CA ARG B 433 -39.21 4.46 9.95
C ARG B 433 -38.09 4.44 8.91
N TRP B 434 -37.44 3.29 8.77
CA TRP B 434 -36.31 3.12 7.84
C TRP B 434 -36.73 3.11 6.36
N THR B 435 -38.04 3.00 6.11
CA THR B 435 -38.56 3.00 4.75
C THR B 435 -38.43 4.37 4.11
N GLY B 436 -38.47 5.42 4.94
CA GLY B 436 -38.41 6.79 4.45
C GLY B 436 -39.60 7.11 3.58
N VAL B 437 -39.39 7.99 2.60
CA VAL B 437 -40.44 8.34 1.65
C VAL B 437 -40.47 7.33 0.51
N MET B 438 -41.50 6.49 0.53
CA MET B 438 -41.61 5.38 -0.41
C MET B 438 -42.39 5.72 -1.68
N HIS B 439 -42.46 4.74 -2.58
CA HIS B 439 -43.18 4.86 -3.85
C HIS B 439 -44.67 5.09 -3.61
N GLY B 440 -45.15 6.28 -3.98
CA GLY B 440 -46.56 6.62 -3.88
C GLY B 440 -47.00 7.35 -2.62
N ASP B 441 -46.07 8.03 -1.96
CA ASP B 441 -46.35 8.77 -0.72
C ASP B 441 -46.86 10.19 -0.97
N GLU B 442 -46.61 10.69 -2.18
CA GLU B 442 -47.03 12.03 -2.58
C GLU B 442 -48.54 12.08 -2.90
N ILE B 443 -49.12 10.90 -3.13
CA ILE B 443 -50.53 10.78 -3.55
C ILE B 443 -51.50 11.35 -2.51
N ASN B 444 -51.23 11.10 -1.23
CA ASN B 444 -52.03 11.65 -0.14
C ASN B 444 -52.04 13.18 -0.14
N TYR B 445 -50.92 13.78 -0.52
CA TYR B 445 -50.77 15.22 -0.45
C TYR B 445 -51.27 15.96 -1.69
N VAL B 446 -51.23 15.32 -2.86
CA VAL B 446 -51.76 15.93 -4.09
C VAL B 446 -53.28 15.91 -4.11
N PHE B 447 -53.88 15.01 -3.33
CA PHE B 447 -55.34 14.92 -3.24
C PHE B 447 -55.92 15.62 -2.01
N GLY B 448 -55.06 16.30 -1.27
CA GLY B 448 -55.47 17.13 -0.14
C GLY B 448 -55.98 16.38 1.07
N GLU B 449 -55.49 15.16 1.25
CA GLU B 449 -55.90 14.29 2.36
C GLU B 449 -55.67 14.89 3.75
N PRO B 450 -54.54 15.61 3.95
CA PRO B 450 -54.32 16.25 5.26
C PRO B 450 -55.40 17.24 5.72
N LEU B 451 -56.13 17.82 4.76
CA LEU B 451 -57.19 18.79 5.06
C LEU B 451 -58.42 18.16 5.73
N ASN B 452 -58.49 16.83 5.70
CA ASN B 452 -59.52 16.07 6.40
C ASN B 452 -59.26 16.06 7.91
N PRO B 453 -60.16 16.67 8.70
CA PRO B 453 -60.00 16.78 10.15
C PRO B 453 -60.08 15.45 10.90
N THR B 454 -60.68 14.44 10.27
CA THR B 454 -60.79 13.10 10.89
C THR B 454 -59.45 12.35 10.90
N LEU B 455 -58.50 12.84 10.10
CA LEU B 455 -57.15 12.28 10.04
C LEU B 455 -56.16 13.15 10.80
N GLY B 456 -55.19 12.52 11.46
CA GLY B 456 -54.33 13.19 12.44
C GLY B 456 -53.10 13.92 11.94
N TYR B 457 -53.20 14.53 10.75
CA TYR B 457 -52.08 15.28 10.15
C TYR B 457 -51.81 16.60 10.87
N THR B 458 -50.53 16.99 10.93
CA THR B 458 -50.12 18.25 11.54
C THR B 458 -50.48 19.44 10.66
N GLU B 459 -50.44 20.64 11.23
CA GLU B 459 -50.78 21.87 10.51
C GLU B 459 -49.77 22.16 9.40
N ASP B 460 -48.49 21.90 9.68
CA ASP B 460 -47.44 22.01 8.68
C ASP B 460 -47.75 21.13 7.47
N GLU B 461 -48.22 19.91 7.73
CA GLU B 461 -48.58 18.97 6.69
C GLU B 461 -49.83 19.40 5.93
N LYS B 462 -50.72 20.11 6.63
CA LYS B 462 -51.91 20.70 6.00
C LYS B 462 -51.54 21.86 5.08
N ASP B 463 -50.50 22.61 5.45
CA ASP B 463 -49.96 23.69 4.62
C ASP B 463 -49.24 23.14 3.41
N PHE B 464 -48.40 22.13 3.63
CA PHE B 464 -47.61 21.49 2.58
C PHE B 464 -48.51 20.87 1.51
N SER B 465 -49.62 20.27 1.95
CA SER B 465 -50.59 19.67 1.04
C SER B 465 -51.23 20.72 0.15
N ARG B 466 -51.66 21.84 0.75
CA ARG B 466 -52.21 22.97 0.01
C ARG B 466 -51.19 23.57 -0.95
N LYS B 467 -49.90 23.42 -0.62
CA LYS B 467 -48.82 23.98 -1.44
C LYS B 467 -48.62 23.20 -2.74
N ILE B 468 -48.44 21.89 -2.63
CA ILE B 468 -48.20 21.06 -3.81
C ILE B 468 -49.47 20.86 -4.62
N MET B 469 -50.62 21.02 -3.97
CA MET B 469 -51.91 21.03 -4.66
C MET B 469 -52.02 22.22 -5.59
N ARG B 470 -51.55 23.37 -5.14
CA ARG B 470 -51.50 24.57 -5.95
C ARG B 470 -50.53 24.37 -7.12
N TYR B 471 -49.32 23.89 -6.80
CA TYR B 471 -48.33 23.58 -7.83
C TYR B 471 -48.96 22.77 -8.96
N TRP B 472 -49.58 21.66 -8.58
CA TRP B 472 -50.25 20.78 -9.53
C TRP B 472 -51.37 21.47 -10.29
N SER B 473 -52.21 22.22 -9.57
CA SER B 473 -53.41 22.80 -10.15
C SER B 473 -53.11 23.86 -11.19
N ASN B 474 -52.34 24.88 -10.83
CA ASN B 474 -52.06 25.96 -11.77
C ASN B 474 -50.94 25.67 -12.77
N PHE B 475 -50.40 24.45 -12.71
CA PHE B 475 -49.67 23.89 -13.84
C PHE B 475 -50.69 23.43 -14.88
N ALA B 476 -51.73 22.75 -14.40
CA ALA B 476 -52.83 22.28 -15.25
C ALA B 476 -53.61 23.44 -15.86
N LYS B 477 -53.56 24.59 -15.18
CA LYS B 477 -54.18 25.81 -15.68
C LYS B 477 -53.25 26.51 -16.66
N THR B 478 -52.11 26.96 -16.16
CA THR B 478 -51.23 27.88 -16.90
C THR B 478 -50.14 27.21 -17.72
N GLY B 479 -49.71 26.02 -17.32
CA GLY B 479 -48.57 25.35 -17.93
C GLY B 479 -47.29 25.59 -17.15
N ASN B 480 -47.44 26.29 -16.02
CA ASN B 480 -46.34 26.64 -15.15
C ASN B 480 -46.81 26.55 -13.70
N PRO B 481 -46.04 25.84 -12.84
CA PRO B 481 -46.40 25.61 -11.44
C PRO B 481 -46.35 26.87 -10.56
N ASN B 482 -45.42 27.79 -10.84
CA ASN B 482 -45.16 28.95 -9.97
C ASN B 482 -46.39 29.83 -9.76
N PRO B 483 -46.57 30.35 -8.52
CA PRO B 483 -47.72 31.22 -8.20
C PRO B 483 -47.55 32.62 -8.79
N ASN B 484 -48.62 33.40 -8.75
CA ASN B 484 -48.59 34.79 -9.24
C ASN B 484 -47.64 35.68 -8.42
N THR B 485 -47.63 35.46 -7.12
CA THR B 485 -46.67 36.11 -6.22
C THR B 485 -45.33 35.40 -6.37
N ALA B 486 -44.26 36.19 -6.46
CA ALA B 486 -42.90 35.68 -6.67
C ALA B 486 -42.77 34.80 -7.94
N SER B 487 -43.64 35.05 -8.92
CA SER B 487 -43.46 34.53 -10.26
C SER B 487 -42.19 35.21 -10.76
N SER B 488 -42.24 36.54 -10.85
CA SER B 488 -41.07 37.40 -10.97
C SER B 488 -40.03 36.87 -11.97
N GLU B 489 -38.77 36.97 -11.58
CA GLU B 489 -37.67 36.30 -12.27
C GLU B 489 -37.03 35.38 -11.23
N PHE B 490 -36.20 34.44 -11.68
CA PHE B 490 -35.75 33.32 -10.85
C PHE B 490 -36.88 32.79 -9.93
N PRO B 491 -37.88 32.11 -10.55
CA PRO B 491 -39.05 31.62 -9.82
C PRO B 491 -38.69 30.50 -8.85
N GLU B 492 -39.56 30.21 -7.89
CA GLU B 492 -39.28 29.20 -6.87
C GLU B 492 -39.08 27.78 -7.42
N TRP B 493 -39.81 27.45 -8.48
CA TRP B 493 -39.63 26.20 -9.19
C TRP B 493 -39.14 26.51 -10.60
N PRO B 494 -37.82 26.33 -10.83
CA PRO B 494 -37.23 26.57 -12.14
C PRO B 494 -37.51 25.46 -13.16
N LYS B 495 -37.46 25.83 -14.44
CA LYS B 495 -37.61 24.88 -15.54
C LYS B 495 -36.47 23.84 -15.52
N HIS B 496 -36.83 22.58 -15.75
CA HIS B 496 -35.85 21.52 -15.93
C HIS B 496 -35.34 21.58 -17.37
N THR B 497 -34.26 22.31 -17.57
CA THR B 497 -33.68 22.49 -18.91
C THR B 497 -32.74 21.35 -19.29
N ALA B 498 -32.44 21.23 -20.58
CA ALA B 498 -31.60 20.16 -21.10
C ALA B 498 -30.20 20.16 -20.49
N HIS B 499 -29.56 21.32 -20.48
CA HIS B 499 -28.24 21.49 -19.89
C HIS B 499 -28.32 21.64 -18.37
N GLY B 500 -29.25 22.47 -17.89
CA GLY B 500 -29.38 22.77 -16.47
C GLY B 500 -29.80 21.60 -15.61
N ARG B 501 -30.85 20.90 -16.06
CA ARG B 501 -31.40 19.72 -15.38
C ARG B 501 -31.78 19.96 -13.92
N HIS B 502 -32.37 21.12 -13.65
CA HIS B 502 -32.73 21.48 -12.28
C HIS B 502 -34.00 20.78 -11.80
N TYR B 503 -34.03 20.51 -10.50
CA TYR B 503 -35.23 19.99 -9.86
C TYR B 503 -35.51 20.77 -8.58
N LEU B 504 -36.78 20.78 -8.15
CA LEU B 504 -37.15 21.38 -6.90
C LEU B 504 -37.36 20.30 -5.85
N GLU B 505 -36.80 20.51 -4.66
CA GLU B 505 -37.04 19.60 -3.55
C GLU B 505 -38.39 19.90 -2.91
N LEU B 506 -39.30 18.94 -3.00
CA LEU B 506 -40.61 19.06 -2.36
C LEU B 506 -40.59 18.43 -0.98
N GLY B 507 -40.47 19.29 0.03
CA GLY B 507 -40.38 18.84 1.41
C GLY B 507 -40.93 19.88 2.36
N LEU B 508 -40.93 19.55 3.66
CA LEU B 508 -41.57 20.38 4.67
C LEU B 508 -41.08 21.83 4.66
N ASN B 509 -39.81 22.06 4.97
CA ASN B 509 -39.36 23.44 5.13
C ASN B 509 -38.25 23.93 4.18
N THR B 510 -38.26 23.42 2.96
CA THR B 510 -37.26 23.81 1.97
C THR B 510 -37.84 24.23 0.62
N SER B 511 -37.09 25.06 -0.10
CA SER B 511 -37.35 25.32 -1.50
C SER B 511 -36.07 25.04 -2.31
N PHE B 512 -35.28 24.10 -1.81
CA PHE B 512 -33.97 23.75 -2.39
C PHE B 512 -34.05 23.27 -3.83
N VAL B 513 -33.13 23.79 -4.64
CA VAL B 513 -33.02 23.43 -6.04
C VAL B 513 -31.71 22.69 -6.28
N GLY B 514 -31.80 21.46 -6.77
CA GLY B 514 -30.62 20.69 -7.14
C GLY B 514 -30.53 20.49 -8.63
N ARG B 515 -29.65 19.58 -9.05
CA ARG B 515 -29.49 19.24 -10.46
C ARG B 515 -29.54 17.74 -10.64
N GLY B 516 -30.68 17.25 -11.12
CA GLY B 516 -30.89 15.81 -11.25
C GLY B 516 -32.36 15.42 -11.24
N PRO B 517 -32.79 14.61 -10.25
CA PRO B 517 -32.01 14.07 -9.13
C PRO B 517 -31.14 12.86 -9.50
N ARG B 518 -30.05 12.68 -8.77
CA ARG B 518 -29.18 11.49 -8.87
C ARG B 518 -28.61 11.27 -10.27
N LEU B 519 -27.75 12.19 -10.70
CA LEU B 519 -27.22 12.19 -12.06
C LEU B 519 -26.16 11.14 -12.34
N ARG B 520 -25.26 10.89 -11.38
CA ARG B 520 -24.21 9.88 -11.60
C ARG B 520 -24.79 8.48 -11.73
N GLN B 521 -25.75 8.15 -10.86
CA GLN B 521 -26.37 6.83 -10.85
C GLN B 521 -27.12 6.56 -12.14
N CYS B 522 -27.82 7.56 -12.65
CA CYS B 522 -28.55 7.42 -13.92
C CYS B 522 -27.60 7.27 -15.10
N ALA B 523 -26.50 8.01 -15.05
CA ALA B 523 -25.43 7.84 -16.02
C ALA B 523 -24.80 6.46 -15.91
N PHE B 524 -24.82 5.89 -14.69
CA PHE B 524 -24.32 4.55 -14.47
C PHE B 524 -25.19 3.52 -15.20
N TRP B 525 -26.50 3.61 -15.02
CA TRP B 525 -27.42 2.64 -15.62
C TRP B 525 -27.62 2.82 -17.12
N LYS B 526 -27.59 4.07 -17.58
CA LYS B 526 -27.89 4.39 -18.98
C LYS B 526 -26.67 4.46 -19.88
N LYS B 527 -25.55 4.94 -19.34
CA LYS B 527 -24.32 5.09 -20.13
C LYS B 527 -23.27 4.04 -19.84
N TYR B 528 -22.79 4.00 -18.59
CA TYR B 528 -21.63 3.18 -18.25
C TYR B 528 -21.89 1.68 -18.27
N LEU B 529 -22.88 1.22 -17.52
CA LEU B 529 -23.13 -0.21 -17.36
C LEU B 529 -23.47 -0.95 -18.66
N PRO B 530 -24.38 -0.42 -19.51
CA PRO B 530 -24.74 -1.14 -20.73
C PRO B 530 -23.59 -1.33 -21.73
N GLN B 531 -22.65 -0.38 -21.74
CA GLN B 531 -21.48 -0.49 -22.60
C GLN B 531 -20.38 -1.35 -21.97
N LEU B 532 -20.47 -1.56 -20.65
CA LEU B 532 -19.62 -2.53 -19.97
C LEU B 532 -20.08 -3.94 -20.33
N VAL B 533 -21.36 -4.24 -20.10
CA VAL B 533 -21.96 -5.54 -20.42
C VAL B 533 -21.76 -5.90 -21.90
N ALA B 534 -21.70 -4.88 -22.75
CA ALA B 534 -21.40 -5.05 -24.18
C ALA B 534 -20.00 -5.61 -24.41
N ALA B 535 -19.05 -5.17 -23.58
CA ALA B 535 -17.66 -5.59 -23.69
C ALA B 535 -17.38 -6.96 -23.05
N THR B 536 -18.17 -7.35 -22.06
CA THR B 536 -17.94 -8.61 -21.32
C THR B 536 -18.75 -9.83 -21.80
N SER B 537 -19.54 -9.66 -22.86
CA SER B 537 -20.38 -10.74 -23.39
C SER B 537 -19.55 -11.85 -24.04
N ASP C 1 39.34 24.44 19.46
CA ASP C 1 39.23 25.47 20.54
C ASP C 1 37.81 25.59 21.09
N ASN C 2 37.65 26.40 22.14
CA ASN C 2 36.36 26.63 22.82
C ASN C 2 35.24 27.11 21.88
N ASP C 3 35.66 27.71 20.77
CA ASP C 3 34.77 28.19 19.72
C ASP C 3 33.72 27.13 19.35
N PRO C 4 32.42 27.45 19.55
CA PRO C 4 31.32 26.55 19.18
C PRO C 4 31.28 26.28 17.67
N LEU C 5 31.89 27.18 16.90
CA LEU C 5 32.05 27.02 15.46
C LEU C 5 33.11 25.95 15.13
N VAL C 6 33.87 25.53 16.14
CA VAL C 6 34.82 24.44 15.98
C VAL C 6 34.31 23.22 16.76
N VAL C 7 33.91 22.18 16.03
CA VAL C 7 33.40 20.95 16.64
C VAL C 7 34.25 19.75 16.21
N ASN C 8 34.46 18.83 17.16
CA ASN C 8 35.30 17.66 16.95
C ASN C 8 34.47 16.42 16.56
N THR C 9 34.54 16.04 15.29
CA THR C 9 33.85 14.86 14.78
C THR C 9 34.73 13.60 14.89
N ASP C 10 34.12 12.43 14.69
CA ASP C 10 34.80 11.13 14.71
C ASP C 10 35.90 10.99 13.66
N LYS C 11 35.77 11.74 12.56
CA LYS C 11 36.75 11.69 11.47
C LYS C 11 37.66 12.92 11.41
N GLY C 12 37.43 13.87 12.32
CA GLY C 12 38.28 15.06 12.42
C GLY C 12 37.59 16.25 13.07
N ARG C 13 38.09 17.45 12.80
CA ARG C 13 37.53 18.67 13.38
C ARG C 13 37.05 19.63 12.28
N ILE C 14 35.96 20.34 12.55
CA ILE C 14 35.31 21.18 11.54
C ILE C 14 35.03 22.62 12.00
N ARG C 15 35.00 23.53 11.03
CA ARG C 15 34.74 24.95 11.29
C ARG C 15 33.41 25.43 10.72
N GLY C 16 32.57 25.97 11.59
CA GLY C 16 31.26 26.50 11.21
C GLY C 16 31.24 28.01 11.11
N ILE C 17 30.04 28.57 11.00
CA ILE C 17 29.84 30.00 10.83
C ILE C 17 28.45 30.42 11.32
N THR C 18 28.39 31.57 11.98
CA THR C 18 27.13 32.17 12.42
C THR C 18 26.56 33.03 11.28
N VAL C 19 25.25 32.91 11.05
CA VAL C 19 24.60 33.69 10.00
C VAL C 19 23.17 34.08 10.42
N ASP C 20 22.66 35.15 9.80
CA ASP C 20 21.27 35.56 10.00
C ASP C 20 20.34 34.68 9.19
N ALA C 21 19.25 34.26 9.81
CA ALA C 21 18.11 33.70 9.10
C ALA C 21 17.40 34.86 8.42
N PRO C 22 16.67 34.59 7.30
CA PRO C 22 15.87 35.66 6.70
C PRO C 22 14.95 36.35 7.72
N SER C 23 14.57 35.63 8.77
CA SER C 23 13.74 36.17 9.86
C SER C 23 14.44 37.25 10.67
N GLY C 24 15.78 37.26 10.65
CA GLY C 24 16.57 38.24 11.39
C GLY C 24 17.32 37.63 12.55
N LYS C 25 16.79 36.52 13.09
CA LYS C 25 17.42 35.79 14.17
C LYS C 25 18.75 35.16 13.72
N LYS C 26 19.63 34.89 14.68
CA LYS C 26 20.94 34.30 14.38
C LYS C 26 20.96 32.79 14.61
N VAL C 27 21.73 32.10 13.76
CA VAL C 27 21.77 30.64 13.74
C VAL C 27 23.16 30.13 13.35
N ASP C 28 23.52 28.94 13.84
CA ASP C 28 24.82 28.33 13.55
C ASP C 28 24.74 27.22 12.51
N VAL C 29 25.62 27.28 11.52
CA VAL C 29 25.59 26.33 10.40
C VAL C 29 26.96 25.67 10.15
N TRP C 30 26.91 24.43 9.66
CA TRP C 30 28.09 23.69 9.22
C TRP C 30 27.80 23.05 7.87
N LEU C 31 28.39 23.61 6.82
CA LEU C 31 28.03 23.23 5.47
C LEU C 31 29.09 22.41 4.74
N GLY C 32 28.69 21.25 4.24
CA GLY C 32 29.54 20.40 3.42
C GLY C 32 30.45 19.48 4.19
N ILE C 33 29.90 18.86 5.24
CA ILE C 33 30.65 17.90 6.05
C ILE C 33 30.70 16.54 5.35
N PRO C 34 31.91 16.08 4.98
CA PRO C 34 32.00 14.79 4.27
C PRO C 34 31.69 13.62 5.18
N TYR C 35 30.69 12.82 4.80
CA TYR C 35 30.32 11.63 5.57
C TYR C 35 30.80 10.34 4.90
N ALA C 36 31.41 10.48 3.73
CA ALA C 36 31.93 9.34 2.97
C ALA C 36 33.03 9.72 1.97
N GLN C 37 33.87 8.75 1.63
CA GLN C 37 34.85 8.89 0.54
C GLN C 37 34.11 9.23 -0.75
N PRO C 38 34.63 10.20 -1.53
CA PRO C 38 34.04 10.49 -2.83
C PRO C 38 33.93 9.25 -3.72
N PRO C 39 32.69 8.85 -4.10
CA PRO C 39 32.45 7.63 -4.87
C PRO C 39 32.83 7.75 -6.35
N VAL C 40 34.12 7.97 -6.62
CA VAL C 40 34.62 8.19 -7.98
C VAL C 40 35.49 7.01 -8.43
N GLY C 41 35.62 6.83 -9.75
CA GLY C 41 36.47 5.79 -10.31
C GLY C 41 35.91 4.40 -10.08
N PRO C 42 36.66 3.55 -9.33
CA PRO C 42 36.23 2.17 -9.04
C PRO C 42 35.08 2.10 -8.03
N LEU C 43 34.87 3.19 -7.28
CA LEU C 43 33.85 3.24 -6.23
C LEU C 43 32.46 3.59 -6.75
N ARG C 44 32.36 3.95 -8.02
CA ARG C 44 31.08 4.29 -8.65
C ARG C 44 30.13 3.10 -8.68
N PHE C 45 28.84 3.39 -8.50
CA PHE C 45 27.76 2.38 -8.49
C PHE C 45 27.78 1.50 -7.25
N ARG C 46 28.80 1.69 -6.41
CA ARG C 46 29.01 0.87 -5.24
C ARG C 46 28.61 1.59 -3.96
N HIS C 47 28.26 0.82 -2.94
CA HIS C 47 27.92 1.34 -1.63
C HIS C 47 29.05 2.22 -1.08
N PRO C 48 28.69 3.25 -0.29
CA PRO C 48 29.71 4.19 0.18
C PRO C 48 30.58 3.59 1.30
N ARG C 49 31.80 4.11 1.41
CA ARG C 49 32.69 3.79 2.52
C ARG C 49 32.77 5.04 3.37
N PRO C 50 32.82 4.88 4.71
CA PRO C 50 32.90 6.06 5.58
C PRO C 50 34.06 6.98 5.21
N ALA C 51 33.97 8.24 5.62
CA ALA C 51 34.98 9.24 5.31
C ALA C 51 36.35 8.85 5.86
N GLU C 52 37.40 9.12 5.08
CA GLU C 52 38.76 9.01 5.60
C GLU C 52 39.05 10.15 6.56
N LYS C 53 39.77 9.83 7.63
CA LYS C 53 40.19 10.81 8.64
C LYS C 53 40.90 11.98 7.97
N TRP C 54 40.61 13.20 8.40
CA TRP C 54 41.30 14.38 7.85
C TRP C 54 42.18 15.06 8.89
N THR C 55 43.33 15.52 8.43
CA THR C 55 44.32 16.20 9.27
C THR C 55 44.05 17.71 9.36
N GLY C 56 44.12 18.24 10.57
CA GLY C 56 43.87 19.65 10.81
C GLY C 56 42.41 19.93 11.13
N VAL C 57 42.01 21.19 11.01
CA VAL C 57 40.63 21.60 11.20
C VAL C 57 40.00 21.95 9.86
N LEU C 58 38.97 21.19 9.48
CA LEU C 58 38.31 21.35 8.19
C LEU C 58 37.33 22.53 8.19
N ASN C 59 37.18 23.15 7.03
CA ASN C 59 36.45 24.40 6.82
C ASN C 59 35.05 24.19 6.25
N THR C 60 34.08 23.95 7.10
CA THR C 60 32.71 23.66 6.62
C THR C 60 31.86 24.91 6.68
N THR C 61 32.13 25.84 5.75
CA THR C 61 31.44 27.12 5.70
C THR C 61 30.73 27.33 4.36
N THR C 62 30.89 26.37 3.45
CA THR C 62 30.44 26.50 2.07
C THR C 62 29.43 25.41 1.70
N PRO C 63 28.30 25.79 1.05
CA PRO C 63 27.34 24.81 0.55
C PRO C 63 27.99 23.76 -0.37
N PRO C 64 27.80 22.46 -0.03
CA PRO C 64 28.45 21.35 -0.73
C PRO C 64 27.95 21.14 -2.15
N ASN C 65 28.69 20.35 -2.93
CA ASN C 65 28.32 20.03 -4.31
C ASN C 65 27.03 19.23 -4.40
N SER C 66 26.32 19.42 -5.51
CA SER C 66 25.12 18.65 -5.80
C SER C 66 25.50 17.45 -6.65
N CYS C 67 24.85 16.31 -6.41
CA CYS C 67 25.16 15.09 -7.17
C CYS C 67 24.81 15.26 -8.64
N VAL C 68 25.60 14.60 -9.50
CA VAL C 68 25.40 14.70 -10.95
C VAL C 68 23.99 14.25 -11.33
N GLN C 69 23.28 15.13 -12.03
CA GLN C 69 21.88 14.93 -12.38
C GLN C 69 21.54 15.71 -13.64
N ILE C 70 20.40 15.38 -14.23
CA ILE C 70 19.88 16.12 -15.39
C ILE C 70 19.36 17.48 -14.92
N VAL C 71 19.39 18.47 -15.81
CA VAL C 71 18.85 19.80 -15.51
C VAL C 71 17.58 20.07 -16.31
N ASP C 72 16.56 20.60 -15.62
CA ASP C 72 15.31 20.99 -16.24
C ASP C 72 15.40 22.40 -16.82
N THR C 73 15.39 22.49 -18.14
CA THR C 73 15.55 23.78 -18.83
C THR C 73 14.28 24.18 -19.57
N VAL C 74 13.29 23.29 -19.56
CA VAL C 74 12.12 23.38 -20.46
C VAL C 74 11.32 24.69 -20.39
N PHE C 75 11.32 25.36 -19.24
CA PHE C 75 10.58 26.61 -19.09
C PHE C 75 11.47 27.84 -18.95
N GLY C 76 12.77 27.69 -19.24
CA GLY C 76 13.71 28.80 -19.20
C GLY C 76 14.11 29.21 -17.80
N ASP C 77 14.08 30.51 -17.52
CA ASP C 77 14.40 31.03 -16.19
C ASP C 77 13.18 31.25 -15.30
N PHE C 78 12.05 30.68 -15.71
CA PHE C 78 10.79 30.70 -14.97
C PHE C 78 10.99 30.20 -13.54
N PRO C 79 10.72 31.08 -12.54
CA PRO C 79 11.02 30.87 -11.12
C PRO C 79 10.33 29.65 -10.48
N GLY C 80 9.32 29.11 -11.15
CA GLY C 80 8.64 27.90 -10.68
C GLY C 80 9.44 26.65 -11.02
N ALA C 81 10.10 26.68 -12.17
CA ALA C 81 10.90 25.55 -12.66
C ALA C 81 12.33 25.55 -12.11
N THR C 82 12.89 26.75 -11.96
CA THR C 82 14.30 26.91 -11.55
C THR C 82 14.54 26.68 -10.05
N MET C 83 13.49 26.77 -9.24
CA MET C 83 13.61 26.54 -7.80
C MET C 83 14.04 25.11 -7.47
N TRP C 84 13.82 24.19 -8.40
CA TRP C 84 14.21 22.78 -8.24
C TRP C 84 15.56 22.49 -8.88
N ASN C 85 16.05 23.45 -9.67
CA ASN C 85 17.35 23.32 -10.32
C ASN C 85 18.49 23.48 -9.31
N PRO C 86 19.55 22.66 -9.47
CA PRO C 86 20.68 22.66 -8.53
C PRO C 86 21.41 24.00 -8.49
N ASN C 87 21.62 24.52 -7.27
CA ASN C 87 22.24 25.84 -7.10
C ASN C 87 23.72 25.79 -6.70
N THR C 88 24.28 24.58 -6.66
CA THR C 88 25.71 24.39 -6.47
C THR C 88 26.28 23.62 -7.66
N PRO C 89 27.61 23.69 -7.89
CA PRO C 89 28.21 22.99 -9.02
C PRO C 89 28.01 21.47 -8.94
N LEU C 90 27.82 20.84 -10.10
CA LEU C 90 27.54 19.41 -10.16
C LEU C 90 28.81 18.58 -10.07
N SER C 91 28.87 17.70 -9.08
CA SER C 91 30.04 16.85 -8.87
C SER C 91 29.66 15.45 -8.41
N GLU C 92 30.40 14.46 -8.92
CA GLU C 92 30.24 13.09 -8.45
C GLU C 92 30.55 13.00 -6.96
N ASP C 93 31.56 13.76 -6.53
CA ASP C 93 31.86 13.94 -5.12
C ASP C 93 30.82 14.88 -4.53
N CYS C 94 29.75 14.29 -4.02
CA CYS C 94 28.64 15.08 -3.50
C CYS C 94 28.23 14.63 -2.10
N LEU C 95 28.88 13.59 -1.59
CA LEU C 95 28.48 12.98 -0.32
C LEU C 95 28.87 13.82 0.89
N TYR C 96 27.98 14.74 1.26
CA TYR C 96 28.19 15.67 2.37
C TYR C 96 26.94 15.84 3.21
N ILE C 97 27.11 16.42 4.39
CA ILE C 97 26.00 16.69 5.31
C ILE C 97 26.05 18.16 5.76
N ASN C 98 24.87 18.75 5.94
CA ASN C 98 24.77 20.09 6.52
C ASN C 98 24.08 20.02 7.88
N VAL C 99 24.63 20.73 8.85
CA VAL C 99 24.04 20.77 10.20
C VAL C 99 23.74 22.22 10.60
N VAL C 100 22.52 22.45 11.06
CA VAL C 100 22.07 23.78 11.47
C VAL C 100 21.48 23.74 12.87
N ALA C 101 22.07 24.52 13.77
CA ALA C 101 21.62 24.62 15.15
C ALA C 101 21.33 26.07 15.53
N PRO C 102 20.23 26.32 16.25
CA PRO C 102 19.85 27.69 16.61
C PRO C 102 20.73 28.30 17.72
N ARG C 103 20.56 29.60 17.96
CA ARG C 103 21.25 30.29 19.03
C ARG C 103 20.23 30.91 19.99
N PRO C 104 20.40 30.70 21.32
CA PRO C 104 21.48 29.95 21.97
C PRO C 104 21.41 28.45 21.68
N ARG C 105 22.57 27.82 21.59
CA ARG C 105 22.65 26.38 21.33
C ARG C 105 21.99 25.58 22.44
N PRO C 106 21.10 24.64 22.07
CA PRO C 106 20.50 23.75 23.07
C PRO C 106 21.48 22.69 23.55
N LYS C 107 21.22 22.17 24.76
CA LYS C 107 22.04 21.11 25.35
C LYS C 107 21.71 19.77 24.70
N ASN C 108 20.45 19.35 24.85
CA ASN C 108 19.96 18.09 24.30
C ASN C 108 18.58 18.35 23.71
N ALA C 109 18.48 18.28 22.38
CA ALA C 109 17.25 18.63 21.67
C ALA C 109 16.93 17.68 20.53
N ALA C 110 15.71 17.78 20.02
CA ALA C 110 15.23 16.96 18.91
C ALA C 110 15.95 17.31 17.60
N VAL C 111 16.07 16.31 16.74
CA VAL C 111 16.75 16.46 15.45
C VAL C 111 15.76 16.23 14.32
N MET C 112 15.74 17.15 13.35
CA MET C 112 14.91 17.00 12.14
C MET C 112 15.80 16.83 10.91
N LEU C 113 15.76 15.63 10.33
CA LEU C 113 16.67 15.25 9.24
C LEU C 113 15.98 15.17 7.89
N TRP C 114 16.38 16.04 6.98
CA TRP C 114 15.72 16.19 5.68
C TRP C 114 16.35 15.39 4.55
N ILE C 115 15.55 14.50 3.97
CA ILE C 115 15.94 13.80 2.75
C ILE C 115 15.12 14.38 1.61
N PHE C 116 15.79 15.09 0.71
CA PHE C 116 15.13 15.72 -0.43
C PHE C 116 14.62 14.69 -1.41
N GLY C 117 13.56 15.04 -2.12
CA GLY C 117 13.05 14.21 -3.21
C GLY C 117 13.51 14.76 -4.53
N GLY C 118 13.71 13.88 -5.50
CA GLY C 118 14.07 14.29 -6.85
C GLY C 118 13.49 13.37 -7.90
N GLY C 119 12.58 12.49 -7.46
CA GLY C 119 12.07 11.41 -8.30
C GLY C 119 13.14 10.37 -8.51
N PHE C 120 14.09 10.34 -7.57
CA PHE C 120 15.28 9.50 -7.64
C PHE C 120 16.14 9.74 -8.89
N TYR C 121 15.96 10.89 -9.53
CA TYR C 121 16.78 11.27 -10.68
C TYR C 121 17.45 12.64 -10.50
N SER C 122 17.06 13.37 -9.45
CA SER C 122 17.53 14.74 -9.24
C SER C 122 17.46 15.24 -7.79
N GLY C 123 17.66 16.54 -7.63
CA GLY C 123 17.56 17.20 -6.32
C GLY C 123 18.89 17.47 -5.63
N THR C 124 18.85 18.36 -4.65
CA THR C 124 20.01 18.65 -3.79
C THR C 124 19.56 19.25 -2.46
N ALA C 125 20.36 19.02 -1.42
CA ALA C 125 20.08 19.56 -0.09
C ALA C 125 20.33 21.07 -0.02
N THR C 126 20.99 21.61 -1.05
CA THR C 126 21.43 23.01 -1.07
C THR C 126 20.41 23.99 -1.65
N LEU C 127 19.26 23.48 -2.10
CA LEU C 127 18.20 24.32 -2.69
C LEU C 127 17.70 25.40 -1.74
N ASP C 128 17.29 26.53 -2.33
CA ASP C 128 16.79 27.67 -1.56
C ASP C 128 15.47 27.37 -0.87
N VAL C 129 14.66 26.51 -1.49
CA VAL C 129 13.36 26.11 -0.94
C VAL C 129 13.48 25.30 0.36
N TYR C 130 14.62 24.62 0.53
CA TYR C 130 14.98 24.04 1.82
C TYR C 130 16.05 24.89 2.49
N ASP C 131 15.64 25.86 3.30
CA ASP C 131 16.60 26.61 4.12
C ASP C 131 16.33 26.36 5.60
N HIS C 132 17.34 25.80 6.26
CA HIS C 132 17.20 25.31 7.62
C HIS C 132 17.16 26.44 8.65
N ARG C 133 17.77 27.57 8.30
CA ARG C 133 17.84 28.75 9.17
C ARG C 133 16.47 29.13 9.71
N ALA C 134 15.52 29.32 8.80
CA ALA C 134 14.17 29.75 9.14
C ALA C 134 13.44 28.73 10.04
N LEU C 135 13.64 27.45 9.74
CA LEU C 135 13.02 26.37 10.52
C LEU C 135 13.65 26.23 11.91
N ALA C 136 14.98 26.11 11.94
CA ALA C 136 15.73 25.91 13.18
C ALA C 136 15.57 27.06 14.17
N SER C 137 15.60 28.29 13.66
CA SER C 137 15.53 29.48 14.50
C SER C 137 14.18 29.68 15.18
N GLU C 138 13.11 29.23 14.52
CA GLU C 138 11.76 29.49 15.01
C GLU C 138 11.24 28.42 15.97
N GLU C 139 11.68 27.18 15.77
CA GLU C 139 11.18 26.06 16.55
C GLU C 139 12.20 25.54 17.56
N ASN C 140 13.40 26.11 17.53
CA ASN C 140 14.53 25.68 18.37
C ASN C 140 14.82 24.18 18.19
N VAL C 141 15.29 23.83 16.99
CA VAL C 141 15.50 22.45 16.59
C VAL C 141 16.80 22.34 15.76
N ILE C 142 17.54 21.26 15.95
CA ILE C 142 18.70 20.97 15.09
C ILE C 142 18.23 20.38 13.77
N VAL C 143 18.51 21.09 12.68
CA VAL C 143 18.09 20.65 11.35
C VAL C 143 19.28 20.12 10.55
N VAL C 144 19.11 18.93 9.99
CA VAL C 144 20.17 18.27 9.21
C VAL C 144 19.66 17.89 7.83
N SER C 145 20.46 18.19 6.81
CA SER C 145 20.16 17.76 5.45
C SER C 145 21.34 17.00 4.86
N LEU C 146 21.05 15.88 4.22
CA LEU C 146 22.10 15.07 3.60
C LEU C 146 21.99 15.04 2.08
N GLN C 147 23.11 14.78 1.42
CA GLN C 147 23.16 14.59 -0.01
C GLN C 147 23.32 13.10 -0.29
N TYR C 148 22.48 12.55 -1.16
CA TYR C 148 22.59 11.14 -1.54
C TYR C 148 22.70 11.00 -3.06
N ARG C 149 23.44 9.99 -3.50
CA ARG C 149 23.61 9.72 -4.93
C ARG C 149 22.28 9.44 -5.60
N VAL C 150 22.11 10.00 -6.79
CA VAL C 150 20.82 10.00 -7.47
C VAL C 150 20.99 9.53 -8.92
N ALA C 151 19.88 9.21 -9.58
CA ALA C 151 19.86 8.70 -10.95
C ALA C 151 20.57 7.34 -11.07
N SER C 152 21.14 7.05 -12.24
CA SER C 152 21.86 5.79 -12.46
C SER C 152 23.09 5.67 -11.57
N LEU C 153 23.77 6.80 -11.36
CA LEU C 153 24.94 6.85 -10.48
C LEU C 153 24.64 6.34 -9.07
N GLY C 154 23.42 6.62 -8.61
CA GLY C 154 22.98 6.18 -7.29
C GLY C 154 22.17 4.91 -7.28
N PHE C 155 21.47 4.61 -8.38
CA PHE C 155 20.48 3.53 -8.38
C PHE C 155 20.66 2.44 -9.45
N LEU C 156 21.82 2.39 -10.09
CA LEU C 156 22.11 1.34 -11.08
C LEU C 156 22.14 -0.04 -10.43
N PHE C 157 21.49 -1.01 -11.07
CA PHE C 157 21.42 -2.38 -10.58
C PHE C 157 21.60 -3.39 -11.70
N LEU C 158 22.53 -4.32 -11.52
CA LEU C 158 22.71 -5.42 -12.46
C LEU C 158 22.73 -6.79 -11.77
N GLY C 159 22.69 -6.78 -10.43
CA GLY C 159 22.76 -8.03 -9.66
C GLY C 159 24.18 -8.47 -9.36
N THR C 160 25.15 -7.85 -10.02
CA THR C 160 26.56 -8.08 -9.71
C THR C 160 26.94 -7.27 -8.47
N PRO C 161 28.01 -7.67 -7.77
CA PRO C 161 28.51 -6.85 -6.65
C PRO C 161 29.14 -5.53 -7.11
N GLU C 162 29.50 -5.44 -8.39
CA GLU C 162 30.02 -4.19 -8.97
C GLU C 162 28.93 -3.13 -9.06
N ALA C 163 27.69 -3.58 -9.25
CA ALA C 163 26.52 -2.71 -9.28
C ALA C 163 25.36 -3.37 -8.51
N PRO C 164 25.44 -3.38 -7.17
CA PRO C 164 24.49 -4.11 -6.33
C PRO C 164 23.16 -3.39 -6.14
N GLY C 165 23.08 -2.14 -6.61
CA GLY C 165 21.86 -1.34 -6.52
C GLY C 165 21.64 -0.72 -5.15
N ASN C 166 20.74 0.26 -5.11
CA ASN C 166 20.39 1.00 -3.90
C ASN C 166 21.55 1.78 -3.28
N ALA C 167 22.50 2.19 -4.10
CA ALA C 167 23.65 2.96 -3.62
C ALA C 167 23.20 4.26 -2.94
N GLY C 168 22.25 4.96 -3.56
CA GLY C 168 21.67 6.17 -3.00
C GLY C 168 21.06 5.97 -1.61
N LEU C 169 20.44 4.80 -1.40
CA LEU C 169 19.87 4.45 -0.11
C LEU C 169 20.97 4.17 0.91
N PHE C 170 22.00 3.46 0.47
CA PHE C 170 23.14 3.18 1.34
C PHE C 170 23.90 4.46 1.70
N ASP C 171 23.88 5.43 0.80
CA ASP C 171 24.41 6.77 1.07
C ASP C 171 23.63 7.41 2.21
N GLN C 172 22.30 7.35 2.12
CA GLN C 172 21.43 7.90 3.16
C GLN C 172 21.69 7.21 4.49
N ASN C 173 21.73 5.88 4.47
CA ASN C 173 21.97 5.08 5.67
C ASN C 173 23.26 5.48 6.37
N LEU C 174 24.34 5.61 5.59
CA LEU C 174 25.64 5.98 6.12
C LEU C 174 25.59 7.34 6.81
N ALA C 175 24.84 8.27 6.21
CA ALA C 175 24.65 9.61 6.77
C ALA C 175 23.88 9.56 8.08
N LEU C 176 23.00 8.57 8.23
CA LEU C 176 22.24 8.37 9.46
C LEU C 176 23.14 7.91 10.59
N ARG C 177 24.09 7.03 10.28
CA ARG C 177 25.08 6.53 11.24
C ARG C 177 26.03 7.64 11.68
N TRP C 178 26.35 8.54 10.75
CA TRP C 178 27.13 9.73 11.05
C TRP C 178 26.39 10.60 12.04
N VAL C 179 25.11 10.87 11.76
CA VAL C 179 24.25 11.68 12.63
C VAL C 179 24.12 11.03 14.01
N ARG C 180 23.91 9.72 14.02
CA ARG C 180 23.77 8.93 15.25
C ARG C 180 24.96 9.10 16.20
N ASP C 181 26.17 9.10 15.64
CA ASP C 181 27.39 9.22 16.44
C ASP C 181 27.74 10.67 16.79
N ASN C 182 27.53 11.58 15.85
CA ASN C 182 28.11 12.92 15.90
C ASN C 182 27.21 14.07 16.36
N ILE C 183 25.88 13.89 16.35
CA ILE C 183 24.97 15.02 16.53
C ILE C 183 24.91 15.63 17.94
N HIS C 184 25.15 14.83 18.97
CA HIS C 184 25.14 15.33 20.35
C HIS C 184 26.17 16.44 20.55
N ARG C 185 27.20 16.42 19.70
CA ARG C 185 28.24 17.43 19.70
C ARG C 185 27.71 18.79 19.24
N PHE C 186 26.69 18.77 18.40
CA PHE C 186 26.08 20.01 17.89
C PHE C 186 24.91 20.46 18.76
N GLY C 187 24.63 19.70 19.82
CA GLY C 187 23.55 20.03 20.73
C GLY C 187 22.28 19.26 20.43
N GLY C 188 22.41 18.14 19.73
CA GLY C 188 21.27 17.29 19.39
C GLY C 188 21.16 16.08 20.29
N ASP C 189 20.13 15.27 20.06
CA ASP C 189 19.95 14.01 20.77
C ASP C 189 19.78 12.89 19.76
N PRO C 190 20.83 12.07 19.60
CA PRO C 190 20.86 10.93 18.66
C PRO C 190 19.70 9.94 18.84
N SER C 191 19.00 10.03 19.96
CA SER C 191 17.83 9.20 20.20
C SER C 191 16.57 9.83 19.60
N ARG C 192 16.55 11.16 19.55
CA ARG C 192 15.36 11.92 19.13
C ARG C 192 15.41 12.43 17.67
N VAL C 193 16.14 11.72 16.81
CA VAL C 193 16.22 12.05 15.39
C VAL C 193 14.91 11.71 14.69
N THR C 194 14.31 12.71 14.04
CA THR C 194 13.08 12.52 13.27
C THR C 194 13.34 12.78 11.78
N LEU C 195 13.05 11.78 10.96
CA LEU C 195 13.24 11.87 9.52
C LEU C 195 12.03 12.50 8.84
N PHE C 196 12.29 13.37 7.86
CA PHE C 196 11.22 13.91 7.04
C PHE C 196 11.65 14.10 5.59
N GLY C 197 10.70 13.93 4.66
CA GLY C 197 11.00 13.96 3.24
C GLY C 197 9.82 14.25 2.34
N GLU C 198 10.11 14.49 1.06
CA GLU C 198 9.09 14.82 0.08
C GLU C 198 9.37 14.09 -1.22
N SER C 199 8.31 13.64 -1.92
CA SER C 199 8.45 12.87 -3.15
C SER C 199 9.33 11.66 -2.84
N ALA C 200 10.49 11.57 -3.47
CA ALA C 200 11.44 10.49 -3.20
C ALA C 200 11.88 10.48 -1.73
N GLY C 201 11.96 11.66 -1.12
CA GLY C 201 12.29 11.78 0.29
C GLY C 201 11.36 10.93 1.13
N ALA C 202 10.06 11.12 0.91
CA ALA C 202 9.04 10.37 1.63
C ALA C 202 9.21 8.88 1.40
N VAL C 203 9.46 8.50 0.16
CA VAL C 203 9.68 7.09 -0.16
C VAL C 203 10.93 6.57 0.54
N SER C 204 12.03 7.30 0.42
CA SER C 204 13.28 6.91 1.06
C SER C 204 13.18 6.92 2.59
N VAL C 205 12.48 7.91 3.13
CA VAL C 205 12.17 7.95 4.57
C VAL C 205 11.40 6.70 4.98
N SER C 206 10.38 6.35 4.20
CA SER C 206 9.57 5.15 4.47
C SER C 206 10.39 3.88 4.34
N LEU C 207 11.33 3.86 3.40
CA LEU C 207 12.18 2.69 3.19
C LEU C 207 13.18 2.49 4.34
N HIS C 208 13.44 3.54 5.10
CA HIS C 208 14.22 3.43 6.32
C HIS C 208 13.39 2.81 7.45
N LEU C 209 12.09 3.08 7.42
CA LEU C 209 11.16 2.47 8.39
C LEU C 209 11.04 0.97 8.17
N LEU C 210 11.22 0.54 6.93
CA LEU C 210 11.14 -0.87 6.56
C LEU C 210 12.46 -1.61 6.74
N SER C 211 13.54 -1.00 6.27
CA SER C 211 14.85 -1.64 6.18
C SER C 211 15.40 -2.12 7.53
N ALA C 212 16.07 -3.27 7.48
CA ALA C 212 16.72 -3.86 8.64
C ALA C 212 17.89 -3.02 9.12
N LEU C 213 18.66 -2.49 8.16
CA LEU C 213 19.90 -1.80 8.45
C LEU C 213 19.70 -0.42 9.08
N SER C 214 18.87 0.41 8.47
CA SER C 214 18.64 1.76 8.96
C SER C 214 17.53 1.84 10.00
N ARG C 215 17.14 0.67 10.52
CA ARG C 215 16.03 0.56 11.48
C ARG C 215 16.22 1.40 12.74
N ASP C 216 17.32 1.18 13.45
CA ASP C 216 17.54 1.80 14.77
C ASP C 216 18.40 3.07 14.75
N LEU C 217 18.55 3.67 13.57
CA LEU C 217 19.37 4.86 13.42
C LEU C 217 18.58 6.15 13.59
N PHE C 218 17.26 6.02 13.77
CA PHE C 218 16.38 7.18 13.97
C PHE C 218 15.18 6.84 14.85
N GLN C 219 14.44 7.87 15.27
CA GLN C 219 13.26 7.68 16.12
C GLN C 219 11.94 7.70 15.32
N ARG C 220 11.57 8.88 14.82
CA ARG C 220 10.28 9.07 14.16
C ARG C 220 10.39 9.41 12.68
N ALA C 221 9.25 9.59 12.02
CA ALA C 221 9.21 9.89 10.58
C ALA C 221 8.06 10.81 10.16
N ILE C 222 8.36 11.73 9.24
CA ILE C 222 7.36 12.59 8.59
C ILE C 222 7.44 12.37 7.09
N LEU C 223 6.32 12.01 6.47
CA LEU C 223 6.28 11.65 5.06
C LEU C 223 5.37 12.57 4.27
N GLN C 224 5.94 13.33 3.34
CA GLN C 224 5.17 14.27 2.53
C GLN C 224 4.97 13.79 1.11
N SER C 225 3.71 13.48 0.78
CA SER C 225 3.30 13.12 -0.58
C SER C 225 4.15 12.00 -1.18
N GLY C 226 4.29 10.90 -0.45
CA GLY C 226 5.02 9.73 -0.95
C GLY C 226 4.99 8.56 -0.01
N SER C 227 4.97 7.35 -0.58
CA SER C 227 4.99 6.13 0.23
C SER C 227 5.71 5.02 -0.54
N PRO C 228 6.19 3.98 0.18
CA PRO C 228 7.00 2.94 -0.46
C PRO C 228 6.18 2.01 -1.35
N THR C 229 4.86 2.05 -1.17
CA THR C 229 3.96 1.18 -1.90
C THR C 229 3.53 1.79 -3.23
N ALA C 230 3.94 3.03 -3.47
CA ALA C 230 3.68 3.75 -4.73
C ALA C 230 4.26 2.99 -5.92
N PRO C 231 3.64 3.14 -7.12
CA PRO C 231 4.07 2.39 -8.31
C PRO C 231 5.50 2.73 -8.76
N TRP C 232 5.89 3.99 -8.61
CA TRP C 232 7.17 4.48 -9.12
C TRP C 232 8.33 4.32 -8.14
N ALA C 233 8.02 3.96 -6.89
CA ALA C 233 9.00 3.83 -5.82
C ALA C 233 10.03 2.71 -6.04
N LEU C 234 9.61 1.61 -6.67
CA LEU C 234 10.49 0.47 -6.89
C LEU C 234 10.39 -0.09 -8.31
N VAL C 235 11.42 -0.81 -8.72
CA VAL C 235 11.43 -1.54 -10.00
C VAL C 235 11.81 -3.00 -9.78
N SER C 236 11.19 -3.90 -10.55
CA SER C 236 11.53 -5.31 -10.46
C SER C 236 12.97 -5.50 -10.92
N ARG C 237 13.68 -6.39 -10.22
CA ARG C 237 15.10 -6.65 -10.49
C ARG C 237 15.33 -7.05 -11.93
N GLU C 238 14.50 -7.98 -12.40
CA GLU C 238 14.54 -8.47 -13.78
C GLU C 238 14.46 -7.32 -14.79
N GLU C 239 13.62 -6.33 -14.48
CA GLU C 239 13.51 -5.13 -15.30
C GLU C 239 14.70 -4.20 -15.08
N ALA C 240 15.03 -3.92 -13.82
CA ALA C 240 16.13 -3.01 -13.45
C ALA C 240 17.43 -3.35 -14.17
N THR C 241 17.71 -4.65 -14.32
CA THR C 241 18.87 -5.14 -15.05
C THR C 241 18.79 -4.75 -16.53
N LEU C 242 17.58 -4.81 -17.09
CA LEU C 242 17.35 -4.45 -18.50
C LEU C 242 17.53 -2.96 -18.75
N ARG C 243 17.06 -2.13 -17.81
CA ARG C 243 17.23 -0.67 -17.89
C ARG C 243 18.72 -0.34 -17.90
N ALA C 244 19.47 -1.02 -17.03
CA ALA C 244 20.90 -0.84 -16.89
C ALA C 244 21.66 -1.24 -18.16
N LEU C 245 21.23 -2.35 -18.76
CA LEU C 245 21.84 -2.82 -20.01
C LEU C 245 21.47 -1.94 -21.20
N ARG C 246 20.27 -1.35 -21.17
CA ARG C 246 19.85 -0.39 -22.19
C ARG C 246 20.70 0.87 -22.12
N LEU C 247 21.02 1.31 -20.90
CA LEU C 247 21.93 2.43 -20.69
C LEU C 247 23.31 2.14 -21.26
N ALA C 248 23.78 0.91 -21.05
CA ALA C 248 25.04 0.44 -21.62
C ALA C 248 25.02 0.60 -23.14
N GLU C 249 24.01 0.02 -23.78
CA GLU C 249 23.85 0.11 -25.23
C GLU C 249 23.71 1.55 -25.72
N ALA C 250 22.82 2.30 -25.06
CA ALA C 250 22.55 3.69 -25.42
C ALA C 250 23.80 4.55 -25.38
N VAL C 251 24.67 4.28 -24.40
CA VAL C 251 25.89 5.05 -24.22
C VAL C 251 27.10 4.44 -24.95
N GLY C 252 26.88 3.30 -25.60
CA GLY C 252 27.92 2.63 -26.39
C GLY C 252 28.86 1.76 -25.60
N CYS C 253 28.31 0.85 -24.79
CA CYS C 253 29.09 -0.14 -24.04
C CYS C 253 28.57 -1.54 -24.35
N PRO C 254 29.38 -2.58 -24.06
CA PRO C 254 28.88 -3.95 -24.21
C PRO C 254 27.60 -4.20 -23.40
N HIS C 255 26.57 -4.72 -24.06
CA HIS C 255 25.24 -4.88 -23.46
C HIS C 255 24.78 -6.33 -23.31
N GLU C 256 25.67 -7.28 -23.61
CA GLU C 256 25.36 -8.70 -23.52
C GLU C 256 25.03 -9.11 -22.08
N PRO C 257 23.80 -9.61 -21.85
CA PRO C 257 23.32 -9.99 -20.52
C PRO C 257 24.13 -11.10 -19.85
N SER C 258 24.87 -11.86 -20.65
CA SER C 258 25.72 -12.92 -20.13
C SER C 258 26.94 -12.35 -19.40
N LYS C 259 27.62 -11.40 -20.05
CA LYS C 259 28.82 -10.79 -19.50
C LYS C 259 28.54 -9.37 -19.01
N LEU C 260 28.16 -9.26 -17.74
CA LEU C 260 27.80 -7.99 -17.12
C LEU C 260 29.05 -7.24 -16.66
N SER C 261 30.09 -7.98 -16.32
CA SER C 261 31.38 -7.41 -15.89
C SER C 261 31.97 -6.48 -16.95
N ASP C 262 31.78 -6.85 -18.21
CA ASP C 262 32.21 -6.03 -19.35
C ASP C 262 31.43 -4.72 -19.39
N ALA C 263 30.15 -4.79 -19.03
CA ALA C 263 29.25 -3.64 -19.07
C ALA C 263 29.54 -2.61 -17.98
N VAL C 264 29.60 -3.07 -16.73
CA VAL C 264 29.76 -2.17 -15.57
C VAL C 264 31.11 -1.44 -15.56
N GLU C 265 32.17 -2.11 -16.02
CA GLU C 265 33.49 -1.51 -16.11
C GLU C 265 33.52 -0.43 -17.20
N CYS C 266 32.87 -0.72 -18.32
CA CYS C 266 32.74 0.25 -19.41
C CYS C 266 31.90 1.45 -18.98
N LEU C 267 30.84 1.19 -18.23
CA LEU C 267 29.98 2.25 -17.69
C LEU C 267 30.72 3.11 -16.69
N ARG C 268 31.63 2.49 -15.93
CA ARG C 268 32.48 3.19 -14.96
C ARG C 268 33.39 4.22 -15.61
N GLY C 269 33.76 3.97 -16.86
CA GLY C 269 34.62 4.87 -17.61
C GLY C 269 33.93 6.14 -18.07
N LYS C 270 32.69 5.99 -18.56
CA LYS C 270 31.95 7.08 -19.19
C LYS C 270 31.65 8.26 -18.27
N ASP C 271 31.68 9.46 -18.86
CA ASP C 271 31.38 10.72 -18.18
C ASP C 271 30.03 10.62 -17.45
N PRO C 272 29.99 11.03 -16.16
CA PRO C 272 28.76 11.01 -15.38
C PRO C 272 27.58 11.69 -16.06
N HIS C 273 27.82 12.80 -16.75
CA HIS C 273 26.77 13.58 -17.39
C HIS C 273 26.11 12.87 -18.56
N VAL C 274 26.92 12.42 -19.53
CA VAL C 274 26.42 11.64 -20.67
C VAL C 274 25.74 10.36 -20.21
N LEU C 275 26.07 9.93 -18.99
CA LEU C 275 25.45 8.77 -18.40
C LEU C 275 24.04 9.09 -17.92
N VAL C 276 23.85 10.22 -17.24
CA VAL C 276 22.52 10.60 -16.73
C VAL C 276 21.57 11.05 -17.83
N ASN C 277 22.12 11.45 -18.98
CA ASN C 277 21.33 11.97 -20.10
C ASN C 277 20.74 10.90 -21.01
N ASN C 278 21.19 9.67 -20.85
CA ASN C 278 20.72 8.57 -21.70
C ASN C 278 19.78 7.59 -20.98
N GLU C 279 19.35 7.97 -19.78
CA GLU C 279 18.53 7.11 -18.94
C GLU C 279 17.09 7.04 -19.43
N TRP C 280 16.61 8.12 -20.03
CA TRP C 280 15.19 8.29 -20.35
C TRP C 280 14.85 7.79 -21.76
N GLY C 281 14.31 6.57 -21.81
CA GLY C 281 13.74 6.03 -23.05
C GLY C 281 12.25 6.28 -23.05
N THR C 282 11.49 5.31 -23.53
CA THR C 282 10.04 5.38 -23.44
C THR C 282 9.61 5.05 -22.01
N LEU C 283 9.02 6.03 -21.34
CA LEU C 283 8.49 5.86 -19.99
C LEU C 283 7.15 6.56 -19.87
N GLY C 284 6.19 5.89 -19.23
CA GLY C 284 4.89 6.49 -18.96
C GLY C 284 5.00 7.64 -17.98
N ILE C 285 3.86 8.23 -17.63
CA ILE C 285 3.86 9.33 -16.66
C ILE C 285 4.12 8.80 -15.26
N CYS C 286 4.85 9.58 -14.46
CA CYS C 286 5.19 9.24 -13.07
C CYS C 286 5.90 7.89 -12.94
N GLU C 287 6.84 7.63 -13.83
CA GLU C 287 7.75 6.50 -13.68
C GLU C 287 9.17 6.90 -14.10
N PHE C 288 10.13 6.55 -13.26
CA PHE C 288 11.50 7.04 -13.40
C PHE C 288 12.47 5.89 -13.63
N PRO C 289 13.49 6.10 -14.50
CA PRO C 289 14.33 5.01 -15.00
C PRO C 289 15.13 4.27 -13.92
N PHE C 290 15.68 4.99 -12.95
CA PHE C 290 16.47 4.35 -11.89
C PHE C 290 16.02 4.73 -10.50
N VAL C 291 15.43 3.77 -9.81
CA VAL C 291 14.87 3.96 -8.47
C VAL C 291 15.26 2.77 -7.59
N PRO C 292 14.91 2.81 -6.28
CA PRO C 292 15.16 1.66 -5.41
C PRO C 292 14.71 0.31 -5.99
N VAL C 293 15.44 -0.72 -5.60
CA VAL C 293 15.18 -2.09 -6.02
C VAL C 293 15.39 -2.99 -4.80
N VAL C 294 14.74 -4.14 -4.76
CA VAL C 294 14.95 -5.07 -3.66
C VAL C 294 16.28 -5.82 -3.89
N ASP C 295 17.32 -5.36 -3.18
CA ASP C 295 18.69 -5.86 -3.36
C ASP C 295 18.99 -7.15 -2.59
N GLY C 296 18.47 -7.26 -1.38
CA GLY C 296 18.76 -8.40 -0.52
C GLY C 296 19.51 -7.99 0.74
N ALA C 297 20.06 -6.78 0.73
CA ALA C 297 20.80 -6.24 1.88
C ALA C 297 20.00 -5.16 2.61
N PHE C 298 19.61 -4.12 1.88
CA PHE C 298 18.79 -3.03 2.42
C PHE C 298 17.35 -3.49 2.58
N LEU C 299 16.84 -4.13 1.52
CA LEU C 299 15.53 -4.75 1.53
C LEU C 299 15.68 -6.15 0.98
N ASP C 300 15.17 -7.14 1.71
CA ASP C 300 15.23 -8.53 1.26
C ASP C 300 13.88 -9.01 0.69
N GLU C 301 12.93 -8.08 0.63
CA GLU C 301 11.60 -8.34 0.07
C GLU C 301 10.93 -7.03 -0.37
N THR C 302 9.82 -7.17 -1.11
CA THR C 302 9.03 -6.02 -1.56
C THR C 302 8.32 -5.35 -0.38
N PRO C 303 8.20 -4.00 -0.40
CA PRO C 303 7.47 -3.28 0.63
C PRO C 303 6.04 -3.77 0.82
N GLN C 304 5.46 -4.33 -0.23
CA GLN C 304 4.10 -4.86 -0.19
C GLN C 304 3.97 -6.00 0.81
N ARG C 305 4.86 -6.99 0.71
CA ARG C 305 4.89 -8.10 1.67
C ARG C 305 5.29 -7.62 3.06
N SER C 306 6.19 -6.64 3.11
CA SER C 306 6.60 -6.02 4.37
C SER C 306 5.37 -5.45 5.07
N LEU C 307 4.68 -4.53 4.41
CA LEU C 307 3.43 -3.96 4.92
C LEU C 307 2.38 -5.01 5.22
N ALA C 308 2.26 -6.01 4.33
CA ALA C 308 1.29 -7.09 4.49
C ALA C 308 1.54 -7.90 5.76
N SER C 309 2.78 -8.33 5.96
CA SER C 309 3.16 -9.09 7.15
C SER C 309 3.25 -8.20 8.39
N GLY C 310 3.39 -6.89 8.17
CA GLY C 310 3.43 -5.93 9.26
C GLY C 310 4.81 -5.70 9.86
N ARG C 311 5.85 -6.05 9.11
CA ARG C 311 7.22 -5.83 9.57
C ARG C 311 7.77 -4.46 9.15
N PHE C 312 7.69 -3.52 10.09
CA PHE C 312 8.25 -2.18 9.97
C PHE C 312 8.43 -1.61 11.37
N LYS C 313 9.18 -0.53 11.49
CA LYS C 313 9.44 0.10 12.80
C LYS C 313 8.12 0.51 13.46
N LYS C 314 7.98 0.17 14.75
CA LYS C 314 6.80 0.53 15.51
C LYS C 314 6.95 1.94 16.09
N THR C 315 6.44 2.93 15.35
CA THR C 315 6.67 4.35 15.65
C THR C 315 5.46 5.22 15.32
N GLU C 316 5.45 6.44 15.84
CA GLU C 316 4.54 7.50 15.40
C GLU C 316 4.89 7.88 13.97
N ILE C 317 3.93 8.46 13.25
CA ILE C 317 4.10 8.79 11.84
C ILE C 317 3.20 9.97 11.43
N LEU C 318 3.75 10.89 10.65
CA LEU C 318 3.00 12.05 10.16
C LEU C 318 3.13 12.15 8.65
N THR C 319 2.00 11.94 7.96
CA THR C 319 2.01 11.89 6.51
C THR C 319 0.81 12.63 5.91
N GLY C 320 0.86 12.91 4.61
CA GLY C 320 -0.24 13.57 3.92
C GLY C 320 0.04 13.88 2.46
N SER C 321 -1.03 14.25 1.75
CA SER C 321 -0.96 14.57 0.33
C SER C 321 -1.49 15.98 0.08
N ASN C 322 -1.15 16.54 -1.09
CA ASN C 322 -1.69 17.82 -1.50
C ASN C 322 -2.92 17.62 -2.38
N THR C 323 -3.68 18.69 -2.64
CA THR C 323 -4.94 18.58 -3.37
C THR C 323 -4.79 18.30 -4.86
N GLU C 324 -3.77 18.89 -5.47
CA GLU C 324 -3.47 18.66 -6.89
C GLU C 324 -2.07 18.10 -7.08
N GLU C 325 -1.92 16.79 -6.94
CA GLU C 325 -0.60 16.16 -7.08
C GLU C 325 -0.22 16.02 -8.56
N GLY C 326 -1.14 15.47 -9.34
CA GLY C 326 -0.88 15.10 -10.73
C GLY C 326 -0.50 16.23 -11.67
N TYR C 327 -1.20 17.36 -11.58
CA TYR C 327 -1.00 18.48 -12.51
C TYR C 327 0.46 18.71 -12.88
N TYR C 328 1.33 18.82 -11.88
CA TYR C 328 2.71 19.18 -12.07
C TYR C 328 3.48 18.17 -12.91
N PHE C 329 3.00 16.94 -12.95
CA PHE C 329 3.59 15.90 -13.81
C PHE C 329 2.95 15.87 -15.19
N ILE C 330 1.67 16.22 -15.26
CA ILE C 330 0.95 16.24 -16.53
C ILE C 330 1.27 17.51 -17.33
N ILE C 331 2.01 18.44 -16.73
CA ILE C 331 2.47 19.61 -17.45
C ILE C 331 3.69 19.26 -18.30
N TYR C 332 4.63 18.54 -17.69
CA TYR C 332 5.87 18.15 -18.36
C TYR C 332 5.65 17.04 -19.38
N TYR C 333 5.06 15.93 -18.91
CA TYR C 333 4.53 14.88 -19.78
C TYR C 333 3.28 15.48 -20.42
N LEU C 334 2.84 14.91 -21.55
CA LEU C 334 1.60 15.35 -22.21
C LEU C 334 1.59 16.88 -22.42
N THR C 335 2.61 17.37 -23.10
CA THR C 335 2.93 18.80 -23.17
C THR C 335 2.08 19.64 -24.13
N GLU C 336 1.66 19.06 -25.26
CA GLU C 336 0.86 19.79 -26.26
C GLU C 336 -0.54 20.21 -25.78
N LEU C 337 -1.08 19.46 -24.82
CA LEU C 337 -2.27 19.85 -24.07
C LEU C 337 -1.80 20.33 -22.70
N LEU C 338 -2.62 21.14 -22.02
CA LEU C 338 -2.37 21.52 -20.63
C LEU C 338 -1.03 22.24 -20.43
N ARG C 339 -0.71 23.15 -21.35
CA ARG C 339 0.56 23.90 -21.30
C ARG C 339 0.56 25.02 -20.25
N LYS C 340 1.71 25.66 -20.08
CA LYS C 340 1.87 26.68 -19.06
C LYS C 340 1.39 28.04 -19.52
N GLU C 341 0.15 28.36 -19.14
CA GLU C 341 -0.45 29.70 -19.31
C GLU C 341 -1.86 29.69 -18.72
N GLU C 342 -2.34 30.87 -18.36
CA GLU C 342 -3.60 31.02 -17.64
C GLU C 342 -4.84 30.56 -18.45
N GLY C 343 -5.77 29.91 -17.75
CA GLY C 343 -7.07 29.57 -18.30
C GLY C 343 -7.11 28.50 -19.38
N VAL C 344 -6.27 27.47 -19.26
CA VAL C 344 -6.37 26.32 -20.16
C VAL C 344 -7.47 25.37 -19.70
N THR C 345 -8.14 24.74 -20.67
CA THR C 345 -9.24 23.83 -20.39
C THR C 345 -9.17 22.60 -21.31
N VAL C 346 -9.80 21.51 -20.88
CA VAL C 346 -9.75 20.25 -21.60
C VAL C 346 -11.12 19.87 -22.15
N THR C 347 -11.20 19.70 -23.47
CA THR C 347 -12.43 19.27 -24.15
C THR C 347 -12.70 17.80 -23.82
N ARG C 348 -13.97 17.40 -23.92
CA ARG C 348 -14.35 16.03 -23.55
C ARG C 348 -13.58 14.97 -24.33
N GLU C 349 -13.34 15.22 -25.61
CA GLU C 349 -12.57 14.29 -26.44
C GLU C 349 -11.09 14.28 -26.02
N GLU C 350 -10.55 15.45 -25.70
CA GLU C 350 -9.19 15.55 -25.18
C GLU C 350 -9.04 14.76 -23.87
N PHE C 351 -10.08 14.80 -23.03
CA PHE C 351 -10.11 14.02 -21.79
C PHE C 351 -10.12 12.52 -22.09
N LEU C 352 -11.02 12.10 -22.96
CA LEU C 352 -11.12 10.71 -23.41
C LEU C 352 -9.81 10.19 -23.99
N GLN C 353 -9.02 11.12 -24.54
CA GLN C 353 -7.73 10.78 -25.11
C GLN C 353 -6.66 10.67 -24.03
N ALA C 354 -6.71 11.59 -23.06
CA ALA C 354 -5.73 11.62 -21.99
C ALA C 354 -5.71 10.35 -21.15
N VAL C 355 -6.89 9.80 -20.86
CA VAL C 355 -6.99 8.58 -20.05
C VAL C 355 -6.33 7.38 -20.72
N ARG C 356 -6.29 7.40 -22.05
CA ARG C 356 -5.59 6.37 -22.83
C ARG C 356 -4.08 6.53 -22.69
N GLU C 357 -3.63 7.78 -22.60
CA GLU C 357 -2.20 8.10 -22.55
C GLU C 357 -1.65 8.04 -21.13
N LEU C 358 -2.47 8.44 -20.15
CA LEU C 358 -2.04 8.47 -18.75
C LEU C 358 -2.18 7.11 -18.07
N ASN C 359 -2.92 6.20 -18.70
CA ASN C 359 -3.03 4.80 -18.24
C ASN C 359 -2.91 3.84 -19.41
N PRO C 360 -1.70 3.67 -19.94
CA PRO C 360 -1.53 2.84 -21.13
C PRO C 360 -1.63 1.33 -20.85
N TYR C 361 -1.51 0.93 -19.59
CA TYR C 361 -1.44 -0.48 -19.23
C TYR C 361 -2.78 -1.19 -19.03
N VAL C 362 -3.88 -0.43 -19.08
CA VAL C 362 -5.21 -1.02 -18.87
C VAL C 362 -5.92 -1.38 -20.18
N ASN C 363 -6.69 -2.47 -20.13
CA ASN C 363 -7.22 -3.14 -21.32
C ASN C 363 -8.26 -2.39 -22.15
N GLY C 364 -9.01 -1.48 -21.53
CA GLY C 364 -10.03 -0.73 -22.27
C GLY C 364 -11.39 -0.74 -21.60
N ALA C 365 -11.78 -1.92 -21.13
CA ALA C 365 -12.94 -2.05 -20.26
C ALA C 365 -12.61 -1.41 -18.91
N ALA C 366 -11.32 -1.38 -18.60
CA ALA C 366 -10.81 -0.67 -17.42
C ALA C 366 -10.69 0.83 -17.67
N ARG C 367 -10.33 1.21 -18.90
CA ARG C 367 -10.29 2.63 -19.27
C ARG C 367 -11.68 3.26 -19.14
N GLN C 368 -12.71 2.49 -19.50
CA GLN C 368 -14.10 2.92 -19.34
C GLN C 368 -14.48 3.11 -17.87
N ALA C 369 -13.97 2.23 -17.01
CA ALA C 369 -14.18 2.33 -15.57
C ALA C 369 -13.49 3.57 -15.00
N ILE C 370 -12.35 3.92 -15.59
CA ILE C 370 -11.59 5.11 -15.21
C ILE C 370 -12.30 6.39 -15.65
N VAL C 371 -12.80 6.41 -16.89
CA VAL C 371 -13.51 7.59 -17.39
C VAL C 371 -14.78 7.85 -16.58
N PHE C 372 -15.48 6.78 -16.21
CA PHE C 372 -16.73 6.89 -15.47
C PHE C 372 -16.53 7.41 -14.05
N GLU C 373 -15.50 6.91 -13.39
CA GLU C 373 -15.20 7.33 -12.02
C GLU C 373 -14.68 8.77 -11.99
N TYR C 374 -13.92 9.14 -13.02
CA TYR C 374 -13.28 10.46 -13.05
C TYR C 374 -13.96 11.48 -13.96
N THR C 375 -15.23 11.24 -14.28
CA THR C 375 -16.02 12.26 -14.96
C THR C 375 -17.10 12.83 -14.05
N ASP C 376 -17.18 14.16 -14.01
CA ASP C 376 -18.21 14.85 -13.25
C ASP C 376 -19.53 14.73 -14.00
N TRP C 377 -20.44 13.95 -13.45
CA TRP C 377 -21.68 13.62 -14.16
C TRP C 377 -22.79 14.67 -14.10
N THR C 378 -22.65 15.63 -13.18
CA THR C 378 -23.63 16.71 -13.06
C THR C 378 -23.55 17.67 -14.25
N GLU C 379 -22.35 17.76 -14.84
CA GLU C 379 -22.11 18.53 -16.06
C GLU C 379 -20.89 17.89 -16.75
N PRO C 380 -21.11 16.75 -17.46
CA PRO C 380 -20.01 15.89 -17.91
C PRO C 380 -18.96 16.55 -18.80
N ASP C 381 -19.41 17.39 -19.72
CA ASP C 381 -18.53 17.97 -20.75
C ASP C 381 -17.84 19.25 -20.33
N ASN C 382 -17.98 19.63 -19.07
CA ASN C 382 -17.38 20.85 -18.56
C ASN C 382 -15.88 20.85 -18.80
N PRO C 383 -15.38 21.89 -19.49
CA PRO C 383 -13.96 22.02 -19.82
C PRO C 383 -13.09 22.09 -18.58
N ASN C 384 -13.61 22.69 -17.50
CA ASN C 384 -12.92 22.70 -16.22
C ASN C 384 -12.87 21.33 -15.56
N SER C 385 -14.02 20.68 -15.46
CA SER C 385 -14.14 19.34 -14.86
C SER C 385 -13.21 18.33 -15.52
N ASN C 386 -13.18 18.33 -16.85
CA ASN C 386 -12.37 17.39 -17.61
C ASN C 386 -10.86 17.60 -17.48
N ARG C 387 -10.45 18.83 -17.18
CA ARG C 387 -9.06 19.13 -16.89
C ARG C 387 -8.72 18.66 -15.48
N ASP C 388 -9.52 19.12 -14.51
CA ASP C 388 -9.33 18.78 -13.10
C ASP C 388 -9.43 17.28 -12.85
N ALA C 389 -10.12 16.58 -13.76
CA ALA C 389 -10.21 15.13 -13.72
C ALA C 389 -8.87 14.44 -13.95
N LEU C 390 -8.07 15.00 -14.87
CA LEU C 390 -6.76 14.45 -15.20
C LEU C 390 -5.81 14.50 -14.00
N ASP C 391 -5.82 15.64 -13.32
CA ASP C 391 -5.02 15.83 -12.13
C ASP C 391 -5.33 14.77 -11.08
N LYS C 392 -6.62 14.51 -10.86
CA LYS C 392 -7.06 13.57 -9.82
C LYS C 392 -6.67 12.12 -10.13
N MET C 393 -7.01 11.65 -11.32
CA MET C 393 -6.71 10.27 -11.71
C MET C 393 -5.21 9.95 -11.68
N VAL C 394 -4.38 10.97 -11.89
CA VAL C 394 -2.92 10.82 -11.75
C VAL C 394 -2.57 10.93 -10.27
N GLY C 395 -2.90 12.07 -9.67
CA GLY C 395 -2.64 12.32 -8.26
C GLY C 395 -3.17 11.26 -7.31
N ASP C 396 -4.26 10.59 -7.70
CA ASP C 396 -4.83 9.55 -6.86
C ASP C 396 -4.03 8.27 -6.96
N TYR C 397 -3.80 7.82 -8.20
CA TYR C 397 -3.15 6.53 -8.43
C TYR C 397 -1.68 6.53 -8.02
N HIS C 398 -0.98 7.62 -8.34
CA HIS C 398 0.46 7.68 -8.11
C HIS C 398 0.85 8.23 -6.72
N PHE C 399 -0.04 8.99 -6.09
CA PHE C 399 0.34 9.70 -4.87
C PHE C 399 -0.61 9.55 -3.69
N THR C 400 -1.75 10.22 -3.76
CA THR C 400 -2.70 10.32 -2.63
C THR C 400 -3.11 8.96 -2.07
N CYS C 401 -3.36 7.98 -2.94
CA CYS C 401 -3.85 6.67 -2.49
C CYS C 401 -2.81 5.77 -1.88
N ASN C 402 -1.56 5.99 -2.26
CA ASN C 402 -0.44 5.23 -1.72
C ASN C 402 -0.05 5.71 -0.33
N VAL C 403 -0.16 7.02 -0.11
CA VAL C 403 0.06 7.62 1.21
C VAL C 403 -1.01 7.13 2.17
N ASN C 404 -2.25 7.09 1.70
CA ASN C 404 -3.40 6.61 2.47
C ASN C 404 -3.22 5.17 2.94
N GLU C 405 -2.71 4.32 2.05
CA GLU C 405 -2.47 2.92 2.36
C GLU C 405 -1.42 2.76 3.44
N PHE C 406 -0.33 3.52 3.32
CA PHE C 406 0.78 3.45 4.26
C PHE C 406 0.35 3.92 5.65
N ALA C 407 -0.43 4.99 5.70
CA ALA C 407 -0.96 5.53 6.95
C ALA C 407 -1.99 4.59 7.58
N GLN C 408 -2.70 3.85 6.73
CA GLN C 408 -3.69 2.88 7.19
C GLN C 408 -3.03 1.69 7.89
N ARG C 409 -2.01 1.12 7.24
CA ARG C 409 -1.30 -0.06 7.76
C ARG C 409 -0.61 0.23 9.09
N TYR C 410 -0.04 1.43 9.21
CA TYR C 410 0.59 1.85 10.46
C TYR C 410 -0.45 2.02 11.57
N ALA C 411 -1.60 2.59 11.24
CA ALA C 411 -2.67 2.81 12.20
C ALA C 411 -3.29 1.50 12.70
N GLU C 412 -3.45 0.54 11.80
CA GLU C 412 -4.09 -0.73 12.14
C GLU C 412 -3.12 -1.74 12.73
N GLU C 413 -1.85 -1.35 12.82
CA GLU C 413 -0.88 -2.12 13.59
C GLU C 413 -0.79 -1.55 15.00
N GLY C 414 -1.55 -0.49 15.24
CA GLY C 414 -1.66 0.14 16.56
C GLY C 414 -0.69 1.29 16.82
N ASN C 415 -0.22 1.92 15.74
CA ASN C 415 0.73 3.02 15.84
C ASN C 415 0.04 4.37 15.62
N ASN C 416 0.52 5.41 16.31
CA ASN C 416 -0.04 6.74 16.18
C ASN C 416 0.25 7.39 14.82
N VAL C 417 -0.81 7.71 14.09
CA VAL C 417 -0.69 8.27 12.74
C VAL C 417 -1.39 9.63 12.70
N TYR C 418 -0.81 10.57 11.95
CA TYR C 418 -1.45 11.86 11.73
C TYR C 418 -1.44 12.21 10.24
N MET C 419 -2.64 12.25 9.65
CA MET C 419 -2.81 12.48 8.23
C MET C 419 -3.26 13.91 7.97
N TYR C 420 -2.68 14.53 6.93
CA TYR C 420 -3.07 15.88 6.52
C TYR C 420 -3.46 15.96 5.04
N LEU C 421 -4.24 16.99 4.71
CA LEU C 421 -4.49 17.34 3.32
C LEU C 421 -4.20 18.83 3.12
N TYR C 422 -3.10 19.11 2.43
CA TYR C 422 -2.64 20.48 2.22
C TYR C 422 -3.42 21.11 1.06
N THR C 423 -4.15 22.18 1.35
CA THR C 423 -5.08 22.78 0.40
C THR C 423 -4.79 24.24 0.06
N HIS C 424 -3.62 24.74 0.49
CA HIS C 424 -3.33 26.18 0.38
C HIS C 424 -2.46 26.58 -0.81
N ARG C 425 -2.99 27.51 -1.60
CA ARG C 425 -2.26 28.15 -2.69
C ARG C 425 -1.62 29.44 -2.21
N SER C 426 -0.31 29.61 -2.46
CA SER C 426 0.36 30.88 -2.19
C SER C 426 -0.24 31.97 -3.08
N LYS C 427 -0.38 33.18 -2.53
CA LYS C 427 -0.94 34.30 -3.27
C LYS C 427 -0.01 34.70 -4.43
N GLY C 428 1.28 34.49 -4.23
CA GLY C 428 2.27 34.82 -5.24
C GLY C 428 2.73 33.65 -6.10
N ASN C 429 1.94 32.57 -6.13
CA ASN C 429 2.27 31.39 -6.91
C ASN C 429 2.49 31.72 -8.38
N PRO C 430 3.72 31.47 -8.89
CA PRO C 430 4.12 31.83 -10.26
C PRO C 430 3.42 31.02 -11.34
N TRP C 431 2.97 29.82 -10.99
CA TRP C 431 2.27 28.95 -11.92
C TRP C 431 0.86 29.46 -12.23
N PRO C 432 0.32 29.11 -13.41
CA PRO C 432 -1.09 29.37 -13.74
C PRO C 432 -2.04 28.99 -12.62
N ARG C 433 -3.16 29.70 -12.51
CA ARG C 433 -4.10 29.54 -11.40
C ARG C 433 -4.81 28.19 -11.39
N TRP C 434 -5.04 27.61 -12.57
CA TRP C 434 -5.75 26.35 -12.69
C TRP C 434 -5.00 25.17 -12.07
N THR C 435 -3.69 25.32 -11.89
CA THR C 435 -2.85 24.28 -11.28
C THR C 435 -3.24 24.02 -9.84
N GLY C 436 -3.64 25.09 -9.14
CA GLY C 436 -3.99 25.00 -7.74
C GLY C 436 -2.79 24.57 -6.93
N VAL C 437 -3.05 23.82 -5.86
CA VAL C 437 -2.00 23.39 -4.94
C VAL C 437 -1.33 22.13 -5.46
N MET C 438 -0.16 22.31 -6.08
CA MET C 438 0.54 21.21 -6.75
C MET C 438 1.43 20.38 -5.84
N HIS C 439 2.16 19.45 -6.46
CA HIS C 439 3.15 18.63 -5.79
C HIS C 439 4.30 19.50 -5.27
N GLY C 440 4.55 19.43 -3.96
CA GLY C 440 5.66 20.16 -3.35
C GLY C 440 5.40 21.62 -3.02
N ASP C 441 4.14 21.98 -2.83
CA ASP C 441 3.77 23.36 -2.50
C ASP C 441 3.88 23.64 -1.00
N GLU C 442 3.92 22.57 -0.20
CA GLU C 442 3.99 22.67 1.26
C GLU C 442 5.41 22.87 1.75
N ILE C 443 6.38 22.63 0.86
CA ILE C 443 7.81 22.69 1.20
C ILE C 443 8.24 24.09 1.61
N ASN C 444 7.75 25.08 0.88
CA ASN C 444 8.02 26.49 1.19
C ASN C 444 7.56 26.86 2.60
N TYR C 445 6.45 26.27 3.02
CA TYR C 445 5.83 26.59 4.31
C TYR C 445 6.40 25.80 5.49
N VAL C 446 6.89 24.59 5.25
CA VAL C 446 7.54 23.79 6.32
C VAL C 446 8.95 24.28 6.63
N PHE C 447 9.58 24.93 5.65
CA PHE C 447 10.92 25.47 5.83
C PHE C 447 10.91 26.96 6.15
N GLY C 448 9.71 27.50 6.40
CA GLY C 448 9.52 28.87 6.85
C GLY C 448 9.94 29.94 5.87
N GLU C 449 9.64 29.73 4.59
CA GLU C 449 9.96 30.71 3.56
C GLU C 449 9.12 31.98 3.66
N PRO C 450 7.83 31.87 4.08
CA PRO C 450 7.04 33.09 4.25
C PRO C 450 7.65 34.14 5.20
N LEU C 451 8.47 33.69 6.13
CA LEU C 451 9.09 34.58 7.12
C LEU C 451 10.21 35.45 6.54
N ASN C 452 10.57 35.20 5.28
CA ASN C 452 11.49 36.07 4.55
C ASN C 452 10.76 37.35 4.11
N PRO C 453 11.21 38.51 4.61
CA PRO C 453 10.57 39.79 4.30
C PRO C 453 10.80 40.27 2.86
N THR C 454 11.85 39.75 2.22
CA THR C 454 12.18 40.12 0.85
C THR C 454 11.25 39.48 -0.18
N LEU C 455 10.39 38.58 0.28
CA LEU C 455 9.38 37.93 -0.56
C LEU C 455 7.98 38.39 -0.17
N GLY C 456 7.07 38.41 -1.15
CA GLY C 456 5.78 39.07 -0.99
C GLY C 456 4.64 38.30 -0.35
N TYR C 457 4.95 37.34 0.53
CA TYR C 457 3.92 36.56 1.23
C TYR C 457 3.15 37.42 2.24
N THR C 458 1.85 37.16 2.35
CA THR C 458 0.97 37.90 3.27
C THR C 458 1.22 37.48 4.71
N GLU C 459 0.75 38.30 5.66
CA GLU C 459 0.90 38.02 7.08
C GLU C 459 0.06 36.83 7.53
N ASP C 460 -1.06 36.61 6.85
CA ASP C 460 -1.90 35.43 7.07
C ASP C 460 -1.13 34.15 6.71
N GLU C 461 -0.42 34.20 5.58
CA GLU C 461 0.40 33.10 5.11
C GLU C 461 1.59 32.84 6.02
N LYS C 462 2.12 33.92 6.62
CA LYS C 462 3.23 33.82 7.58
C LYS C 462 2.81 33.10 8.87
N ASP C 463 1.61 33.42 9.36
CA ASP C 463 1.03 32.75 10.52
C ASP C 463 0.79 31.26 10.24
N PHE C 464 0.30 30.98 9.04
CA PHE C 464 0.05 29.61 8.57
C PHE C 464 1.34 28.83 8.45
N SER C 465 2.41 29.51 8.06
CA SER C 465 3.74 28.91 8.00
C SER C 465 4.23 28.55 9.40
N ARG C 466 4.08 29.50 10.33
CA ARG C 466 4.41 29.29 11.74
C ARG C 466 3.59 28.16 12.35
N LYS C 467 2.33 28.06 11.93
CA LYS C 467 1.39 27.05 12.40
C LYS C 467 1.85 25.64 12.07
N ILE C 468 2.08 25.36 10.79
CA ILE C 468 2.48 24.03 10.34
C ILE C 468 3.90 23.66 10.78
N MET C 469 4.78 24.67 10.83
CA MET C 469 6.13 24.48 11.36
C MET C 469 6.08 24.01 12.81
N ARG C 470 5.11 24.54 13.56
CA ARG C 470 4.87 24.09 14.93
C ARG C 470 4.44 22.63 14.93
N TYR C 471 3.36 22.33 14.18
CA TYR C 471 2.86 20.95 14.05
C TYR C 471 3.99 19.96 13.74
N TRP C 472 4.83 20.33 12.78
CA TRP C 472 5.96 19.53 12.33
C TRP C 472 7.01 19.35 13.41
N SER C 473 7.38 20.45 14.07
CA SER C 473 8.44 20.47 15.07
C SER C 473 8.10 19.68 16.33
N ASN C 474 6.96 20.01 16.96
CA ASN C 474 6.56 19.33 18.19
C ASN C 474 6.09 17.88 17.98
N PHE C 475 5.84 17.50 16.73
CA PHE C 475 5.66 16.09 16.41
C PHE C 475 7.00 15.38 16.53
N ALA C 476 8.06 16.02 16.02
CA ALA C 476 9.42 15.51 16.12
C ALA C 476 9.89 15.47 17.58
N LYS C 477 9.32 16.34 18.40
CA LYS C 477 9.60 16.37 19.84
C LYS C 477 8.76 15.34 20.60
N THR C 478 7.46 15.58 20.68
CA THR C 478 6.55 14.80 21.52
C THR C 478 6.10 13.49 20.87
N GLY C 479 6.02 13.47 19.54
CA GLY C 479 5.38 12.37 18.83
C GLY C 479 3.93 12.69 18.51
N ASN C 480 3.56 13.93 18.80
CA ASN C 480 2.21 14.44 18.56
C ASN C 480 2.28 15.88 18.07
N PRO C 481 1.47 16.21 17.04
CA PRO C 481 1.53 17.55 16.44
C PRO C 481 0.81 18.63 17.25
N ASN C 482 -0.23 18.25 18.00
CA ASN C 482 -1.01 19.21 18.77
C ASN C 482 -0.25 19.74 19.98
N PRO C 483 -0.17 21.09 20.10
CA PRO C 483 0.47 21.70 21.28
C PRO C 483 -0.29 21.32 22.54
N ASN C 484 0.41 21.27 23.68
CA ASN C 484 -0.17 20.78 24.95
C ASN C 484 -1.36 21.60 25.48
N THR C 485 -1.62 22.75 24.85
CA THR C 485 -2.75 23.61 25.20
C THR C 485 -4.02 23.20 24.44
N ALA C 486 -3.98 22.05 23.77
CA ALA C 486 -5.12 21.52 23.00
C ALA C 486 -6.15 20.79 23.87
N SER C 487 -5.82 20.63 25.16
CA SER C 487 -6.70 20.01 26.18
C SER C 487 -6.99 18.51 26.00
N SER C 488 -6.41 17.89 24.97
CA SER C 488 -6.46 16.44 24.71
C SER C 488 -7.85 15.78 24.51
N GLU C 489 -8.92 16.53 24.75
CA GLU C 489 -10.26 16.12 24.31
C GLU C 489 -10.60 16.92 23.06
N PHE C 490 -10.96 16.22 22.00
CA PHE C 490 -11.17 16.82 20.67
C PHE C 490 -10.02 17.75 20.28
N PRO C 491 -8.82 17.18 20.04
CA PRO C 491 -7.67 18.03 19.72
C PRO C 491 -7.76 18.57 18.30
N GLU C 492 -7.07 19.68 18.03
CA GLU C 492 -7.05 20.28 16.70
C GLU C 492 -6.88 19.24 15.60
N TRP C 493 -5.81 18.45 15.72
CA TRP C 493 -5.48 17.40 14.76
C TRP C 493 -5.74 16.04 15.39
N PRO C 494 -6.86 15.40 15.04
CA PRO C 494 -7.17 14.07 15.58
C PRO C 494 -6.25 13.00 14.99
N LYS C 495 -6.09 11.90 15.73
CA LYS C 495 -5.27 10.79 15.27
C LYS C 495 -5.94 10.08 14.09
N HIS C 496 -5.16 9.76 13.08
CA HIS C 496 -5.63 8.98 11.94
C HIS C 496 -5.75 7.52 12.39
N THR C 497 -6.98 7.09 12.64
CA THR C 497 -7.26 5.76 13.16
C THR C 497 -7.65 4.77 12.05
N ALA C 498 -7.42 3.48 12.30
CA ALA C 498 -7.68 2.42 11.32
C ALA C 498 -9.08 2.48 10.71
N HIS C 499 -10.10 2.57 11.57
CA HIS C 499 -11.50 2.55 11.14
C HIS C 499 -12.06 3.94 10.85
N GLY C 500 -11.60 4.94 11.61
CA GLY C 500 -12.06 6.32 11.44
C GLY C 500 -11.41 7.03 10.27
N ARG C 501 -10.09 6.88 10.17
CA ARG C 501 -9.28 7.42 9.06
C ARG C 501 -9.34 8.95 8.92
N HIS C 502 -9.37 9.63 10.06
CA HIS C 502 -9.53 11.07 10.11
C HIS C 502 -8.27 11.84 9.71
N TYR C 503 -8.46 12.91 8.95
CA TYR C 503 -7.36 13.78 8.54
C TYR C 503 -7.65 15.24 8.88
N LEU C 504 -6.61 16.04 9.03
CA LEU C 504 -6.77 17.47 9.22
C LEU C 504 -6.47 18.20 7.93
N GLU C 505 -7.39 19.07 7.51
CA GLU C 505 -7.14 19.95 6.38
C GLU C 505 -6.26 21.12 6.80
N LEU C 506 -5.14 21.29 6.09
CA LEU C 506 -4.25 22.41 6.33
C LEU C 506 -4.43 23.46 5.24
N GLY C 507 -5.17 24.51 5.58
CA GLY C 507 -5.45 25.61 4.65
C GLY C 507 -5.37 26.96 5.35
N LEU C 508 -5.35 28.03 4.57
CA LEU C 508 -5.15 29.38 5.10
C LEU C 508 -6.22 29.76 6.12
N ASN C 509 -7.41 29.20 5.98
CA ASN C 509 -8.56 29.63 6.77
C ASN C 509 -9.13 28.60 7.74
N THR C 510 -9.22 27.34 7.32
CA THR C 510 -10.04 26.36 8.04
C THR C 510 -9.32 25.48 9.06
N SER C 511 -10.10 24.86 9.93
CA SER C 511 -9.63 23.83 10.85
C SER C 511 -10.30 22.48 10.51
N PHE C 512 -10.95 22.43 9.35
CA PHE C 512 -11.78 21.29 8.93
C PHE C 512 -11.12 19.91 9.09
N VAL C 513 -11.89 18.97 9.61
CA VAL C 513 -11.45 17.58 9.75
C VAL C 513 -12.35 16.68 8.90
N GLY C 514 -11.74 15.94 7.99
CA GLY C 514 -12.48 14.98 7.18
C GLY C 514 -12.05 13.55 7.44
N ARG C 515 -12.52 12.64 6.60
CA ARG C 515 -12.13 11.25 6.66
C ARG C 515 -11.65 10.83 5.28
N GLY C 516 -10.36 10.50 5.18
CA GLY C 516 -9.75 10.11 3.91
C GLY C 516 -8.28 10.47 3.87
N PRO C 517 -7.89 11.38 2.97
CA PRO C 517 -8.78 12.01 1.98
C PRO C 517 -9.03 11.10 0.77
N ARG C 518 -10.20 11.29 0.14
CA ARG C 518 -10.56 10.59 -1.10
C ARG C 518 -10.70 9.08 -0.95
N LEU C 519 -11.53 8.67 0.01
CA LEU C 519 -11.75 7.25 0.31
C LEU C 519 -12.28 6.44 -0.87
N ARG C 520 -13.24 7.03 -1.60
CA ARG C 520 -13.88 6.40 -2.75
C ARG C 520 -12.89 6.05 -3.86
N GLN C 521 -12.02 7.00 -4.18
CA GLN C 521 -11.08 6.86 -5.29
C GLN C 521 -9.97 5.88 -4.95
N CYS C 522 -9.53 5.88 -3.70
CA CYS C 522 -8.52 4.93 -3.25
C CYS C 522 -9.04 3.50 -3.24
N ALA C 523 -10.33 3.36 -2.96
CA ALA C 523 -11.01 2.09 -3.07
C ALA C 523 -11.10 1.65 -4.52
N PHE C 524 -11.19 2.62 -5.43
CA PHE C 524 -11.26 2.33 -6.87
C PHE C 524 -9.96 1.74 -7.39
N TRP C 525 -8.84 2.40 -7.10
CA TRP C 525 -7.53 1.98 -7.60
C TRP C 525 -6.98 0.73 -6.94
N LYS C 526 -7.21 0.59 -5.64
CA LYS C 526 -6.65 -0.51 -4.86
C LYS C 526 -7.56 -1.74 -4.78
N LYS C 527 -8.86 -1.52 -4.70
CA LYS C 527 -9.82 -2.61 -4.55
C LYS C 527 -10.54 -3.01 -5.86
N TYR C 528 -11.36 -2.10 -6.39
CA TYR C 528 -12.27 -2.40 -7.48
C TYR C 528 -11.60 -2.66 -8.83
N LEU C 529 -10.80 -1.71 -9.31
CA LEU C 529 -10.16 -1.81 -10.63
C LEU C 529 -9.28 -3.06 -10.80
N PRO C 530 -8.46 -3.41 -9.77
CA PRO C 530 -7.64 -4.62 -9.89
C PRO C 530 -8.45 -5.89 -10.11
N GLN C 531 -9.60 -6.01 -9.46
CA GLN C 531 -10.45 -7.19 -9.63
C GLN C 531 -11.22 -7.15 -10.94
N LEU C 532 -11.39 -5.95 -11.50
CA LEU C 532 -11.99 -5.80 -12.82
C LEU C 532 -11.06 -6.32 -13.91
N VAL C 533 -9.84 -5.76 -13.98
CA VAL C 533 -8.85 -6.18 -14.99
C VAL C 533 -8.51 -7.67 -14.92
N ALA C 534 -8.70 -8.27 -13.74
CA ALA C 534 -8.57 -9.70 -13.56
C ALA C 534 -9.68 -10.45 -14.29
N ALA C 535 -10.91 -9.95 -14.15
CA ALA C 535 -12.07 -10.56 -14.78
C ALA C 535 -12.12 -10.37 -16.30
N THR C 536 -11.34 -9.40 -16.81
CA THR C 536 -11.35 -9.08 -18.24
C THR C 536 -10.21 -9.74 -19.02
N SER C 537 -9.38 -10.53 -18.33
CA SER C 537 -8.22 -11.17 -18.97
C SER C 537 -7.87 -12.49 -18.29
C1 NAG D . -82.19 8.18 -8.31
C2 NAG D . -82.37 8.05 -6.81
C3 NAG D . -83.85 8.20 -6.41
C4 NAG D . -84.72 9.06 -7.33
C5 NAG D . -84.16 9.25 -8.76
C6 NAG D . -84.82 10.43 -9.45
C7 NAG D . -81.34 6.53 -5.15
C8 NAG D . -80.83 5.14 -4.91
N2 NAG D . -81.84 6.76 -6.36
O3 NAG D . -83.88 8.76 -5.10
O4 NAG D . -86.00 8.49 -7.49
O5 NAG D . -82.76 9.39 -8.76
O6 NAG D . -84.87 10.18 -10.85
O7 NAG D . -81.25 7.38 -4.27
C1 NAG D . -86.93 8.79 -6.41
C2 NAG D . -87.79 10.02 -6.77
C3 NAG D . -89.26 9.98 -6.35
C4 NAG D . -89.84 8.64 -5.87
C5 NAG D . -88.75 7.77 -5.23
C6 NAG D . -89.17 6.37 -4.79
C7 NAG D . -87.10 12.38 -6.84
C8 NAG D . -86.44 13.51 -6.09
N2 NAG D . -87.17 11.21 -6.21
O3 NAG D . -90.03 10.45 -7.44
O4 NAG D . -90.90 8.86 -4.95
O5 NAG D . -87.70 7.63 -6.16
O6 NAG D . -90.55 6.11 -4.99
O7 NAG D . -87.53 12.58 -7.98
C1 BMA D . -92.24 8.78 -5.52
C2 BMA D . -93.26 9.36 -4.53
C3 BMA D . -94.48 10.02 -5.20
C4 BMA D . -94.82 9.43 -6.57
C5 BMA D . -93.60 9.24 -7.49
C6 BMA D . -93.61 10.26 -8.64
O2 BMA D . -92.62 10.30 -3.68
O3 BMA D . -94.27 11.41 -5.32
O4 BMA D . -95.51 8.21 -6.42
O5 BMA D . -92.36 9.36 -6.80
O6 BMA D . -93.04 11.48 -8.22
C1 NAG E . -35.71 24.25 8.35
C2 NAG E . -35.17 25.59 7.83
C3 NAG E . -34.66 26.55 8.90
C4 NAG E . -35.32 26.39 10.28
C5 NAG E . -35.40 24.94 10.75
C6 NAG E . -36.50 24.74 11.81
C7 NAG E . -33.98 25.97 5.67
C8 NAG E . -35.00 27.00 5.24
N2 NAG E . -34.10 25.36 6.86
O3 NAG E . -34.85 27.87 8.46
O4 NAG E . -34.70 27.24 11.25
O5 NAG E . -35.58 23.95 9.73
O6 NAG E . -37.77 24.77 11.20
O7 NAG E . -33.05 25.71 4.92
C1 NAG E . -33.26 27.06 11.44
C2 NAG E . -32.50 28.38 11.15
C3 NAG E . -31.48 28.87 12.20
C4 NAG E . -31.37 28.09 13.53
C5 NAG E . -32.61 27.24 13.83
C6 NAG E . -33.81 28.03 14.37
C7 NAG E . -31.80 29.39 9.01
C8 NAG E . -31.12 29.16 7.70
N2 NAG E . -31.87 28.34 9.83
O3 NAG E . -31.74 30.22 12.49
O4 NAG E . -30.20 27.25 13.49
O5 NAG E . -32.96 26.44 12.69
O6 NAG E . -33.62 28.36 15.73
O7 NAG E . -32.24 30.51 9.28
C1 BMA E . -29.12 27.44 14.46
C2 BMA E . -28.12 28.57 14.12
C3 BMA E . -27.21 29.08 15.26
C4 BMA E . -27.38 28.39 16.63
C5 BMA E . -28.28 27.15 16.60
C6 BMA E . -28.62 26.59 18.00
O2 BMA E . -28.79 29.66 13.54
O3 BMA E . -27.38 30.48 15.45
O4 BMA E . -26.11 28.06 17.13
O5 BMA E . -29.45 27.44 15.85
O6 BMA E . -27.46 26.47 18.82
C1 MAN E . -26.45 31.34 14.74
C2 MAN E . -27.23 32.62 14.40
C3 MAN E . -27.04 33.19 12.99
C4 MAN E . -26.84 32.09 11.95
C5 MAN E . -25.75 31.07 12.32
C6 MAN E . -24.34 31.48 11.88
O2 MAN E . -26.93 33.62 15.36
O3 MAN E . -25.96 34.09 12.96
O4 MAN E . -28.06 31.42 11.70
O5 MAN E . -25.70 30.70 13.70
O6 MAN E . -24.27 31.90 10.53
C1 MAN E . -23.67 33.21 10.53
C2 MAN E . -24.39 34.19 9.62
C3 MAN E . -23.99 35.60 10.07
C4 MAN E . -22.47 35.78 10.09
C5 MAN E . -21.62 34.53 10.44
C6 MAN E . -20.99 34.60 11.83
O2 MAN E . -25.79 34.03 9.67
O3 MAN E . -24.52 35.86 11.36
O4 MAN E . -22.06 36.28 8.84
O5 MAN E . -22.28 33.27 10.24
O6 MAN E . -21.97 34.64 12.84
C1 MAN E . -26.98 25.11 19.06
C2 MAN E . -25.75 24.81 18.17
C3 MAN E . -25.39 23.32 18.06
C4 MAN E . -26.60 22.41 17.85
C5 MAN E . -27.95 23.11 18.03
C6 MAN E . -29.04 22.08 18.31
O2 MAN E . -24.65 25.53 18.67
O3 MAN E . -24.68 22.91 19.22
O4 MAN E . -26.53 21.84 16.57
O5 MAN E . -27.96 24.07 19.08
O6 MAN E . -30.23 22.44 17.64
C1 NAG F . -12.66 31.96 7.12
C2 NAG F . -13.96 31.52 7.78
C3 NAG F . -15.05 32.60 7.76
C4 NAG F . -15.03 33.40 6.46
C5 NAG F . -13.62 33.81 6.02
C6 NAG F . -13.53 35.33 5.86
C7 NAG F . -15.35 29.54 7.74
C8 NAG F . -15.39 28.10 7.26
N2 NAG F . -14.46 30.31 7.15
O3 NAG F . -14.88 33.47 8.88
O4 NAG F . -15.64 32.64 5.42
O5 NAG F . -12.61 33.37 6.92
O6 NAG F . -13.44 35.67 4.48
O7 NAG F . -16.10 29.94 8.60
C1 NAG F . -16.90 32.11 5.90
C2 NAG F . -17.50 33.09 6.91
C3 NAG F . -18.87 33.68 6.48
C4 NAG F . -19.81 32.84 5.59
C5 NAG F . -19.16 31.52 5.20
C6 NAG F . -19.92 30.91 4.05
C7 NAG F . -18.66 31.89 8.72
C8 NAG F . -19.33 30.80 7.96
N2 NAG F . -17.56 32.41 8.19
O3 NAG F . -18.61 34.92 5.80
O4 NAG F . -21.07 32.60 6.25
O5 NAG F . -17.80 31.79 4.85
O6 NAG F . -20.02 29.50 4.25
O7 NAG F . -19.09 32.28 9.79
C1 BMA F . -22.18 32.34 5.38
C2 BMA F . -23.37 33.09 5.95
C3 BMA F . -24.60 32.79 5.14
C4 BMA F . -24.32 33.28 3.73
C5 BMA F . -23.15 32.45 3.18
C6 BMA F . -22.86 32.81 1.73
O2 BMA F . -23.09 34.47 5.83
O3 BMA F . -25.71 33.52 5.68
O4 BMA F . -25.46 33.15 2.87
O5 BMA F . -22.00 32.71 4.00
O6 BMA F . -24.09 32.96 1.00
C1 NAG G . 16.70 -16.17 36.94
C2 NAG G . 17.24 -16.61 38.29
C3 NAG G . 16.43 -17.78 38.86
C4 NAG G . 14.93 -17.47 38.80
C5 NAG G . 14.53 -16.99 37.42
C6 NAG G . 13.06 -16.62 37.37
C7 NAG G . 19.61 -16.12 38.35
C8 NAG G . 19.35 -14.73 37.85
N2 NAG G . 18.63 -17.00 38.18
O3 NAG G . 16.81 -18.01 40.21
O4 NAG G . 14.20 -18.66 39.11
O5 NAG G . 15.32 -15.85 37.07
O6 NAG G . 12.63 -16.48 36.01
O7 NAG G . 20.66 -16.42 38.89
C1 NAG H . 66.52 -23.13 27.46
C2 NAG H . 67.54 -22.64 28.51
C3 NAG H . 67.22 -23.24 29.89
C4 NAG H . 67.11 -24.77 29.84
C5 NAG H . 66.33 -25.31 28.63
C6 NAG H . 64.84 -25.51 28.97
C7 NAG H . 69.67 -23.38 27.21
C8 NAG H . 69.05 -23.61 25.85
N2 NAG H . 68.95 -22.96 28.27
O3 NAG H . 66.03 -22.69 30.43
O4 NAG H . 68.40 -25.35 29.85
O5 NAG H . 66.49 -24.56 27.42
O6 NAG H . 64.68 -26.70 29.72
O7 NAG H . 70.88 -23.59 27.32
C1 GOL I . 34.15 -33.18 9.64
O1 GOL I . 33.39 -33.24 8.43
C2 GOL I . 35.62 -32.89 9.36
O2 GOL I . 35.80 -32.49 8.00
C3 GOL I . 36.09 -31.78 10.30
O3 GOL I . 37.52 -31.82 10.48
C1 GOL J . 37.93 -27.02 13.40
O1 GOL J . 38.61 -26.61 12.19
C2 GOL J . 38.91 -27.33 14.53
O2 GOL J . 39.78 -28.41 14.17
C3 GOL J . 39.75 -26.10 14.92
O3 GOL J . 39.15 -25.42 16.03
NA NA K . 39.07 -24.56 10.45
C1 GOL L . -47.82 -10.04 -5.28
O1 GOL L . -47.84 -11.19 -6.18
C2 GOL L . -47.33 -8.74 -5.97
O2 GOL L . -48.39 -8.16 -6.79
C3 GOL L . -46.78 -7.76 -4.89
O3 GOL L . -46.23 -6.63 -5.58
NA NA M . -45.98 0.24 -9.72
NA NA N . -46.03 -4.54 -4.64
C1 NAG O . 38.24 28.71 6.20
C2 NAG O . 38.29 30.11 6.86
C3 NAG O . 39.48 30.95 6.43
C4 NAG O . 39.83 30.74 4.95
C5 NAG O . 39.81 29.27 4.51
C6 NAG O . 41.16 28.86 3.93
C7 NAG O . 36.53 30.85 5.36
C8 NAG O . 36.37 32.21 4.76
N2 NAG O . 37.06 30.81 6.59
O3 NAG O . 40.62 30.62 7.23
O4 NAG O . 38.89 31.47 4.14
O5 NAG O . 39.49 28.38 5.59
O6 NAG O . 41.12 27.48 3.57
O7 NAG O . 36.19 29.83 4.78
C1 GOL P . 11.36 14.81 -15.57
O1 GOL P . 11.24 14.18 -16.84
C2 GOL P . 10.19 15.78 -15.34
O2 GOL P . 9.00 15.06 -15.07
C3 GOL P . 10.49 16.72 -14.16
O3 GOL P . 9.26 17.29 -13.71
NA NA Q . 8.85 13.76 -7.68
#